data_2MP2
#
_entry.id   2MP2
#
_cell.length_a   1.000
_cell.length_b   1.000
_cell.length_c   1.000
_cell.angle_alpha   90.00
_cell.angle_beta   90.00
_cell.angle_gamma   90.00
#
_symmetry.space_group_name_H-M   'P 1'
#
loop_
_entity.id
_entity.type
_entity.pdbx_description
1 polymer 'Small ubiquitin-related modifier 3'
2 polymer 'Small ubiquitin-related modifier 3'
3 polymer 'E3 ubiquitin-protein ligase RNF4'
#
loop_
_entity_poly.entity_id
_entity_poly.type
_entity_poly.pdbx_seq_one_letter_code
_entity_poly.pdbx_strand_id
1 'polypeptide(L)'
;GTENDHINLKVAGQDGSVVQFKIKRHTPLSKLMKAYCERQGLSMRQIRFRFDGQPINETDTPAQLEMEDEDTIDVFQQQT
GG
;
A
2 'polypeptide(L)'
;GSEEKPKEGVKTENDHINLKVAGQDGSVVQFKIKRHTPLSKLMKAYCERQGLSMRQIRFRFDGQPINETDTPAQLEMEDE
DTIDVFQQQT
;
B
3 'polypeptide(L)' TVGDEIVDLTCESLEPVVVDLTHND C
#
# COMPACT_ATOMS: atom_id res chain seq x y z
N GLY A 1 2.22 -21.80 24.71
CA GLY A 1 1.58 -20.47 24.90
C GLY A 1 0.69 -20.09 23.73
N THR A 2 1.28 -19.48 22.71
CA THR A 2 0.53 -19.06 21.53
C THR A 2 1.33 -19.32 20.26
N GLU A 3 0.81 -20.17 19.39
CA GLU A 3 1.48 -20.50 18.13
C GLU A 3 0.70 -19.92 16.95
N ASN A 4 -0.54 -20.38 16.77
CA ASN A 4 -1.37 -19.90 15.68
C ASN A 4 -2.81 -19.67 16.16
N ASP A 5 -2.99 -19.54 17.47
CA ASP A 5 -4.31 -19.28 18.03
C ASP A 5 -4.50 -17.78 18.12
N HIS A 6 -5.35 -17.28 19.01
CA HIS A 6 -5.53 -15.85 19.12
C HIS A 6 -4.54 -15.25 20.10
N ILE A 7 -4.46 -13.94 20.05
CA ILE A 7 -3.62 -13.17 20.94
C ILE A 7 -4.16 -11.77 21.02
N ASN A 8 -4.14 -11.20 22.21
CA ASN A 8 -4.67 -9.87 22.40
C ASN A 8 -3.61 -8.80 22.14
N LEU A 9 -3.93 -7.82 21.29
CA LEU A 9 -3.00 -6.74 21.00
C LEU A 9 -3.56 -5.44 21.49
N LYS A 10 -2.68 -4.59 21.97
CA LYS A 10 -3.09 -3.31 22.46
C LYS A 10 -2.78 -2.25 21.43
N VAL A 11 -3.79 -1.67 20.80
CA VAL A 11 -3.54 -0.65 19.81
C VAL A 11 -3.71 0.73 20.43
N ALA A 12 -2.66 1.55 20.34
CA ALA A 12 -2.67 2.91 20.89
C ALA A 12 -2.95 3.95 19.81
N GLY A 13 -3.88 4.86 20.07
CA GLY A 13 -4.24 5.86 19.08
C GLY A 13 -3.54 7.19 19.23
N GLN A 14 -2.24 7.18 19.48
CA GLN A 14 -1.45 8.39 19.59
C GLN A 14 -1.92 9.32 20.73
N ASP A 15 -3.22 9.39 20.96
CA ASP A 15 -3.77 10.26 22.00
C ASP A 15 -3.66 9.62 23.38
N GLY A 16 -3.02 8.45 23.45
CA GLY A 16 -2.88 7.77 24.71
C GLY A 16 -3.98 6.74 24.93
N SER A 17 -4.85 6.60 23.92
CA SER A 17 -5.94 5.65 23.98
C SER A 17 -5.61 4.41 23.16
N VAL A 18 -5.31 3.33 23.86
CA VAL A 18 -4.99 2.06 23.22
C VAL A 18 -6.19 1.11 23.34
N VAL A 19 -6.18 0.01 22.59
CA VAL A 19 -7.30 -0.92 22.62
C VAL A 19 -6.80 -2.36 22.54
N GLN A 20 -7.53 -3.28 23.17
CA GLN A 20 -7.13 -4.67 23.15
C GLN A 20 -7.84 -5.43 22.04
N PHE A 21 -7.11 -6.34 21.42
CA PHE A 21 -7.66 -7.11 20.30
C PHE A 21 -7.04 -8.49 20.17
N LYS A 22 -7.84 -9.53 20.26
CA LYS A 22 -7.30 -10.86 20.06
C LYS A 22 -7.29 -11.16 18.58
N ILE A 23 -6.11 -11.39 18.06
CA ILE A 23 -5.95 -11.70 16.66
C ILE A 23 -5.03 -12.88 16.53
N LYS A 24 -5.46 -13.85 15.75
CA LYS A 24 -4.66 -15.03 15.53
C LYS A 24 -3.32 -14.61 14.93
N ARG A 25 -2.24 -15.17 15.43
CA ARG A 25 -0.90 -14.80 15.00
C ARG A 25 -0.75 -14.71 13.49
N HIS A 26 -0.86 -15.85 12.80
CA HIS A 26 -0.69 -15.85 11.35
C HIS A 26 -1.82 -15.14 10.63
N THR A 27 -2.45 -14.17 11.30
CA THR A 27 -3.51 -13.40 10.68
C THR A 27 -3.03 -11.98 10.43
N PRO A 28 -3.37 -11.40 9.29
CA PRO A 28 -2.96 -10.05 8.98
C PRO A 28 -3.56 -9.05 9.96
N LEU A 29 -2.71 -8.24 10.55
CA LEU A 29 -3.13 -7.23 11.50
C LEU A 29 -4.22 -6.35 10.92
N SER A 30 -4.37 -6.38 9.58
CA SER A 30 -5.41 -5.61 8.90
C SER A 30 -6.77 -5.85 9.55
N LYS A 31 -6.90 -6.97 10.26
CA LYS A 31 -8.16 -7.30 10.93
C LYS A 31 -8.22 -6.58 12.27
N LEU A 32 -7.15 -6.69 13.04
CA LEU A 32 -7.05 -6.05 14.36
C LEU A 32 -7.29 -4.55 14.21
N MET A 33 -6.64 -3.95 13.21
CA MET A 33 -6.79 -2.54 12.97
C MET A 33 -8.19 -2.25 12.46
N LYS A 34 -8.75 -3.19 11.72
CA LYS A 34 -10.10 -3.05 11.19
C LYS A 34 -11.08 -2.91 12.35
N ALA A 35 -10.76 -3.59 13.44
CA ALA A 35 -11.58 -3.54 14.64
C ALA A 35 -11.38 -2.18 15.31
N TYR A 36 -10.14 -1.69 15.27
CA TYR A 36 -9.82 -0.39 15.83
C TYR A 36 -10.58 0.68 15.07
N CYS A 37 -10.56 0.58 13.75
CA CYS A 37 -11.31 1.52 12.91
C CYS A 37 -12.78 1.37 13.25
N GLU A 38 -13.15 0.14 13.57
CA GLU A 38 -14.51 -0.20 13.96
C GLU A 38 -14.82 0.45 15.30
N ARG A 39 -13.88 0.32 16.23
CA ARG A 39 -13.97 0.87 17.55
C ARG A 39 -14.36 2.34 17.55
N GLN A 40 -13.74 3.09 16.65
CA GLN A 40 -14.01 4.52 16.54
C GLN A 40 -14.55 4.84 15.13
N GLY A 41 -13.76 5.46 14.25
CA GLY A 41 -14.23 5.76 12.92
C GLY A 41 -13.11 6.10 11.97
N LEU A 42 -11.92 5.60 12.25
CA LEU A 42 -10.77 5.85 11.40
C LEU A 42 -11.02 5.29 10.01
N SER A 43 -10.10 5.56 9.10
CA SER A 43 -10.23 5.10 7.72
C SER A 43 -9.48 3.80 7.48
N MET A 44 -8.45 3.56 8.27
CA MET A 44 -7.62 2.38 8.14
C MET A 44 -6.60 2.54 7.02
N ARG A 45 -6.82 3.55 6.16
CA ARG A 45 -5.92 3.87 5.07
C ARG A 45 -5.14 5.12 5.45
N GLN A 46 -5.85 6.01 6.15
CA GLN A 46 -5.29 7.26 6.67
C GLN A 46 -4.62 7.00 8.01
N ILE A 47 -4.69 5.73 8.40
CA ILE A 47 -4.15 5.25 9.65
C ILE A 47 -3.01 4.29 9.40
N ARG A 48 -2.03 4.34 10.25
CA ARG A 48 -0.93 3.43 10.19
C ARG A 48 -0.75 2.90 11.58
N PHE A 49 -0.93 1.61 11.73
CA PHE A 49 -0.77 1.03 13.03
C PHE A 49 0.66 0.65 13.22
N ARG A 50 1.32 1.15 14.23
CA ARG A 50 2.68 0.75 14.45
C ARG A 50 2.68 -0.20 15.60
N PHE A 51 3.49 -1.19 15.53
CA PHE A 51 3.56 -2.19 16.56
C PHE A 51 4.59 -1.73 17.55
N ASP A 52 4.52 -2.23 18.77
CA ASP A 52 5.44 -1.76 19.81
C ASP A 52 6.78 -1.55 19.13
N GLY A 53 6.97 -0.29 18.73
CA GLY A 53 8.16 0.13 18.02
C GLY A 53 8.43 -0.70 16.77
N GLN A 54 7.50 -0.72 15.82
CA GLN A 54 7.70 -1.48 14.59
C GLN A 54 6.62 -1.16 13.59
N PRO A 55 6.95 -0.37 12.55
CA PRO A 55 6.00 0.01 11.51
C PRO A 55 5.12 -1.18 11.13
N ILE A 56 3.85 -0.93 10.87
CA ILE A 56 2.92 -2.00 10.56
C ILE A 56 2.33 -1.94 9.17
N ASN A 57 1.92 -3.11 8.73
CA ASN A 57 1.30 -3.31 7.45
C ASN A 57 -0.02 -4.05 7.63
N GLU A 58 -0.96 -3.77 6.76
CA GLU A 58 -2.26 -4.43 6.82
C GLU A 58 -2.07 -5.95 6.83
N THR A 59 -1.01 -6.40 6.18
CA THR A 59 -0.72 -7.83 6.11
C THR A 59 0.18 -8.31 7.24
N ASP A 60 0.94 -7.40 7.85
CA ASP A 60 1.82 -7.79 8.95
C ASP A 60 1.04 -8.52 10.03
N THR A 61 1.61 -9.61 10.54
CA THR A 61 0.94 -10.39 11.57
C THR A 61 1.78 -10.54 12.83
N PRO A 62 1.11 -10.68 13.98
CA PRO A 62 1.77 -10.86 15.27
C PRO A 62 2.98 -11.78 15.18
N ALA A 63 2.81 -12.92 14.53
CA ALA A 63 3.89 -13.89 14.35
C ALA A 63 4.98 -13.26 13.53
N GLN A 64 4.52 -12.58 12.50
CA GLN A 64 5.34 -11.86 11.57
C GLN A 64 5.98 -10.68 12.27
N LEU A 65 5.44 -10.38 13.45
CA LEU A 65 5.87 -9.27 14.26
C LEU A 65 6.31 -9.75 15.65
N GLU A 66 6.31 -11.07 15.85
CA GLU A 66 6.68 -11.67 17.13
C GLU A 66 6.00 -10.91 18.26
N MET A 67 4.68 -10.82 18.16
CA MET A 67 3.88 -10.08 19.13
C MET A 67 3.51 -10.90 20.37
N GLU A 68 2.37 -11.61 20.31
CA GLU A 68 1.86 -12.45 21.43
C GLU A 68 0.50 -11.94 21.91
N ASP A 69 -0.05 -12.61 22.91
CA ASP A 69 -1.36 -12.22 23.47
C ASP A 69 -1.20 -11.26 24.64
N GLU A 70 -0.11 -10.52 24.56
CA GLU A 70 0.22 -9.53 25.58
C GLU A 70 1.15 -8.48 25.04
N ASP A 71 0.97 -8.15 23.79
CA ASP A 71 1.77 -7.13 23.16
C ASP A 71 0.93 -5.88 22.98
N THR A 72 1.48 -4.91 22.29
CA THR A 72 0.77 -3.67 22.04
C THR A 72 0.94 -3.24 20.60
N ILE A 73 -0.16 -2.87 20.01
CA ILE A 73 -0.15 -2.34 18.67
C ILE A 73 -0.21 -0.84 18.85
N ASP A 74 0.69 -0.17 18.21
CA ASP A 74 0.73 1.28 18.32
C ASP A 74 0.01 1.83 17.12
N VAL A 75 -0.73 2.89 17.30
CA VAL A 75 -1.43 3.46 16.17
C VAL A 75 -0.94 4.85 15.87
N PHE A 76 -0.77 5.07 14.59
CA PHE A 76 -0.34 6.32 14.05
C PHE A 76 -1.09 6.54 12.76
N GLN A 77 -1.66 7.70 12.62
CA GLN A 77 -2.44 8.03 11.44
C GLN A 77 -1.54 8.58 10.34
N GLN A 78 -1.39 7.81 9.26
CA GLN A 78 -0.55 8.21 8.13
C GLN A 78 0.83 8.70 8.57
N GLN A 79 1.85 7.87 8.32
CA GLN A 79 3.23 8.21 8.67
C GLN A 79 4.17 7.04 8.43
N THR A 80 3.63 5.84 8.54
CA THR A 80 4.41 4.62 8.33
C THR A 80 4.39 4.17 6.88
N GLY A 81 4.80 2.92 6.64
CA GLY A 81 4.81 2.40 5.28
C GLY A 81 3.52 1.65 4.96
N GLY A 82 3.53 0.90 3.87
CA GLY A 82 2.34 0.14 3.47
C GLY A 82 2.60 -1.36 3.37
N GLY B 1 -8.23 15.77 -3.70
CA GLY B 1 -8.85 15.77 -2.35
C GLY B 1 -8.34 14.64 -1.48
N SER B 2 -8.27 13.44 -2.05
CA SER B 2 -7.80 12.26 -1.32
C SER B 2 -6.53 11.71 -1.95
N GLU B 3 -5.74 11.00 -1.14
CA GLU B 3 -4.50 10.40 -1.62
C GLU B 3 -4.26 9.05 -0.95
N GLU B 4 -4.32 7.98 -1.74
CA GLU B 4 -4.12 6.63 -1.23
C GLU B 4 -2.69 6.16 -1.50
N LYS B 5 -2.55 4.86 -1.73
CA LYS B 5 -1.26 4.20 -2.00
C LYS B 5 -0.22 4.53 -0.93
N PRO B 6 0.47 3.51 -0.39
CA PRO B 6 1.49 3.69 0.64
C PRO B 6 2.47 4.81 0.33
N LYS B 7 2.30 5.96 0.98
CA LYS B 7 3.21 7.07 0.77
C LYS B 7 4.63 6.56 0.98
N GLU B 8 5.28 6.15 -0.11
CA GLU B 8 6.61 5.60 -0.02
C GLU B 8 6.57 4.35 0.85
N GLY B 9 5.81 3.34 0.41
CA GLY B 9 5.70 2.11 1.18
C GLY B 9 5.99 0.87 0.36
N VAL B 10 6.91 1.01 -0.56
CA VAL B 10 7.32 -0.09 -1.42
C VAL B 10 8.16 -1.09 -0.66
N LYS B 11 7.57 -2.23 -0.39
CA LYS B 11 8.22 -3.29 0.34
C LYS B 11 8.54 -4.45 -0.59
N THR B 12 7.51 -5.21 -0.91
CA THR B 12 7.66 -6.40 -1.75
C THR B 12 6.46 -6.60 -2.67
N GLU B 13 6.33 -5.73 -3.67
CA GLU B 13 5.23 -5.81 -4.63
C GLU B 13 3.89 -6.10 -3.94
N ASN B 14 2.83 -6.24 -4.73
CA ASN B 14 1.51 -6.50 -4.17
C ASN B 14 1.23 -5.59 -2.99
N ASP B 15 1.81 -4.40 -3.04
CA ASP B 15 1.65 -3.39 -2.01
C ASP B 15 1.55 -2.02 -2.67
N HIS B 16 0.82 -2.00 -3.79
CA HIS B 16 0.59 -0.83 -4.64
C HIS B 16 1.44 0.38 -4.29
N ILE B 17 1.91 1.05 -5.34
CA ILE B 17 2.71 2.26 -5.20
C ILE B 17 2.24 3.30 -6.19
N ASN B 18 2.54 4.55 -5.92
CA ASN B 18 2.16 5.62 -6.80
C ASN B 18 3.24 5.75 -7.88
N LEU B 19 2.82 5.78 -9.13
CA LEU B 19 3.77 5.88 -10.24
C LEU B 19 3.62 7.19 -10.97
N LYS B 20 4.68 7.96 -11.01
CA LYS B 20 4.70 9.26 -11.67
C LYS B 20 5.17 9.12 -13.11
N VAL B 21 4.40 9.58 -14.07
CA VAL B 21 4.81 9.51 -15.46
C VAL B 21 5.04 10.93 -15.99
N ALA B 22 6.23 11.21 -16.49
CA ALA B 22 6.55 12.53 -17.01
C ALA B 22 6.40 12.56 -18.52
N GLY B 23 5.39 13.26 -19.00
CA GLY B 23 5.15 13.32 -20.44
C GLY B 23 5.59 14.60 -21.11
N GLN B 24 6.29 14.45 -22.24
CA GLN B 24 6.75 15.58 -23.03
C GLN B 24 7.66 16.52 -22.24
N ASP B 25 8.23 15.98 -21.17
CA ASP B 25 9.13 16.75 -20.32
C ASP B 25 8.61 18.16 -20.05
N GLY B 26 7.30 18.25 -19.85
CA GLY B 26 6.69 19.54 -19.59
C GLY B 26 5.94 19.54 -18.27
N SER B 27 5.59 18.36 -17.80
CA SER B 27 4.88 18.21 -16.54
C SER B 27 5.00 16.77 -16.05
N VAL B 28 4.15 16.41 -15.11
CA VAL B 28 4.18 15.08 -14.54
C VAL B 28 2.80 14.61 -14.13
N VAL B 29 2.65 13.31 -14.04
CA VAL B 29 1.42 12.70 -13.60
C VAL B 29 1.76 11.65 -12.59
N GLN B 30 0.86 11.40 -11.68
CA GLN B 30 1.11 10.41 -10.65
C GLN B 30 0.07 9.30 -10.67
N PHE B 31 0.52 8.14 -11.12
CA PHE B 31 -0.28 6.95 -11.25
C PHE B 31 -0.14 6.11 -10.00
N LYS B 32 -1.09 5.23 -9.76
CA LYS B 32 -0.98 4.33 -8.61
C LYS B 32 -1.04 2.92 -9.13
N ILE B 33 0.07 2.24 -8.98
CA ILE B 33 0.21 0.90 -9.45
C ILE B 33 1.04 0.05 -8.52
N LYS B 34 0.69 -1.22 -8.44
CA LYS B 34 1.41 -2.16 -7.62
C LYS B 34 2.83 -2.32 -8.18
N ARG B 35 3.19 -3.52 -8.63
CA ARG B 35 4.53 -3.73 -9.17
C ARG B 35 4.55 -4.96 -10.09
N HIS B 36 4.27 -6.12 -9.52
CA HIS B 36 4.24 -7.39 -10.26
C HIS B 36 3.39 -7.30 -11.53
N THR B 37 2.61 -6.24 -11.65
CA THR B 37 1.78 -6.02 -12.84
C THR B 37 2.53 -5.29 -13.93
N PRO B 38 2.47 -5.84 -15.14
CA PRO B 38 3.09 -5.25 -16.31
C PRO B 38 2.83 -3.75 -16.35
N LEU B 39 3.81 -2.97 -16.76
CA LEU B 39 3.65 -1.53 -16.80
C LEU B 39 2.70 -1.10 -17.91
N SER B 40 2.46 -1.97 -18.90
CA SER B 40 1.53 -1.66 -19.98
C SER B 40 0.14 -1.35 -19.43
N LYS B 41 -0.07 -1.74 -18.18
CA LYS B 41 -1.32 -1.49 -17.49
C LYS B 41 -1.36 -0.03 -17.07
N LEU B 42 -0.15 0.51 -16.84
CA LEU B 42 0.07 1.88 -16.43
C LEU B 42 0.22 2.82 -17.63
N MET B 43 0.93 2.34 -18.65
CA MET B 43 1.20 3.12 -19.86
C MET B 43 -0.07 3.67 -20.53
N LYS B 44 -1.22 3.04 -20.32
CA LYS B 44 -2.47 3.53 -20.92
C LYS B 44 -3.14 4.57 -20.04
N ALA B 45 -2.80 4.58 -18.74
CA ALA B 45 -3.38 5.58 -17.85
C ALA B 45 -3.09 6.94 -18.44
N TYR B 46 -1.81 7.24 -18.58
CA TYR B 46 -1.37 8.51 -19.12
C TYR B 46 -2.17 8.86 -20.35
N CYS B 47 -2.38 7.88 -21.20
CA CYS B 47 -3.14 8.08 -22.42
C CYS B 47 -4.54 8.55 -22.07
N GLU B 48 -5.28 7.71 -21.36
CA GLU B 48 -6.61 8.06 -20.94
C GLU B 48 -6.57 9.42 -20.23
N ARG B 49 -5.36 9.83 -19.82
CA ARG B 49 -5.09 11.08 -19.15
C ARG B 49 -4.83 12.22 -20.14
N GLN B 50 -3.91 11.98 -21.08
CA GLN B 50 -3.51 12.97 -22.09
C GLN B 50 -4.12 12.71 -23.47
N GLY B 51 -4.57 11.49 -23.68
CA GLY B 51 -5.12 11.11 -24.97
C GLY B 51 -4.02 10.57 -25.86
N LEU B 52 -3.38 9.50 -25.40
CA LEU B 52 -2.26 8.89 -26.09
C LEU B 52 -2.55 7.44 -26.49
N SER B 53 -2.12 7.07 -27.68
CA SER B 53 -2.37 5.72 -28.18
C SER B 53 -1.91 4.64 -27.18
N MET B 54 -1.02 5.00 -26.25
CA MET B 54 -0.49 4.07 -25.24
C MET B 54 0.67 3.29 -25.82
N ARG B 55 0.48 2.80 -27.01
CA ARG B 55 1.50 2.04 -27.70
C ARG B 55 2.45 2.99 -28.40
N GLN B 56 1.91 4.13 -28.82
CA GLN B 56 2.66 5.14 -29.53
C GLN B 56 3.62 5.93 -28.64
N ILE B 57 3.29 6.11 -27.35
CA ILE B 57 4.17 6.86 -26.47
C ILE B 57 5.39 6.05 -26.14
N ARG B 58 6.35 6.73 -25.54
CA ARG B 58 7.60 6.10 -25.15
C ARG B 58 7.83 6.36 -23.68
N PHE B 59 7.88 5.31 -22.88
CA PHE B 59 8.07 5.47 -21.45
C PHE B 59 9.49 5.09 -21.05
N ARG B 60 9.87 5.51 -19.85
CA ARG B 60 11.16 5.19 -19.31
C ARG B 60 11.13 5.17 -17.79
N PHE B 61 12.07 4.45 -17.24
CA PHE B 61 12.22 4.31 -15.81
C PHE B 61 13.69 4.48 -15.50
N ASP B 62 14.02 4.81 -14.26
CA ASP B 62 15.42 5.03 -13.90
C ASP B 62 16.34 4.02 -14.60
N GLY B 63 16.86 4.48 -15.74
CA GLY B 63 17.77 3.68 -16.56
C GLY B 63 17.12 2.48 -17.22
N GLN B 64 15.82 2.55 -17.50
CA GLN B 64 15.12 1.42 -18.13
C GLN B 64 13.96 1.89 -19.01
N PRO B 65 13.76 1.23 -20.17
CA PRO B 65 12.68 1.55 -21.11
C PRO B 65 11.33 1.07 -20.59
N ILE B 66 11.42 0.08 -19.70
CA ILE B 66 10.29 -0.54 -19.04
C ILE B 66 9.17 -0.95 -19.97
N ASN B 67 9.57 -1.18 -21.18
CA ASN B 67 8.68 -1.56 -22.29
C ASN B 67 7.36 -2.13 -21.80
N GLU B 68 6.52 -1.24 -21.27
CA GLU B 68 5.19 -1.59 -20.74
C GLU B 68 5.17 -2.99 -20.12
N THR B 69 5.32 -3.98 -20.98
CA THR B 69 5.34 -5.38 -20.55
C THR B 69 6.13 -5.50 -19.24
N ASP B 70 7.15 -4.65 -19.09
CA ASP B 70 7.95 -4.60 -17.89
C ASP B 70 7.07 -4.22 -16.72
N THR B 71 7.12 -4.97 -15.63
CA THR B 71 6.33 -4.65 -14.45
C THR B 71 7.19 -3.81 -13.54
N PRO B 72 6.61 -2.85 -12.82
CA PRO B 72 7.42 -2.01 -11.93
C PRO B 72 8.30 -2.87 -11.03
N ALA B 73 7.69 -3.86 -10.36
CA ALA B 73 8.43 -4.76 -9.48
C ALA B 73 9.64 -5.34 -10.21
N GLN B 74 9.38 -6.04 -11.31
CA GLN B 74 10.43 -6.65 -12.10
C GLN B 74 11.59 -5.70 -12.29
N LEU B 75 11.28 -4.44 -12.50
CA LEU B 75 12.29 -3.42 -12.70
C LEU B 75 12.74 -2.85 -11.34
N GLU B 76 11.80 -2.88 -10.39
CA GLU B 76 12.03 -2.44 -9.01
C GLU B 76 11.62 -0.98 -8.75
N MET B 77 10.49 -0.58 -9.33
CA MET B 77 9.97 0.78 -9.14
C MET B 77 9.64 1.04 -7.68
N GLU B 78 9.19 2.25 -7.36
CA GLU B 78 8.86 2.60 -5.99
C GLU B 78 7.73 3.61 -5.95
N ASP B 79 7.33 4.00 -4.74
CA ASP B 79 6.24 4.97 -4.57
C ASP B 79 6.68 6.37 -4.99
N GLU B 80 5.87 6.99 -5.84
CA GLU B 80 6.15 8.33 -6.35
C GLU B 80 7.24 8.29 -7.41
N ASP B 81 7.76 7.10 -7.71
CA ASP B 81 8.77 6.99 -8.75
C ASP B 81 8.20 7.61 -9.99
N THR B 82 9.03 7.82 -10.97
CA THR B 82 8.56 8.42 -12.21
C THR B 82 8.90 7.56 -13.41
N ILE B 83 8.16 7.76 -14.48
CA ILE B 83 8.38 7.06 -15.73
C ILE B 83 8.20 8.05 -16.86
N ASP B 84 9.29 8.54 -17.42
CA ASP B 84 9.20 9.57 -18.45
C ASP B 84 8.59 9.10 -19.78
N VAL B 85 7.61 9.88 -20.25
CA VAL B 85 6.93 9.67 -21.51
C VAL B 85 7.40 10.72 -22.51
N PHE B 86 7.91 10.29 -23.65
CA PHE B 86 8.34 11.23 -24.67
C PHE B 86 7.85 10.74 -26.02
N GLN B 87 6.83 11.40 -26.53
CA GLN B 87 6.27 11.01 -27.81
C GLN B 87 5.74 12.20 -28.60
N GLN B 88 6.42 12.53 -29.69
CA GLN B 88 6.00 13.63 -30.55
C GLN B 88 4.84 13.19 -31.43
N GLN B 89 4.28 14.11 -32.23
CA GLN B 89 3.18 13.76 -33.11
C GLN B 89 3.67 13.41 -34.51
N THR B 90 4.89 12.93 -34.56
CA THR B 90 5.52 12.54 -35.82
C THR B 90 6.08 11.13 -35.75
N THR C 1 -1.51 17.01 -10.84
CA THR C 1 -2.21 15.75 -11.22
C THR C 1 -3.71 15.86 -10.97
N VAL C 2 -4.09 16.05 -9.71
CA VAL C 2 -5.50 16.17 -9.33
C VAL C 2 -6.38 15.17 -10.06
N GLY C 3 -6.62 14.02 -9.44
CA GLY C 3 -7.44 12.99 -10.04
C GLY C 3 -7.02 11.59 -9.66
N ASP C 4 -8.00 10.69 -9.54
CA ASP C 4 -7.71 9.30 -9.17
C ASP C 4 -6.79 8.66 -10.19
N GLU C 5 -6.52 7.36 -10.01
CA GLU C 5 -5.64 6.64 -10.93
C GLU C 5 -6.16 5.22 -11.18
N ILE C 6 -6.62 4.97 -12.38
CA ILE C 6 -7.14 3.66 -12.76
C ILE C 6 -6.03 2.75 -13.26
N VAL C 7 -6.14 1.46 -12.95
CA VAL C 7 -5.13 0.50 -13.38
C VAL C 7 -5.48 -0.93 -12.94
N ASP C 8 -6.14 -1.06 -11.79
CA ASP C 8 -6.55 -2.37 -11.25
C ASP C 8 -5.41 -3.39 -11.31
N LEU C 9 -4.84 -3.70 -10.16
CA LEU C 9 -3.73 -4.66 -10.09
C LEU C 9 -4.16 -5.96 -9.40
N THR C 10 -3.21 -6.87 -9.23
CA THR C 10 -3.48 -8.15 -8.59
C THR C 10 -4.02 -7.94 -7.18
N CYS C 11 -4.05 -9.01 -6.39
CA CYS C 11 -4.55 -8.93 -5.01
C CYS C 11 -3.83 -7.83 -4.22
N GLU C 12 -4.15 -7.71 -2.94
CA GLU C 12 -3.53 -6.69 -2.10
C GLU C 12 -2.96 -7.31 -0.82
N SER C 13 -3.69 -8.24 -0.22
CA SER C 13 -3.24 -8.89 1.00
C SER C 13 -3.73 -10.33 1.08
N LEU C 14 -3.10 -11.10 1.97
CA LEU C 14 -3.46 -12.50 2.18
C LEU C 14 -3.56 -12.82 3.67
N GLU C 15 -4.60 -13.55 4.05
CA GLU C 15 -4.81 -13.90 5.46
C GLU C 15 -4.65 -15.39 5.69
N PRO C 16 -3.50 -15.83 6.21
CA PRO C 16 -3.24 -17.26 6.50
C PRO C 16 -4.28 -17.84 7.45
N VAL C 17 -4.29 -17.34 8.68
CA VAL C 17 -5.25 -17.80 9.68
C VAL C 17 -6.30 -16.72 9.95
N VAL C 18 -7.50 -17.13 10.37
CA VAL C 18 -8.59 -16.19 10.64
C VAL C 18 -8.66 -15.77 12.10
N VAL C 19 -9.66 -14.91 12.42
CA VAL C 19 -9.84 -14.41 13.78
C VAL C 19 -11.00 -13.41 13.84
N ASP C 20 -11.62 -13.29 15.01
CA ASP C 20 -12.74 -12.37 15.21
C ASP C 20 -12.23 -11.02 15.74
N LEU C 21 -13.13 -10.22 16.30
CA LEU C 21 -12.76 -8.91 16.84
C LEU C 21 -13.02 -8.83 18.35
N THR C 22 -12.88 -7.64 18.91
CA THR C 22 -13.10 -7.43 20.35
C THR C 22 -13.73 -6.07 20.63
N HIS C 23 -14.03 -5.82 21.89
CA HIS C 23 -14.64 -4.56 22.29
C HIS C 23 -13.58 -3.55 22.77
N ASN C 24 -13.64 -3.13 24.03
CA ASN C 24 -12.68 -2.18 24.57
C ASN C 24 -12.78 -0.83 23.85
N ASP C 25 -12.12 0.18 24.40
CA ASP C 25 -12.14 1.52 23.82
C ASP C 25 -13.56 2.09 23.81
N GLY A 1 3.97 -17.58 21.49
CA GLY A 1 3.04 -18.17 22.52
C GLY A 1 2.73 -19.63 22.23
N THR A 2 1.69 -19.87 21.45
CA THR A 2 1.28 -21.23 21.11
C THR A 2 1.45 -21.49 19.61
N GLU A 3 0.43 -21.15 18.82
CA GLU A 3 0.47 -21.34 17.38
C GLU A 3 -0.37 -20.29 16.66
N ASN A 4 -1.12 -20.70 15.63
CA ASN A 4 -1.94 -19.75 14.90
C ASN A 4 -3.28 -19.50 15.59
N ASP A 5 -3.24 -19.30 16.90
CA ASP A 5 -4.44 -18.99 17.67
C ASP A 5 -4.53 -17.48 17.74
N HIS A 6 -5.46 -16.91 18.51
CA HIS A 6 -5.52 -15.46 18.61
C HIS A 6 -5.06 -14.96 19.96
N ILE A 7 -4.44 -13.81 19.93
CA ILE A 7 -3.95 -13.15 21.11
C ILE A 7 -4.52 -11.76 21.12
N ASN A 8 -4.74 -11.19 22.29
CA ASN A 8 -5.34 -9.88 22.35
C ASN A 8 -4.26 -8.81 22.21
N LEU A 9 -4.51 -7.80 21.38
CA LEU A 9 -3.55 -6.74 21.19
C LEU A 9 -4.11 -5.42 21.66
N LYS A 10 -3.26 -4.66 22.30
CA LYS A 10 -3.68 -3.36 22.77
C LYS A 10 -3.15 -2.33 21.82
N VAL A 11 -4.02 -1.70 21.04
CA VAL A 11 -3.55 -0.70 20.12
C VAL A 11 -3.61 0.66 20.81
N ALA A 12 -2.42 1.22 21.03
CA ALA A 12 -2.27 2.52 21.69
C ALA A 12 -2.23 3.64 20.67
N GLY A 13 -3.05 4.66 20.89
CA GLY A 13 -3.10 5.77 19.97
C GLY A 13 -2.14 6.88 20.33
N GLN A 14 -1.91 7.77 19.39
CA GLN A 14 -1.02 8.90 19.59
C GLN A 14 -1.54 9.81 20.70
N ASP A 15 -2.82 9.67 21.03
CA ASP A 15 -3.44 10.48 22.08
C ASP A 15 -3.34 9.81 23.45
N GLY A 16 -2.68 8.65 23.50
CA GLY A 16 -2.53 7.95 24.76
C GLY A 16 -3.65 6.96 25.03
N SER A 17 -4.54 6.78 24.04
CA SER A 17 -5.66 5.88 24.18
C SER A 17 -5.40 4.61 23.38
N VAL A 18 -5.33 3.49 24.07
CA VAL A 18 -5.10 2.19 23.45
C VAL A 18 -6.43 1.42 23.35
N VAL A 19 -6.46 0.35 22.57
CA VAL A 19 -7.67 -0.44 22.39
C VAL A 19 -7.33 -1.92 22.29
N GLN A 20 -8.26 -2.77 22.72
CA GLN A 20 -8.01 -4.21 22.67
C GLN A 20 -8.56 -4.84 21.41
N PHE A 21 -7.75 -5.72 20.82
CA PHE A 21 -8.10 -6.43 19.61
C PHE A 21 -7.44 -7.78 19.55
N LYS A 22 -8.23 -8.83 19.55
CA LYS A 22 -7.68 -10.16 19.48
C LYS A 22 -7.83 -10.72 18.09
N ILE A 23 -6.76 -11.33 17.63
CA ILE A 23 -6.73 -11.89 16.31
C ILE A 23 -5.66 -12.95 16.21
N LYS A 24 -6.03 -14.06 15.59
CA LYS A 24 -5.12 -15.18 15.44
C LYS A 24 -3.77 -14.67 14.94
N ARG A 25 -2.71 -15.20 15.52
CA ARG A 25 -1.36 -14.75 15.21
C ARG A 25 -1.05 -14.71 13.73
N HIS A 26 -1.41 -15.75 13.00
CA HIS A 26 -1.09 -15.80 11.58
C HIS A 26 -2.00 -14.91 10.74
N THR A 27 -2.59 -13.87 11.33
CA THR A 27 -3.40 -12.97 10.54
C THR A 27 -2.69 -11.64 10.41
N PRO A 28 -2.85 -10.98 9.26
CA PRO A 28 -2.26 -9.69 9.05
C PRO A 28 -2.90 -8.66 9.97
N LEU A 29 -2.08 -7.98 10.74
CA LEU A 29 -2.57 -6.97 11.68
C LEU A 29 -3.48 -5.97 10.98
N SER A 30 -3.41 -5.93 9.63
CA SER A 30 -4.26 -5.03 8.87
C SER A 30 -5.71 -5.17 9.32
N LYS A 31 -6.03 -6.30 9.94
CA LYS A 31 -7.36 -6.56 10.45
C LYS A 31 -7.52 -5.91 11.82
N LEU A 32 -6.50 -6.08 12.67
CA LEU A 32 -6.51 -5.50 14.01
C LEU A 32 -6.62 -3.97 13.90
N MET A 33 -5.81 -3.39 13.01
CA MET A 33 -5.84 -1.94 12.79
C MET A 33 -7.14 -1.52 12.14
N LYS A 34 -7.68 -2.39 11.30
CA LYS A 34 -8.95 -2.12 10.65
C LYS A 34 -10.04 -1.98 11.70
N ALA A 35 -9.81 -2.63 12.83
CA ALA A 35 -10.73 -2.59 13.96
C ALA A 35 -10.51 -1.29 14.73
N TYR A 36 -9.25 -0.96 14.96
CA TYR A 36 -8.88 0.27 15.66
C TYR A 36 -9.30 1.46 14.81
N CYS A 37 -9.18 1.30 13.50
CA CYS A 37 -9.60 2.33 12.58
C CYS A 37 -11.12 2.34 12.56
N GLU A 38 -11.68 1.13 12.67
CA GLU A 38 -13.10 0.94 12.74
C GLU A 38 -13.60 1.48 14.07
N ARG A 39 -12.82 1.20 15.10
CA ARG A 39 -13.09 1.61 16.47
C ARG A 39 -12.88 3.11 16.64
N GLN A 40 -11.77 3.60 16.11
CA GLN A 40 -11.39 4.99 16.24
C GLN A 40 -12.04 5.89 15.20
N GLY A 41 -11.95 5.47 13.94
CA GLY A 41 -12.49 6.27 12.86
C GLY A 41 -11.39 6.71 11.90
N LEU A 42 -10.14 6.28 12.19
CA LEU A 42 -8.99 6.62 11.37
C LEU A 42 -9.18 6.16 9.92
N SER A 43 -8.21 6.49 9.10
CA SER A 43 -8.24 6.13 7.69
C SER A 43 -7.48 4.82 7.47
N MET A 44 -6.60 4.50 8.40
CA MET A 44 -5.78 3.29 8.33
C MET A 44 -4.59 3.49 7.37
N ARG A 45 -4.63 4.59 6.62
CA ARG A 45 -3.57 4.93 5.69
C ARG A 45 -2.79 6.13 6.23
N GLN A 46 -3.56 7.05 6.82
CA GLN A 46 -3.01 8.24 7.45
C GLN A 46 -2.57 7.90 8.87
N ILE A 47 -2.78 6.64 9.20
CA ILE A 47 -2.46 6.06 10.49
C ILE A 47 -1.55 4.88 10.30
N ARG A 48 -0.52 4.81 11.11
CA ARG A 48 0.43 3.72 11.07
C ARG A 48 0.53 3.11 12.45
N PHE A 49 0.26 1.83 12.55
CA PHE A 49 0.32 1.19 13.83
C PHE A 49 1.72 0.71 14.09
N ARG A 50 2.24 0.98 15.26
CA ARG A 50 3.54 0.47 15.61
C ARG A 50 3.31 -0.51 16.71
N PHE A 51 4.04 -1.58 16.69
CA PHE A 51 3.87 -2.61 17.70
C PHE A 51 4.84 -2.27 18.81
N ASP A 52 4.57 -2.79 20.00
CA ASP A 52 5.40 -2.44 21.14
C ASP A 52 6.84 -2.35 20.64
N GLY A 53 7.21 -1.10 20.32
CA GLY A 53 8.51 -0.79 19.77
C GLY A 53 8.84 -1.59 18.52
N GLN A 54 8.01 -1.49 17.47
CA GLN A 54 8.28 -2.20 16.23
C GLN A 54 7.31 -1.77 15.16
N PRO A 55 7.77 -0.94 14.19
CA PRO A 55 6.93 -0.45 13.11
C PRO A 55 6.01 -1.54 12.60
N ILE A 56 4.80 -1.17 12.20
CA ILE A 56 3.83 -2.15 11.74
C ILE A 56 3.44 -2.04 10.29
N ASN A 57 3.07 -3.19 9.76
CA ASN A 57 2.61 -3.34 8.40
C ASN A 57 1.28 -4.04 8.39
N GLU A 58 0.42 -3.69 7.44
CA GLU A 58 -0.88 -4.32 7.34
C GLU A 58 -0.75 -5.83 7.30
N THR A 59 0.32 -6.33 6.69
CA THR A 59 0.53 -7.76 6.57
C THR A 59 1.21 -8.34 7.80
N ASP A 60 1.94 -7.50 8.54
CA ASP A 60 2.63 -7.96 9.75
C ASP A 60 1.63 -8.62 10.70
N THR A 61 2.02 -9.79 11.23
CA THR A 61 1.15 -10.50 12.16
C THR A 61 1.82 -10.72 13.51
N PRO A 62 1.00 -10.83 14.56
CA PRO A 62 1.48 -11.05 15.93
C PRO A 62 2.66 -12.02 15.97
N ALA A 63 2.54 -13.15 15.26
CA ALA A 63 3.61 -14.15 15.20
C ALA A 63 4.81 -13.57 14.51
N GLN A 64 4.49 -12.88 13.44
CA GLN A 64 5.44 -12.21 12.61
C GLN A 64 6.07 -11.06 13.39
N LEU A 65 5.43 -10.74 14.51
CA LEU A 65 5.82 -9.67 15.37
C LEU A 65 6.11 -10.17 16.79
N GLU A 66 6.07 -11.50 16.94
CA GLU A 66 6.31 -12.13 18.24
C GLU A 66 5.50 -11.42 19.32
N MET A 67 4.21 -11.28 19.06
CA MET A 67 3.29 -10.62 19.97
C MET A 67 2.71 -11.61 20.98
N GLU A 68 2.07 -11.10 22.02
CA GLU A 68 1.47 -11.94 23.03
C GLU A 68 -0.01 -11.72 23.18
N ASP A 69 -0.57 -12.41 24.16
CA ASP A 69 -1.97 -12.30 24.46
C ASP A 69 -2.19 -11.16 25.45
N GLU A 70 -2.83 -10.14 24.92
CA GLU A 70 -3.14 -8.90 25.63
C GLU A 70 -2.04 -7.89 25.36
N ASP A 71 -1.08 -8.28 24.51
CA ASP A 71 0.04 -7.44 24.13
C ASP A 71 -0.44 -6.04 23.80
N THR A 72 0.42 -5.26 23.18
CA THR A 72 0.05 -3.92 22.81
C THR A 72 0.55 -3.55 21.44
N ILE A 73 -0.38 -3.04 20.67
CA ILE A 73 -0.10 -2.51 19.37
C ILE A 73 -0.03 -1.03 19.58
N ASP A 74 1.03 -0.43 19.11
CA ASP A 74 1.20 1.00 19.28
C ASP A 74 0.68 1.68 18.04
N VAL A 75 0.14 2.87 18.20
CA VAL A 75 -0.38 3.57 17.06
C VAL A 75 0.26 4.92 16.87
N PHE A 76 0.58 5.16 15.63
CA PHE A 76 1.17 6.39 15.18
C PHE A 76 0.49 6.73 13.89
N GLN A 77 0.21 7.97 13.69
CA GLN A 77 -0.49 8.39 12.49
C GLN A 77 0.51 8.91 11.44
N GLN A 78 0.67 8.16 10.36
CA GLN A 78 1.60 8.53 9.29
C GLN A 78 2.99 8.87 9.82
N GLN A 79 3.94 7.98 9.59
CA GLN A 79 5.31 8.17 10.03
C GLN A 79 6.15 6.92 9.81
N THR A 80 5.49 5.77 9.85
CA THR A 80 6.18 4.49 9.67
C THR A 80 6.40 4.19 8.18
N GLY A 81 5.33 3.81 7.49
CA GLY A 81 5.42 3.51 6.08
C GLY A 81 5.18 2.03 5.77
N GLY A 82 3.93 1.61 5.92
CA GLY A 82 3.60 0.22 5.66
C GLY A 82 2.31 0.07 4.86
N GLY B 1 -12.54 9.95 3.20
CA GLY B 1 -11.22 10.20 3.85
C GLY B 1 -10.05 9.71 3.00
N SER B 2 -9.56 10.57 2.12
CA SER B 2 -8.44 10.22 1.25
C SER B 2 -8.80 9.04 0.36
N GLU B 3 -7.96 8.80 -0.65
CA GLU B 3 -8.18 7.70 -1.59
C GLU B 3 -7.14 6.61 -1.39
N GLU B 4 -7.13 5.64 -2.32
CA GLU B 4 -6.18 4.54 -2.25
C GLU B 4 -4.87 4.91 -2.91
N LYS B 5 -3.83 5.10 -2.12
CA LYS B 5 -2.51 5.45 -2.64
C LYS B 5 -1.50 5.66 -1.52
N PRO B 6 -0.56 4.71 -1.38
CA PRO B 6 0.47 4.76 -0.33
C PRO B 6 1.47 5.88 -0.51
N LYS B 7 1.43 6.87 0.38
CA LYS B 7 2.40 7.95 0.33
C LYS B 7 3.76 7.34 0.59
N GLU B 8 4.41 6.86 -0.46
CA GLU B 8 5.69 6.19 -0.32
C GLU B 8 5.50 4.94 0.54
N GLY B 9 4.72 3.98 0.02
CA GLY B 9 4.46 2.76 0.78
C GLY B 9 4.91 1.51 0.06
N VAL B 10 5.98 1.66 -0.68
CA VAL B 10 6.55 0.56 -1.44
C VAL B 10 7.19 -0.48 -0.53
N LYS B 11 6.45 -1.53 -0.22
CA LYS B 11 6.97 -2.59 0.62
C LYS B 11 7.18 -3.86 -0.17
N THR B 12 8.23 -3.88 -0.97
CA THR B 12 8.58 -5.06 -1.78
C THR B 12 7.82 -5.09 -3.10
N GLU B 13 6.50 -5.23 -3.04
CA GLU B 13 5.68 -5.30 -4.23
C GLU B 13 4.25 -5.74 -3.85
N ASN B 14 3.44 -6.02 -4.87
CA ASN B 14 2.07 -6.48 -4.67
C ASN B 14 1.36 -5.66 -3.60
N ASP B 15 1.60 -4.36 -3.61
CA ASP B 15 0.99 -3.44 -2.66
C ASP B 15 0.80 -2.08 -3.32
N HIS B 16 0.07 -2.10 -4.43
CA HIS B 16 -0.20 -0.92 -5.25
C HIS B 16 0.50 0.35 -4.80
N ILE B 17 1.16 0.97 -5.75
CA ILE B 17 1.83 2.24 -5.54
C ILE B 17 1.39 3.20 -6.60
N ASN B 18 1.67 4.45 -6.41
CA ASN B 18 1.32 5.44 -7.41
C ASN B 18 2.55 5.65 -8.29
N LEU B 19 2.31 5.85 -9.57
CA LEU B 19 3.40 6.06 -10.50
C LEU B 19 3.21 7.37 -11.21
N LYS B 20 4.26 7.82 -11.86
CA LYS B 20 4.23 9.06 -12.57
C LYS B 20 4.86 8.88 -13.93
N VAL B 21 4.24 9.39 -14.97
CA VAL B 21 4.81 9.27 -16.30
C VAL B 21 5.04 10.67 -16.87
N ALA B 22 6.24 10.94 -17.34
CA ALA B 22 6.56 12.26 -17.88
C ALA B 22 6.46 12.29 -19.40
N GLY B 23 5.42 12.93 -19.90
CA GLY B 23 5.22 13.03 -21.34
C GLY B 23 5.74 14.32 -21.92
N GLN B 24 5.85 14.35 -23.25
CA GLN B 24 6.33 15.52 -23.97
C GLN B 24 5.55 16.78 -23.59
N ASP B 25 4.40 16.59 -22.95
CA ASP B 25 3.54 17.71 -22.56
C ASP B 25 4.27 18.70 -21.65
N GLY B 26 5.50 18.40 -21.28
CA GLY B 26 6.23 19.28 -20.40
C GLY B 26 5.66 19.25 -19.01
N SER B 27 5.44 18.05 -18.50
CA SER B 27 4.87 17.86 -17.17
C SER B 27 4.94 16.40 -16.76
N VAL B 28 4.00 15.99 -15.93
CA VAL B 28 3.98 14.63 -15.46
C VAL B 28 2.55 14.17 -15.21
N VAL B 29 2.39 12.86 -15.20
CA VAL B 29 1.10 12.24 -14.93
C VAL B 29 1.30 11.25 -13.82
N GLN B 30 0.26 11.01 -13.06
CA GLN B 30 0.37 10.10 -11.93
C GLN B 30 -0.53 8.87 -12.06
N PHE B 31 0.13 7.73 -12.04
CA PHE B 31 -0.49 6.43 -12.16
C PHE B 31 -0.50 5.70 -10.82
N LYS B 32 -1.22 4.59 -10.75
CA LYS B 32 -1.22 3.78 -9.54
C LYS B 32 -1.03 2.35 -9.99
N ILE B 33 0.14 1.83 -9.72
CA ILE B 33 0.48 0.50 -10.14
C ILE B 33 1.03 -0.33 -8.99
N LYS B 34 0.52 -1.54 -8.87
CA LYS B 34 0.90 -2.46 -7.84
C LYS B 34 2.40 -2.72 -7.83
N ARG B 35 2.95 -3.00 -9.01
CA ARG B 35 4.39 -3.28 -9.17
C ARG B 35 4.61 -4.43 -10.15
N HIS B 36 4.37 -5.65 -9.68
CA HIS B 36 4.55 -6.86 -10.49
C HIS B 36 3.67 -6.86 -11.75
N THR B 37 2.78 -5.88 -11.85
CA THR B 37 1.92 -5.79 -13.03
C THR B 37 2.62 -5.07 -14.17
N PRO B 38 2.81 -5.77 -15.28
CA PRO B 38 3.43 -5.22 -16.48
C PRO B 38 3.12 -3.75 -16.65
N LEU B 39 4.08 -2.98 -17.12
CA LEU B 39 3.86 -1.56 -17.30
C LEU B 39 2.88 -1.27 -18.43
N SER B 40 2.69 -2.22 -19.36
CA SER B 40 1.73 -2.02 -20.45
C SER B 40 0.37 -1.59 -19.89
N LYS B 41 0.13 -1.93 -18.63
CA LYS B 41 -1.08 -1.55 -17.95
C LYS B 41 -1.04 -0.05 -17.67
N LEU B 42 0.19 0.41 -17.48
CA LEU B 42 0.49 1.80 -17.20
C LEU B 42 0.55 2.62 -18.49
N MET B 43 1.11 2.04 -19.55
CA MET B 43 1.25 2.72 -20.84
C MET B 43 -0.08 3.22 -21.37
N LYS B 44 -1.09 2.38 -21.27
CA LYS B 44 -2.41 2.71 -21.77
C LYS B 44 -3.09 3.80 -20.96
N ALA B 45 -2.70 3.99 -19.71
CA ALA B 45 -3.30 5.06 -18.94
C ALA B 45 -2.90 6.37 -19.58
N TYR B 46 -1.59 6.57 -19.73
CA TYR B 46 -1.08 7.78 -20.34
C TYR B 46 -1.76 8.02 -21.66
N CYS B 47 -1.68 7.06 -22.57
CA CYS B 47 -2.32 7.19 -23.86
C CYS B 47 -3.75 7.68 -23.70
N GLU B 48 -4.60 6.85 -23.10
CA GLU B 48 -5.99 7.25 -22.87
C GLU B 48 -6.03 8.63 -22.19
N ARG B 49 -4.91 8.99 -21.54
CA ARG B 49 -4.76 10.26 -20.86
C ARG B 49 -4.41 11.37 -21.84
N GLN B 50 -3.45 11.08 -22.73
CA GLN B 50 -2.95 12.05 -23.72
C GLN B 50 -3.45 11.76 -25.14
N GLY B 51 -3.97 10.56 -25.36
CA GLY B 51 -4.40 10.17 -26.68
C GLY B 51 -3.23 9.68 -27.50
N LEU B 52 -2.53 8.68 -26.97
CA LEU B 52 -1.33 8.13 -27.62
C LEU B 52 -1.46 6.66 -27.92
N SER B 53 -0.66 6.19 -28.85
CA SER B 53 -0.65 4.77 -29.17
C SER B 53 0.06 4.04 -28.02
N MET B 54 -0.67 3.18 -27.32
CA MET B 54 -0.14 2.45 -26.17
C MET B 54 0.87 1.42 -26.64
N ARG B 55 1.89 1.91 -27.33
CA ARG B 55 2.94 1.08 -27.88
C ARG B 55 3.93 1.95 -28.64
N GLN B 56 3.42 3.01 -29.27
CA GLN B 56 4.27 3.91 -30.04
C GLN B 56 5.04 4.87 -29.15
N ILE B 57 4.54 5.15 -27.95
CA ILE B 57 5.26 6.06 -27.07
C ILE B 57 6.48 5.34 -26.57
N ARG B 58 7.32 6.06 -25.84
CA ARG B 58 8.53 5.46 -25.32
C ARG B 58 8.66 5.81 -23.86
N PHE B 59 8.62 4.80 -23.00
CA PHE B 59 8.71 5.04 -21.58
C PHE B 59 10.11 4.76 -21.07
N ARG B 60 10.42 5.41 -19.97
CA ARG B 60 11.69 5.25 -19.30
C ARG B 60 11.51 5.57 -17.85
N PHE B 61 11.94 4.67 -16.98
CA PHE B 61 11.84 4.91 -15.56
C PHE B 61 13.17 5.47 -15.12
N ASP B 62 13.19 6.24 -14.05
CA ASP B 62 14.40 6.89 -13.57
C ASP B 62 15.66 6.01 -13.65
N GLY B 63 16.24 5.89 -14.85
CA GLY B 63 17.45 5.10 -15.02
C GLY B 63 17.36 4.03 -16.09
N GLN B 64 16.16 3.53 -16.36
CA GLN B 64 16.02 2.47 -17.37
C GLN B 64 14.75 2.63 -18.22
N PRO B 65 14.78 2.08 -19.45
CA PRO B 65 13.67 2.09 -20.38
C PRO B 65 12.73 0.94 -20.05
N ILE B 66 11.43 1.18 -20.04
CA ILE B 66 10.50 0.12 -19.68
C ILE B 66 9.67 -0.38 -20.83
N ASN B 67 10.35 -1.21 -21.60
CA ASN B 67 9.83 -1.82 -22.83
C ASN B 67 8.42 -2.40 -22.67
N GLU B 68 7.48 -1.53 -22.34
CA GLU B 68 6.06 -1.87 -22.21
C GLU B 68 5.75 -3.14 -21.38
N THR B 69 6.70 -4.04 -21.22
CA THR B 69 6.47 -5.26 -20.47
C THR B 69 7.14 -5.20 -19.10
N ASP B 70 8.07 -4.27 -18.93
CA ASP B 70 8.76 -4.11 -17.66
C ASP B 70 7.76 -3.67 -16.61
N THR B 71 7.67 -4.43 -15.53
CA THR B 71 6.76 -4.07 -14.45
C THR B 71 7.54 -3.27 -13.43
N PRO B 72 6.91 -2.28 -12.78
CA PRO B 72 7.61 -1.47 -11.80
C PRO B 72 8.45 -2.34 -10.86
N ALA B 73 7.82 -3.31 -10.21
CA ALA B 73 8.53 -4.22 -9.31
C ALA B 73 9.80 -4.75 -9.96
N GLN B 74 9.63 -5.39 -11.11
CA GLN B 74 10.74 -5.97 -11.84
C GLN B 74 11.91 -5.01 -11.90
N LEU B 75 11.61 -3.72 -12.06
CA LEU B 75 12.63 -2.70 -12.15
C LEU B 75 12.95 -2.17 -10.75
N GLU B 76 11.94 -2.19 -9.88
CA GLU B 76 12.03 -1.76 -8.49
C GLU B 76 11.58 -0.31 -8.30
N MET B 77 10.53 0.06 -9.01
CA MET B 77 9.95 1.40 -8.90
C MET B 77 9.43 1.65 -7.50
N GLU B 78 8.86 2.82 -7.27
CA GLU B 78 8.33 3.18 -5.97
C GLU B 78 7.16 4.14 -6.11
N ASP B 79 6.52 4.44 -4.99
CA ASP B 79 5.38 5.36 -4.98
C ASP B 79 5.80 6.76 -5.42
N GLU B 80 5.03 7.35 -6.34
CA GLU B 80 5.31 8.69 -6.85
C GLU B 80 6.51 8.70 -7.80
N ASP B 81 7.05 7.54 -8.13
CA ASP B 81 8.16 7.49 -9.05
C ASP B 81 7.68 8.02 -10.38
N THR B 82 8.61 8.33 -11.26
CA THR B 82 8.24 8.85 -12.57
C THR B 82 8.70 7.90 -13.68
N ILE B 83 8.07 8.03 -14.84
CA ILE B 83 8.41 7.23 -16.01
C ILE B 83 8.33 8.13 -17.23
N ASP B 84 9.47 8.56 -17.74
CA ASP B 84 9.51 9.48 -18.86
C ASP B 84 9.02 8.90 -20.20
N VAL B 85 8.05 9.60 -20.78
CA VAL B 85 7.48 9.28 -22.10
C VAL B 85 8.07 10.26 -23.09
N PHE B 86 8.59 9.77 -24.21
CA PHE B 86 9.12 10.64 -25.23
C PHE B 86 8.79 10.05 -26.58
N GLN B 87 7.82 10.66 -27.22
CA GLN B 87 7.37 10.19 -28.52
C GLN B 87 6.92 11.34 -29.41
N GLN B 88 7.68 11.61 -30.46
CA GLN B 88 7.36 12.70 -31.38
C GLN B 88 6.33 12.26 -32.42
N GLN B 89 5.52 13.21 -32.87
CA GLN B 89 4.50 12.93 -33.87
C GLN B 89 4.92 13.50 -35.22
N THR B 90 4.54 12.82 -36.29
CA THR B 90 4.88 13.27 -37.64
C THR B 90 3.74 13.01 -38.61
N THR C 1 -11.61 5.98 25.29
CA THR C 1 -11.66 4.99 24.18
C THR C 1 -12.41 3.73 24.58
N VAL C 2 -13.33 3.30 23.73
CA VAL C 2 -14.13 2.11 24.01
C VAL C 2 -14.32 1.27 22.74
N GLY C 3 -14.29 -0.05 22.90
CA GLY C 3 -14.46 -0.94 21.77
C GLY C 3 -14.51 -2.39 22.19
N ASP C 4 -13.67 -2.76 23.16
CA ASP C 4 -13.60 -4.12 23.67
C ASP C 4 -13.62 -5.15 22.54
N GLU C 5 -12.57 -5.15 21.72
CA GLU C 5 -12.47 -6.08 20.61
C GLU C 5 -13.60 -5.88 19.61
N ILE C 6 -13.34 -6.23 18.35
CA ILE C 6 -14.34 -6.09 17.29
C ILE C 6 -13.81 -6.64 15.97
N VAL C 7 -12.97 -7.67 16.04
CA VAL C 7 -12.38 -8.28 14.85
C VAL C 7 -11.74 -9.63 15.18
N ASP C 8 -11.13 -10.26 14.17
CA ASP C 8 -10.49 -11.56 14.36
C ASP C 8 -9.81 -12.05 13.08
N LEU C 9 -8.76 -12.84 13.24
CA LEU C 9 -8.01 -13.39 12.11
C LEU C 9 -8.94 -14.00 11.06
N THR C 10 -8.49 -13.97 9.80
CA THR C 10 -9.26 -14.52 8.69
C THR C 10 -8.48 -15.64 8.01
N CYS C 11 -8.85 -15.97 6.78
CA CYS C 11 -8.17 -17.03 6.03
C CYS C 11 -8.49 -16.94 4.54
N GLU C 12 -8.45 -15.74 4.00
CA GLU C 12 -8.75 -15.54 2.58
C GLU C 12 -8.01 -14.31 2.05
N SER C 13 -7.99 -14.17 0.72
CA SER C 13 -7.32 -13.04 0.08
C SER C 13 -8.24 -12.37 -0.93
N LEU C 14 -7.71 -11.37 -1.63
CA LEU C 14 -8.48 -10.64 -2.64
C LEU C 14 -7.77 -10.66 -3.99
N GLU C 15 -8.55 -10.45 -5.05
CA GLU C 15 -7.99 -10.43 -6.41
C GLU C 15 -6.75 -9.56 -6.49
N PRO C 16 -5.55 -10.18 -6.55
CA PRO C 16 -4.29 -9.46 -6.62
C PRO C 16 -3.84 -9.18 -8.05
N VAL C 17 -2.58 -8.76 -8.18
CA VAL C 17 -1.98 -8.45 -9.47
C VAL C 17 -2.89 -7.59 -10.35
N VAL C 18 -3.34 -6.47 -9.79
CA VAL C 18 -4.20 -5.54 -10.52
C VAL C 18 -3.69 -4.11 -10.33
N VAL C 19 -3.76 -3.29 -11.38
CA VAL C 19 -3.27 -1.91 -11.30
C VAL C 19 -4.07 -0.96 -12.19
N ASP C 20 -4.13 0.32 -11.80
CA ASP C 20 -4.86 1.33 -12.58
C ASP C 20 -5.00 2.66 -11.83
N LEU C 21 -5.05 3.76 -12.59
CA LEU C 21 -5.21 5.10 -12.02
C LEU C 21 -5.66 6.08 -13.10
N THR C 22 -6.42 5.59 -14.07
CA THR C 22 -6.90 6.41 -15.17
C THR C 22 -7.69 7.61 -14.66
N HIS C 23 -8.52 7.39 -13.64
CA HIS C 23 -9.32 8.46 -13.07
C HIS C 23 -8.44 9.47 -12.34
N ASN C 24 -8.82 10.75 -12.42
CA ASN C 24 -8.08 11.83 -11.78
C ASN C 24 -6.57 11.67 -11.98
N ASP C 25 -6.05 12.31 -13.01
CA ASP C 25 -4.62 12.24 -13.31
C ASP C 25 -3.86 13.37 -12.62
N GLY A 1 12.20 -16.11 19.00
CA GLY A 1 11.09 -15.13 19.18
C GLY A 1 9.72 -15.79 19.18
N THR A 2 8.85 -15.33 18.30
CA THR A 2 7.50 -15.88 18.19
C THR A 2 7.35 -16.72 16.93
N GLU A 3 6.21 -17.38 16.80
CA GLU A 3 5.94 -18.24 15.65
C GLU A 3 4.60 -17.88 15.00
N ASN A 4 4.00 -18.84 14.29
CA ASN A 4 2.73 -18.61 13.62
C ASN A 4 1.55 -18.63 14.60
N ASP A 5 1.83 -18.57 15.90
CA ASP A 5 0.77 -18.56 16.90
C ASP A 5 0.30 -17.13 17.12
N HIS A 6 -0.46 -16.89 18.18
CA HIS A 6 -0.93 -15.55 18.44
C HIS A 6 0.11 -14.72 19.16
N ILE A 7 -0.18 -13.44 19.21
CA ILE A 7 0.66 -12.47 19.90
C ILE A 7 -0.20 -11.23 20.11
N ASN A 8 -0.06 -10.61 21.26
CA ASN A 8 -0.89 -9.46 21.59
C ASN A 8 -0.33 -8.18 20.97
N LEU A 9 -1.23 -7.33 20.46
CA LEU A 9 -0.83 -6.06 19.86
C LEU A 9 -1.58 -4.93 20.50
N LYS A 10 -0.85 -3.94 20.97
CA LYS A 10 -1.48 -2.79 21.58
C LYS A 10 -1.77 -1.75 20.53
N VAL A 11 -3.03 -1.56 20.18
CA VAL A 11 -3.34 -0.53 19.21
C VAL A 11 -3.61 0.76 19.98
N ALA A 12 -2.82 1.78 19.70
CA ALA A 12 -2.94 3.06 20.38
C ALA A 12 -3.57 4.12 19.51
N GLY A 13 -4.48 4.88 20.09
CA GLY A 13 -5.15 5.93 19.37
C GLY A 13 -4.46 7.27 19.51
N GLN A 14 -4.72 8.14 18.56
CA GLN A 14 -4.14 9.47 18.56
C GLN A 14 -4.63 10.27 19.77
N ASP A 15 -5.67 9.77 20.43
CA ASP A 15 -6.23 10.45 21.60
C ASP A 15 -5.66 9.88 22.91
N GLY A 16 -4.83 8.84 22.82
CA GLY A 16 -4.24 8.25 24.00
C GLY A 16 -4.87 6.91 24.39
N SER A 17 -5.85 6.47 23.63
CA SER A 17 -6.53 5.21 23.90
C SER A 17 -5.92 4.10 23.07
N VAL A 18 -5.38 3.10 23.74
CA VAL A 18 -4.78 1.95 23.07
C VAL A 18 -5.56 0.68 23.46
N VAL A 19 -5.36 -0.41 22.72
CA VAL A 19 -6.05 -1.66 22.99
C VAL A 19 -5.13 -2.82 22.69
N GLN A 20 -5.26 -3.92 23.41
CA GLN A 20 -4.39 -5.05 23.17
C GLN A 20 -5.11 -6.21 22.48
N PHE A 21 -4.78 -6.40 21.21
CA PHE A 21 -5.37 -7.46 20.41
C PHE A 21 -4.31 -8.46 20.01
N LYS A 22 -4.45 -9.67 20.50
CA LYS A 22 -3.52 -10.71 20.12
C LYS A 22 -4.10 -11.51 19.00
N ILE A 23 -3.35 -11.64 17.91
CA ILE A 23 -3.83 -12.35 16.74
C ILE A 23 -2.68 -13.02 16.01
N LYS A 24 -2.88 -14.31 15.73
CA LYS A 24 -1.88 -15.12 15.02
C LYS A 24 -0.96 -14.23 14.16
N ARG A 25 0.34 -14.49 14.21
CA ARG A 25 1.31 -13.69 13.49
C ARG A 25 0.98 -13.55 12.01
N HIS A 26 1.02 -14.65 11.27
CA HIS A 26 0.73 -14.60 9.84
C HIS A 26 -0.71 -14.19 9.55
N THR A 27 -1.38 -13.54 10.51
CA THR A 27 -2.73 -13.11 10.30
C THR A 27 -2.76 -11.65 9.90
N PRO A 28 -3.61 -11.29 8.94
CA PRO A 28 -3.74 -9.91 8.52
C PRO A 28 -4.30 -9.07 9.65
N LEU A 29 -3.50 -8.14 10.11
CA LEU A 29 -3.87 -7.27 11.21
C LEU A 29 -5.28 -6.70 11.04
N SER A 30 -5.81 -6.74 9.81
CA SER A 30 -7.15 -6.24 9.56
C SER A 30 -8.15 -6.83 10.57
N LYS A 31 -7.79 -7.97 11.17
CA LYS A 31 -8.63 -8.60 12.17
C LYS A 31 -8.50 -7.81 13.47
N LEU A 32 -7.26 -7.58 13.87
CA LEU A 32 -6.94 -6.81 15.08
C LEU A 32 -7.68 -5.49 15.05
N MET A 33 -7.65 -4.81 13.90
CA MET A 33 -8.33 -3.54 13.77
C MET A 33 -9.84 -3.74 13.78
N LYS A 34 -10.31 -4.74 13.04
CA LYS A 34 -11.74 -5.02 12.98
C LYS A 34 -12.29 -5.15 14.39
N ALA A 35 -11.50 -5.73 15.28
CA ALA A 35 -11.90 -5.87 16.67
C ALA A 35 -11.88 -4.48 17.33
N TYR A 36 -10.88 -3.70 16.94
CA TYR A 36 -10.73 -2.32 17.40
C TYR A 36 -11.95 -1.52 17.01
N CYS A 37 -12.49 -1.80 15.82
CA CYS A 37 -13.69 -1.14 15.35
C CYS A 37 -14.87 -1.68 16.13
N GLU A 38 -14.81 -2.97 16.42
CA GLU A 38 -15.83 -3.63 17.21
C GLU A 38 -15.88 -2.97 18.58
N ARG A 39 -14.72 -2.98 19.21
CA ARG A 39 -14.50 -2.38 20.50
C ARG A 39 -15.27 -1.09 20.69
N GLN A 40 -15.19 -0.22 19.70
CA GLN A 40 -15.85 1.08 19.75
C GLN A 40 -16.95 1.17 18.67
N GLY A 41 -16.71 1.96 17.62
CA GLY A 41 -17.67 2.10 16.56
C GLY A 41 -17.05 2.76 15.34
N LEU A 42 -15.75 2.54 15.16
CA LEU A 42 -15.02 3.11 14.05
C LEU A 42 -15.39 2.45 12.73
N SER A 43 -14.66 2.80 11.68
CA SER A 43 -14.88 2.26 10.35
C SER A 43 -13.66 1.48 9.85
N MET A 44 -12.52 1.63 10.55
CA MET A 44 -11.27 0.99 10.16
C MET A 44 -10.79 1.52 8.81
N ARG A 45 -11.59 2.41 8.20
CA ARG A 45 -11.25 3.03 6.92
C ARG A 45 -10.95 4.50 7.19
N GLN A 46 -11.82 5.10 8.01
CA GLN A 46 -11.66 6.48 8.44
C GLN A 46 -10.54 6.53 9.48
N ILE A 47 -10.09 5.34 9.83
CA ILE A 47 -9.03 5.11 10.78
C ILE A 47 -7.94 4.28 10.11
N ARG A 48 -6.72 4.42 10.59
CA ARG A 48 -5.58 3.69 10.06
C ARG A 48 -4.58 3.40 11.15
N PHE A 49 -4.18 2.15 11.28
CA PHE A 49 -3.22 1.79 12.31
C PHE A 49 -1.80 1.87 11.79
N ARG A 50 -0.90 2.24 12.66
CA ARG A 50 0.50 2.29 12.37
C ARG A 50 1.18 1.47 13.43
N PHE A 51 2.14 0.70 13.02
CA PHE A 51 2.84 -0.18 13.92
C PHE A 51 4.07 0.53 14.43
N ASP A 52 4.56 0.06 15.57
CA ASP A 52 5.72 0.67 16.20
C ASP A 52 6.66 1.03 15.06
N GLY A 53 6.47 2.27 14.60
CA GLY A 53 7.20 2.80 13.48
C GLY A 53 6.91 2.04 12.18
N GLN A 54 5.65 2.06 11.67
CA GLN A 54 5.33 1.37 10.43
C GLN A 54 3.84 1.60 10.08
N PRO A 55 3.56 2.59 9.20
CA PRO A 55 2.19 3.01 8.78
C PRO A 55 1.15 1.89 8.54
N ILE A 56 1.42 0.70 9.01
CA ILE A 56 0.51 -0.46 8.91
C ILE A 56 -0.50 -0.44 7.77
N ASN A 57 -0.90 -1.65 7.41
CA ASN A 57 -1.89 -1.89 6.37
C ASN A 57 -2.98 -2.80 6.90
N GLU A 58 -3.90 -3.16 6.03
CA GLU A 58 -5.00 -4.04 6.41
C GLU A 58 -4.58 -5.51 6.28
N THR A 59 -3.67 -5.78 5.36
CA THR A 59 -3.19 -7.13 5.13
C THR A 59 -1.88 -7.40 5.87
N ASP A 60 -1.30 -6.36 6.46
CA ASP A 60 -0.05 -6.52 7.20
C ASP A 60 -0.24 -7.43 8.40
N THR A 61 0.76 -8.26 8.68
CA THR A 61 0.68 -9.17 9.81
C THR A 61 1.90 -9.06 10.70
N PRO A 62 1.72 -9.30 12.01
CA PRO A 62 2.80 -9.24 12.99
C PRO A 62 4.09 -9.85 12.45
N ALA A 63 3.99 -11.03 11.84
CA ALA A 63 5.15 -11.69 11.25
C ALA A 63 5.73 -10.86 10.15
N GLN A 64 4.79 -10.32 9.40
CA GLN A 64 5.07 -9.45 8.29
C GLN A 64 5.63 -8.13 8.81
N LEU A 65 5.31 -7.87 10.06
CA LEU A 65 5.70 -6.66 10.75
C LEU A 65 6.71 -6.96 11.85
N GLU A 66 7.14 -8.22 11.92
CA GLU A 66 8.09 -8.66 12.93
C GLU A 66 7.66 -8.19 14.32
N MET A 67 6.37 -8.34 14.59
CA MET A 67 5.79 -7.93 15.86
C MET A 67 5.89 -9.05 16.90
N GLU A 68 5.68 -8.69 18.16
CA GLU A 68 5.74 -9.67 19.24
C GLU A 68 4.44 -9.76 20.00
N ASP A 69 4.47 -10.56 21.05
CA ASP A 69 3.32 -10.74 21.89
C ASP A 69 3.30 -9.68 22.99
N GLU A 70 2.36 -8.77 22.81
CA GLU A 70 2.12 -7.62 23.69
C GLU A 70 2.63 -6.34 23.05
N ASP A 71 3.11 -6.47 21.81
CA ASP A 71 3.62 -5.32 21.07
C ASP A 71 2.59 -4.21 21.05
N THR A 72 2.82 -3.21 20.24
CA THR A 72 1.88 -2.11 20.14
C THR A 72 1.62 -1.72 18.71
N ILE A 73 0.34 -1.66 18.41
CA ILE A 73 -0.14 -1.21 17.13
C ILE A 73 -0.54 0.22 17.37
N ASP A 74 -0.17 1.10 16.49
CA ASP A 74 -0.51 2.50 16.67
C ASP A 74 -1.69 2.85 15.81
N VAL A 75 -2.54 3.71 16.30
CA VAL A 75 -3.71 4.11 15.54
C VAL A 75 -3.56 5.53 15.04
N PHE A 76 -3.87 5.67 13.78
CA PHE A 76 -3.87 6.94 13.10
C PHE A 76 -5.07 6.92 12.21
N GLN A 77 -5.91 7.86 12.39
CA GLN A 77 -7.13 7.91 11.61
C GLN A 77 -6.94 8.78 10.37
N GLN A 78 -7.12 8.17 9.20
CA GLN A 78 -6.95 8.85 7.93
C GLN A 78 -5.59 9.54 7.84
N GLN A 79 -5.35 10.24 6.74
CA GLN A 79 -4.06 10.91 6.52
C GLN A 79 -2.93 9.93 6.81
N THR A 80 -3.20 8.67 6.50
CA THR A 80 -2.25 7.58 6.75
C THR A 80 -2.21 6.60 5.57
N GLY A 81 -1.08 5.94 5.39
CA GLY A 81 -0.94 4.97 4.31
C GLY A 81 0.52 4.63 4.00
N GLY A 82 0.86 3.35 4.13
CA GLY A 82 2.23 2.93 3.86
C GLY A 82 2.66 1.74 4.71
N GLY B 1 -10.37 10.28 0.82
CA GLY B 1 -9.43 11.30 0.26
C GLY B 1 -8.08 11.30 0.95
N SER B 2 -7.51 10.10 1.13
CA SER B 2 -6.21 9.96 1.78
C SER B 2 -5.12 10.57 0.91
N GLU B 3 -5.04 11.90 0.92
CA GLU B 3 -4.04 12.64 0.16
C GLU B 3 -3.71 11.95 -1.18
N GLU B 4 -2.65 11.13 -1.19
CA GLU B 4 -2.25 10.44 -2.41
C GLU B 4 -1.02 9.56 -2.17
N LYS B 5 -0.55 8.91 -3.26
CA LYS B 5 0.61 8.00 -3.23
C LYS B 5 1.40 8.06 -1.91
N PRO B 6 1.71 6.89 -1.31
CA PRO B 6 2.48 6.83 -0.06
C PRO B 6 3.80 7.57 -0.16
N LYS B 7 4.03 8.52 0.74
CA LYS B 7 5.31 9.23 0.75
C LYS B 7 6.38 8.23 1.14
N GLU B 8 6.83 7.45 0.16
CA GLU B 8 7.79 6.41 0.41
C GLU B 8 7.17 5.41 1.39
N GLY B 9 6.10 4.76 0.92
CA GLY B 9 5.39 3.81 1.76
C GLY B 9 5.05 2.52 1.05
N VAL B 10 6.08 1.77 0.66
CA VAL B 10 5.90 0.50 -0.03
C VAL B 10 6.46 -0.64 0.79
N LYS B 11 5.70 -1.72 0.84
CA LYS B 11 6.06 -2.92 1.55
C LYS B 11 5.78 -4.11 0.66
N THR B 12 4.50 -4.44 0.57
CA THR B 12 4.02 -5.51 -0.28
C THR B 12 3.61 -4.89 -1.60
N GLU B 13 3.02 -5.64 -2.51
CA GLU B 13 2.60 -5.05 -3.77
C GLU B 13 1.41 -4.16 -3.51
N ASN B 14 0.26 -4.79 -3.23
CA ASN B 14 -0.98 -4.07 -2.97
C ASN B 14 -0.84 -3.06 -1.83
N ASP B 15 -0.17 -1.95 -2.16
CA ASP B 15 0.06 -0.85 -1.23
C ASP B 15 0.42 0.40 -2.04
N HIS B 16 -0.16 0.49 -3.24
CA HIS B 16 0.03 1.58 -4.18
C HIS B 16 1.31 2.39 -4.00
N ILE B 17 1.90 2.73 -5.13
CA ILE B 17 3.11 3.56 -5.19
C ILE B 17 2.98 4.53 -6.32
N ASN B 18 3.61 5.68 -6.21
CA ASN B 18 3.55 6.66 -7.26
C ASN B 18 4.62 6.36 -8.30
N LEU B 19 4.20 6.09 -9.52
CA LEU B 19 5.16 5.79 -10.56
C LEU B 19 5.38 6.98 -11.46
N LYS B 20 6.61 7.45 -11.49
CA LYS B 20 6.97 8.59 -12.29
C LYS B 20 7.37 8.18 -13.68
N VAL B 21 6.85 8.87 -14.69
CA VAL B 21 7.22 8.57 -16.06
C VAL B 21 7.92 9.79 -16.67
N ALA B 22 9.10 9.58 -17.22
CA ALA B 22 9.88 10.66 -17.81
C ALA B 22 9.76 10.63 -19.32
N GLY B 23 9.06 11.61 -19.90
CA GLY B 23 8.86 11.62 -21.33
C GLY B 23 9.73 12.60 -22.11
N GLN B 24 10.28 12.10 -23.21
CA GLN B 24 11.11 12.89 -24.11
C GLN B 24 12.27 13.57 -23.42
N ASP B 25 12.66 13.05 -22.28
CA ASP B 25 13.77 13.60 -21.51
C ASP B 25 13.65 15.11 -21.33
N GLY B 26 12.42 15.58 -21.15
CA GLY B 26 12.17 16.99 -20.96
C GLY B 26 11.65 17.30 -19.57
N SER B 27 11.11 16.27 -18.92
CA SER B 27 10.55 16.39 -17.59
C SER B 27 10.10 15.03 -17.08
N VAL B 28 9.14 15.03 -16.17
CA VAL B 28 8.65 13.80 -15.61
C VAL B 28 7.20 13.92 -15.18
N VAL B 29 6.55 12.78 -15.07
CA VAL B 29 5.18 12.72 -14.61
C VAL B 29 5.12 11.76 -13.46
N GLN B 30 4.18 11.97 -12.58
CA GLN B 30 4.08 11.11 -11.41
C GLN B 30 2.75 10.37 -11.38
N PHE B 31 2.83 9.08 -11.65
CA PHE B 31 1.67 8.19 -11.67
C PHE B 31 1.55 7.51 -10.35
N LYS B 32 0.41 6.88 -10.11
CA LYS B 32 0.23 6.11 -8.91
C LYS B 32 -0.19 4.73 -9.36
N ILE B 33 0.50 3.75 -8.83
CA ILE B 33 0.27 2.39 -9.20
C ILE B 33 0.81 1.44 -8.16
N LYS B 34 0.01 0.45 -7.79
CA LYS B 34 0.43 -0.52 -6.82
C LYS B 34 1.69 -1.22 -7.29
N ARG B 35 1.55 -2.42 -7.83
CA ARG B 35 2.68 -3.18 -8.34
C ARG B 35 2.18 -4.38 -9.13
N HIS B 36 1.54 -5.30 -8.41
CA HIS B 36 1.00 -6.51 -9.03
C HIS B 36 0.18 -6.17 -10.27
N THR B 37 -0.33 -4.94 -10.32
CA THR B 37 -1.06 -4.49 -11.50
C THR B 37 -0.11 -4.25 -12.63
N PRO B 38 -0.56 -4.53 -13.82
CA PRO B 38 0.21 -4.38 -15.05
C PRO B 38 0.50 -2.92 -15.33
N LEU B 39 1.61 -2.67 -16.01
CA LEU B 39 2.04 -1.32 -16.32
C LEU B 39 1.20 -0.71 -17.43
N SER B 40 0.49 -1.53 -18.20
CA SER B 40 -0.35 -1.04 -19.30
C SER B 40 -1.18 0.16 -18.83
N LYS B 41 -1.86 -0.01 -17.69
CA LYS B 41 -2.68 1.02 -17.11
C LYS B 41 -1.85 2.29 -16.91
N LEU B 42 -0.55 2.09 -16.75
CA LEU B 42 0.41 3.17 -16.54
C LEU B 42 0.79 3.87 -17.85
N MET B 43 1.29 3.08 -18.80
CA MET B 43 1.74 3.60 -20.09
C MET B 43 0.71 4.48 -20.78
N LYS B 44 -0.57 4.23 -20.53
CA LYS B 44 -1.64 5.04 -21.15
C LYS B 44 -1.77 6.39 -20.48
N ALA B 45 -1.75 6.40 -19.13
CA ALA B 45 -1.88 7.66 -18.39
C ALA B 45 -1.10 8.76 -19.07
N TYR B 46 0.20 8.53 -19.26
CA TYR B 46 1.06 9.50 -19.90
C TYR B 46 0.54 9.93 -21.27
N CYS B 47 -0.17 9.03 -21.92
CA CYS B 47 -0.74 9.29 -23.23
C CYS B 47 -1.91 10.22 -23.05
N GLU B 48 -2.80 9.83 -22.17
CA GLU B 48 -3.96 10.65 -21.87
C GLU B 48 -3.49 11.95 -21.22
N ARG B 49 -2.24 11.94 -20.75
CA ARG B 49 -1.59 13.07 -20.12
C ARG B 49 -0.95 13.99 -21.14
N GLN B 50 -0.07 13.40 -21.93
CA GLN B 50 0.68 14.11 -22.97
C GLN B 50 -0.05 14.09 -24.29
N GLY B 51 -0.68 12.96 -24.56
CA GLY B 51 -1.35 12.76 -25.83
C GLY B 51 -0.52 11.83 -26.67
N LEU B 52 -0.52 10.57 -26.28
CA LEU B 52 0.26 9.54 -26.97
C LEU B 52 -0.67 8.38 -27.33
N SER B 53 -0.12 7.24 -27.72
CA SER B 53 -0.95 6.10 -28.06
C SER B 53 -0.70 4.93 -27.10
N MET B 54 0.13 5.17 -26.09
CA MET B 54 0.46 4.14 -25.09
C MET B 54 1.40 3.13 -25.71
N ARG B 55 0.86 2.34 -26.60
CA ARG B 55 1.62 1.34 -27.31
C ARG B 55 2.70 2.00 -28.16
N GLN B 56 2.41 3.22 -28.62
CA GLN B 56 3.31 3.96 -29.49
C GLN B 56 4.54 4.50 -28.78
N ILE B 57 4.48 4.71 -27.47
CA ILE B 57 5.64 5.22 -26.74
C ILE B 57 6.55 4.11 -26.32
N ARG B 58 7.72 4.48 -25.87
CA ARG B 58 8.71 3.51 -25.41
C ARG B 58 9.07 3.85 -23.98
N PHE B 59 8.79 2.94 -23.05
CA PHE B 59 9.08 3.19 -21.66
C PHE B 59 10.28 2.39 -21.18
N ARG B 60 10.80 2.81 -20.04
CA ARG B 60 11.91 2.15 -19.41
C ARG B 60 11.81 2.34 -17.90
N PHE B 61 12.22 1.34 -17.17
CA PHE B 61 12.22 1.37 -15.73
C PHE B 61 13.63 1.06 -15.26
N ASP B 62 14.01 1.52 -14.07
CA ASP B 62 15.37 1.28 -13.57
C ASP B 62 15.86 -0.14 -13.87
N GLY B 63 16.42 -0.30 -15.06
CA GLY B 63 16.96 -1.59 -15.49
C GLY B 63 15.94 -2.47 -16.21
N GLN B 64 14.92 -1.85 -16.78
CA GLN B 64 13.90 -2.60 -17.52
C GLN B 64 13.26 -1.77 -18.63
N PRO B 65 13.09 -2.38 -19.82
CA PRO B 65 12.48 -1.74 -21.00
C PRO B 65 10.97 -1.88 -21.02
N ILE B 66 10.51 -2.71 -20.10
CA ILE B 66 9.11 -3.03 -19.91
C ILE B 66 8.34 -3.14 -21.22
N ASN B 67 7.10 -3.62 -21.13
CA ASN B 67 6.26 -3.79 -22.31
C ASN B 67 4.81 -3.62 -21.93
N GLU B 68 4.53 -2.45 -21.38
CA GLU B 68 3.19 -2.06 -20.93
C GLU B 68 2.41 -3.22 -20.31
N THR B 69 3.09 -4.32 -19.98
CA THR B 69 2.45 -5.48 -19.38
C THR B 69 3.26 -5.95 -18.18
N ASP B 70 4.40 -5.30 -17.96
CA ASP B 70 5.24 -5.58 -16.82
C ASP B 70 4.60 -4.91 -15.63
N THR B 71 4.53 -5.59 -14.52
CA THR B 71 3.93 -4.99 -13.34
C THR B 71 5.03 -4.44 -12.48
N PRO B 72 4.85 -3.25 -11.91
CA PRO B 72 5.89 -2.67 -11.08
C PRO B 72 6.39 -3.66 -10.04
N ALA B 73 5.49 -4.55 -9.61
CA ALA B 73 5.86 -5.57 -8.63
C ALA B 73 6.91 -6.50 -9.21
N GLN B 74 6.57 -7.20 -10.29
CA GLN B 74 7.49 -8.11 -10.93
C GLN B 74 8.79 -7.42 -11.27
N LEU B 75 8.73 -6.11 -11.47
CA LEU B 75 9.90 -5.32 -11.79
C LEU B 75 10.54 -4.78 -10.51
N GLU B 76 9.77 -4.87 -9.43
CA GLU B 76 10.20 -4.45 -8.10
C GLU B 76 10.30 -2.94 -7.94
N MET B 77 9.48 -2.21 -8.69
CA MET B 77 9.43 -0.75 -8.63
C MET B 77 9.30 -0.28 -7.18
N GLU B 78 8.90 0.97 -6.94
CA GLU B 78 8.76 1.46 -5.56
C GLU B 78 8.03 2.81 -5.54
N ASP B 79 8.07 3.48 -4.41
CA ASP B 79 7.40 4.76 -4.28
C ASP B 79 8.17 5.91 -4.92
N GLU B 80 7.61 6.44 -6.02
CA GLU B 80 8.20 7.56 -6.78
C GLU B 80 9.03 7.07 -7.97
N ASP B 81 9.26 5.77 -8.05
CA ASP B 81 10.00 5.15 -9.13
C ASP B 81 9.72 5.84 -10.45
N THR B 82 10.77 6.18 -11.18
CA THR B 82 10.58 6.84 -12.46
C THR B 82 10.75 5.85 -13.62
N ILE B 83 9.88 5.98 -14.59
CA ILE B 83 9.92 5.20 -15.80
C ILE B 83 10.23 6.19 -16.91
N ASP B 84 11.03 5.82 -17.90
CA ASP B 84 11.37 6.79 -18.93
C ASP B 84 10.69 6.52 -20.27
N VAL B 85 9.93 7.52 -20.72
CA VAL B 85 9.23 7.48 -22.00
C VAL B 85 10.05 8.19 -23.07
N PHE B 86 10.44 7.46 -24.10
CA PHE B 86 11.19 8.06 -25.19
C PHE B 86 10.58 7.63 -26.49
N GLN B 87 9.87 8.54 -27.12
CA GLN B 87 9.20 8.26 -28.37
C GLN B 87 9.18 9.50 -29.26
N GLN B 88 9.87 9.41 -30.40
CA GLN B 88 9.93 10.54 -31.34
C GLN B 88 8.58 10.80 -31.98
N GLN B 89 8.42 12.00 -32.54
CA GLN B 89 7.17 12.37 -33.19
C GLN B 89 6.92 11.51 -34.43
N THR B 90 5.89 10.68 -34.36
CA THR B 90 5.55 9.79 -35.47
C THR B 90 4.29 8.98 -35.16
N THR C 1 -16.04 2.07 23.31
CA THR C 1 -14.80 1.76 24.06
C THR C 1 -15.12 1.03 25.37
N VAL C 2 -14.89 -0.29 25.37
CA VAL C 2 -15.16 -1.10 26.56
C VAL C 2 -14.12 -2.21 26.71
N GLY C 3 -13.83 -2.88 25.60
CA GLY C 3 -12.84 -3.96 25.63
C GLY C 3 -13.46 -5.32 25.39
N ASP C 4 -12.96 -6.03 24.39
CA ASP C 4 -13.48 -7.35 24.06
C ASP C 4 -12.43 -8.17 23.29
N GLU C 5 -11.77 -7.54 22.33
CA GLU C 5 -10.75 -8.22 21.53
C GLU C 5 -11.39 -9.27 20.60
N ILE C 6 -11.66 -10.46 21.13
CA ILE C 6 -12.28 -11.55 20.37
C ILE C 6 -11.66 -11.69 18.97
N VAL C 7 -12.24 -12.57 18.16
CA VAL C 7 -11.77 -12.82 16.80
C VAL C 7 -10.27 -13.20 16.80
N ASP C 8 -9.42 -12.38 16.18
CA ASP C 8 -7.99 -12.64 16.12
C ASP C 8 -7.67 -14.08 15.73
N LEU C 9 -7.14 -14.27 14.52
CA LEU C 9 -6.78 -15.61 14.03
C LEU C 9 -6.33 -15.58 12.57
N THR C 10 -5.28 -16.35 12.24
CA THR C 10 -4.73 -16.40 10.88
C THR C 10 -5.78 -16.83 9.86
N CYS C 11 -5.84 -16.09 8.75
CA CYS C 11 -6.78 -16.37 7.68
C CYS C 11 -6.50 -15.50 6.45
N GLU C 12 -7.24 -15.74 5.37
CA GLU C 12 -7.05 -14.97 4.15
C GLU C 12 -7.41 -13.50 4.37
N SER C 13 -6.75 -12.62 3.62
CA SER C 13 -7.00 -11.19 3.73
C SER C 13 -8.17 -10.76 2.83
N LEU C 14 -7.88 -10.56 1.56
CA LEU C 14 -8.90 -10.15 0.60
C LEU C 14 -8.36 -10.19 -0.83
N GLU C 15 -7.13 -9.72 -1.02
CA GLU C 15 -6.49 -9.69 -2.33
C GLU C 15 -7.45 -9.19 -3.41
N PRO C 16 -7.54 -7.86 -3.58
CA PRO C 16 -8.43 -7.26 -4.59
C PRO C 16 -7.86 -7.38 -5.99
N VAL C 17 -6.57 -7.12 -6.14
CA VAL C 17 -5.91 -7.20 -7.44
C VAL C 17 -6.40 -6.11 -8.38
N VAL C 18 -6.26 -4.86 -7.95
CA VAL C 18 -6.69 -3.71 -8.75
C VAL C 18 -5.87 -2.48 -8.41
N VAL C 19 -5.82 -1.53 -9.34
CA VAL C 19 -5.06 -0.31 -9.13
C VAL C 19 -5.68 0.88 -9.89
N ASP C 20 -5.38 2.08 -9.41
CA ASP C 20 -5.89 3.30 -10.03
C ASP C 20 -4.76 4.31 -10.19
N LEU C 21 -4.76 5.04 -11.30
CA LEU C 21 -3.74 6.03 -11.57
C LEU C 21 -4.12 7.39 -10.99
N THR C 22 -3.26 8.39 -11.22
CA THR C 22 -3.49 9.74 -10.73
C THR C 22 -4.17 10.61 -11.79
N HIS C 23 -4.94 9.97 -12.66
CA HIS C 23 -5.66 10.68 -13.73
C HIS C 23 -4.75 11.70 -14.43
N ASN C 24 -5.35 12.52 -15.28
CA ASN C 24 -4.60 13.52 -16.03
C ASN C 24 -3.93 14.52 -15.07
N ASP C 25 -2.82 15.09 -15.52
CA ASP C 25 -2.08 16.05 -14.71
C ASP C 25 -2.74 17.43 -14.78
N GLY A 1 8.75 -22.94 18.02
CA GLY A 1 7.99 -22.69 16.76
C GLY A 1 6.52 -22.42 17.02
N THR A 2 5.67 -22.91 16.12
CA THR A 2 4.23 -22.72 16.25
C THR A 2 3.88 -21.24 16.34
N GLU A 3 4.61 -20.40 15.61
CA GLU A 3 4.36 -18.96 15.63
C GLU A 3 3.22 -18.59 14.69
N ASN A 4 2.07 -19.23 14.87
CA ASN A 4 0.90 -18.95 14.05
C ASN A 4 -0.37 -19.02 14.88
N ASP A 5 -0.24 -18.98 16.20
CA ASP A 5 -1.40 -18.99 17.08
C ASP A 5 -1.90 -17.56 17.20
N HIS A 6 -2.66 -17.24 18.24
CA HIS A 6 -3.11 -15.88 18.39
C HIS A 6 -2.14 -15.07 19.22
N ILE A 7 -2.37 -13.76 19.18
CA ILE A 7 -1.60 -12.82 19.96
C ILE A 7 -2.40 -11.54 20.03
N ASN A 8 -2.39 -10.93 21.20
CA ASN A 8 -3.17 -9.73 21.40
C ASN A 8 -2.41 -8.48 20.94
N LEU A 9 -3.10 -7.59 20.25
CA LEU A 9 -2.50 -6.36 19.78
C LEU A 9 -3.20 -5.18 20.40
N LYS A 10 -2.43 -4.21 20.81
CA LYS A 10 -2.99 -3.03 21.40
C LYS A 10 -3.01 -1.92 20.38
N VAL A 11 -4.18 -1.58 19.90
CA VAL A 11 -4.26 -0.54 18.91
C VAL A 11 -4.50 0.80 19.61
N ALA A 12 -3.63 1.77 19.34
CA ALA A 12 -3.73 3.09 19.94
C ALA A 12 -4.32 4.09 18.97
N GLY A 13 -5.33 4.81 19.42
CA GLY A 13 -5.95 5.80 18.56
C GLY A 13 -5.31 7.15 18.67
N GLN A 14 -5.58 7.99 17.69
CA GLN A 14 -5.03 9.33 17.65
C GLN A 14 -5.52 10.16 18.84
N ASP A 15 -6.58 9.68 19.49
CA ASP A 15 -7.16 10.38 20.65
C ASP A 15 -6.51 9.91 21.95
N GLY A 16 -5.55 8.99 21.87
CA GLY A 16 -4.89 8.50 23.07
C GLY A 16 -5.49 7.23 23.62
N SER A 17 -6.55 6.74 22.96
CA SER A 17 -7.22 5.52 23.39
C SER A 17 -6.78 4.36 22.52
N VAL A 18 -6.26 3.33 23.18
CA VAL A 18 -5.81 2.11 22.51
C VAL A 18 -6.79 0.98 22.80
N VAL A 19 -6.69 -0.12 22.04
CA VAL A 19 -7.59 -1.26 22.23
C VAL A 19 -6.85 -2.56 22.03
N GLN A 20 -7.30 -3.60 22.72
CA GLN A 20 -6.65 -4.89 22.59
C GLN A 20 -7.37 -5.75 21.56
N PHE A 21 -6.58 -6.40 20.73
CA PHE A 21 -7.11 -7.27 19.69
C PHE A 21 -6.15 -8.40 19.42
N LYS A 22 -6.56 -9.60 19.73
CA LYS A 22 -5.71 -10.74 19.47
C LYS A 22 -6.26 -11.50 18.29
N ILE A 23 -5.37 -11.74 17.35
CA ILE A 23 -5.73 -12.42 16.13
C ILE A 23 -4.52 -13.15 15.58
N LYS A 24 -4.74 -14.43 15.26
CA LYS A 24 -3.70 -15.30 14.75
C LYS A 24 -2.62 -14.51 14.02
N ARG A 25 -1.36 -14.84 14.28
CA ARG A 25 -0.23 -14.12 13.71
C ARG A 25 -0.31 -13.96 12.20
N HIS A 26 -0.44 -15.06 11.47
CA HIS A 26 -0.49 -15.00 10.01
C HIS A 26 -1.83 -14.45 9.50
N THR A 27 -2.50 -13.63 10.31
CA THR A 27 -3.76 -13.05 9.87
C THR A 27 -3.56 -11.58 9.54
N PRO A 28 -4.22 -11.09 8.50
CA PRO A 28 -4.10 -9.69 8.11
C PRO A 28 -4.65 -8.77 9.17
N LEU A 29 -3.84 -7.84 9.60
CA LEU A 29 -4.23 -6.89 10.63
C LEU A 29 -5.48 -6.12 10.23
N SER A 30 -5.82 -6.15 8.94
CA SER A 30 -7.02 -5.47 8.46
C SER A 30 -8.23 -5.91 9.29
N LYS A 31 -8.13 -7.08 9.89
CA LYS A 31 -9.19 -7.59 10.74
C LYS A 31 -9.15 -6.87 12.08
N LEU A 32 -7.94 -6.77 12.62
CA LEU A 32 -7.71 -6.08 13.89
C LEU A 32 -8.19 -4.64 13.79
N MET A 33 -7.86 -3.97 12.68
CA MET A 33 -8.28 -2.58 12.47
C MET A 33 -9.77 -2.49 12.22
N LYS A 34 -10.29 -3.41 11.39
CA LYS A 34 -11.71 -3.43 11.08
C LYS A 34 -12.53 -3.46 12.37
N ALA A 35 -12.03 -4.22 13.34
CA ALA A 35 -12.69 -4.32 14.64
C ALA A 35 -12.53 -3.00 15.38
N TYR A 36 -11.35 -2.40 15.24
CA TYR A 36 -11.06 -1.11 15.85
C TYR A 36 -11.95 -0.05 15.26
N CYS A 37 -12.13 -0.12 13.95
CA CYS A 37 -12.99 0.81 13.24
C CYS A 37 -14.42 0.59 13.69
N GLU A 38 -14.74 -0.67 13.92
CA GLU A 38 -16.04 -1.08 14.39
C GLU A 38 -16.24 -0.57 15.80
N ARG A 39 -15.17 -0.62 16.56
CA ARG A 39 -15.13 -0.22 17.94
C ARG A 39 -15.40 1.26 18.17
N GLN A 40 -14.74 2.10 17.36
CA GLN A 40 -14.83 3.54 17.53
C GLN A 40 -15.61 4.26 16.43
N GLY A 41 -15.95 3.57 15.36
CA GLY A 41 -16.70 4.23 14.29
C GLY A 41 -15.79 4.79 13.20
N LEU A 42 -14.50 4.46 13.26
CA LEU A 42 -13.56 4.94 12.26
C LEU A 42 -14.00 4.51 10.87
N SER A 43 -13.31 5.02 9.86
CA SER A 43 -13.63 4.70 8.47
C SER A 43 -12.71 3.60 7.94
N MET A 44 -11.57 3.45 8.57
CA MET A 44 -10.58 2.48 8.16
C MET A 44 -9.84 3.00 6.92
N ARG A 45 -10.58 3.39 5.89
CA ARG A 45 -9.95 3.96 4.70
C ARG A 45 -9.35 5.31 5.07
N GLN A 46 -9.98 5.94 6.05
CA GLN A 46 -9.56 7.22 6.60
C GLN A 46 -8.57 7.02 7.75
N ILE A 47 -8.33 5.76 8.04
CA ILE A 47 -7.44 5.36 9.11
C ILE A 47 -6.25 4.58 8.58
N ARG A 48 -5.14 4.77 9.22
CA ARG A 48 -3.96 4.04 8.89
C ARG A 48 -3.39 3.58 10.20
N PHE A 49 -3.33 2.29 10.40
CA PHE A 49 -2.80 1.81 11.64
C PHE A 49 -1.32 1.68 11.49
N ARG A 50 -0.59 1.96 12.52
CA ARG A 50 0.82 1.79 12.49
C ARG A 50 1.20 0.94 13.67
N PHE A 51 2.12 0.05 13.47
CA PHE A 51 2.57 -0.85 14.51
C PHE A 51 3.75 -0.20 15.19
N ASP A 52 4.04 -0.60 16.41
CA ASP A 52 5.14 0.02 17.15
C ASP A 52 6.25 0.28 16.15
N GLY A 53 6.26 1.53 15.69
CA GLY A 53 7.19 1.99 14.68
C GLY A 53 7.18 1.13 13.43
N GLN A 54 6.02 1.03 12.77
CA GLN A 54 5.88 0.25 11.54
C GLN A 54 4.51 0.54 10.91
N PRO A 55 4.43 1.70 10.24
CA PRO A 55 3.23 2.26 9.57
C PRO A 55 2.20 1.27 8.99
N ILE A 56 1.89 0.22 9.72
CA ILE A 56 0.95 -0.82 9.33
C ILE A 56 0.15 -0.64 8.04
N ASN A 57 -0.08 -1.81 7.45
CA ASN A 57 -0.87 -1.98 6.25
C ASN A 57 -2.14 -2.74 6.59
N GLU A 58 -2.98 -2.98 5.59
CA GLU A 58 -4.22 -3.72 5.81
C GLU A 58 -3.97 -5.21 5.84
N THR A 59 -3.05 -5.66 5.00
CA THR A 59 -2.72 -7.08 4.90
C THR A 59 -1.63 -7.49 5.88
N ASP A 60 -0.82 -6.52 6.31
CA ASP A 60 0.26 -6.81 7.25
C ASP A 60 -0.24 -7.60 8.46
N THR A 61 0.51 -8.61 8.86
CA THR A 61 0.14 -9.44 10.00
C THR A 61 1.20 -9.38 11.09
N PRO A 62 0.78 -9.59 12.36
CA PRO A 62 1.68 -9.58 13.51
C PRO A 62 2.96 -10.35 13.22
N ALA A 63 2.85 -11.54 12.59
CA ALA A 63 4.02 -12.33 12.24
C ALA A 63 4.83 -11.59 11.21
N GLN A 64 4.09 -11.08 10.26
CA GLN A 64 4.61 -10.31 9.17
C GLN A 64 5.23 -9.02 9.71
N LEU A 65 4.85 -8.71 10.94
CA LEU A 65 5.28 -7.53 11.62
C LEU A 65 6.10 -7.86 12.86
N GLU A 66 6.39 -9.14 13.03
CA GLU A 66 7.15 -9.62 14.17
C GLU A 66 6.56 -9.06 15.46
N MET A 67 5.24 -9.14 15.55
CA MET A 67 4.52 -8.64 16.71
C MET A 67 4.36 -9.75 17.74
N GLU A 68 3.84 -9.41 18.93
CA GLU A 68 3.68 -10.41 19.98
C GLU A 68 2.29 -10.42 20.56
N ASP A 69 2.16 -11.21 21.61
CA ASP A 69 0.94 -11.32 22.33
C ASP A 69 0.90 -10.22 23.40
N GLU A 70 -0.05 -9.35 23.20
CA GLU A 70 -0.22 -8.17 24.04
C GLU A 70 0.79 -7.15 23.58
N ASP A 71 0.76 -6.92 22.28
CA ASP A 71 1.61 -5.93 21.66
C ASP A 71 0.80 -4.68 21.49
N THR A 72 1.30 -3.72 20.76
CA THR A 72 0.54 -2.51 20.55
C THR A 72 0.55 -2.11 19.09
N ILE A 73 -0.65 -1.95 18.58
CA ILE A 73 -0.87 -1.49 17.25
C ILE A 73 -1.16 -0.02 17.39
N ASP A 74 -0.58 0.78 16.55
CA ASP A 74 -0.79 2.21 16.63
C ASP A 74 -1.80 2.63 15.60
N VAL A 75 -2.66 3.55 15.96
CA VAL A 75 -3.65 4.02 15.03
C VAL A 75 -3.42 5.46 14.67
N PHE A 76 -3.58 5.70 13.40
CA PHE A 76 -3.42 7.01 12.83
C PHE A 76 -4.41 7.12 11.69
N GLN A 77 -5.00 8.27 11.54
CA GLN A 77 -6.00 8.48 10.51
C GLN A 77 -5.40 9.22 9.32
N GLN A 78 -5.23 8.51 8.21
CA GLN A 78 -4.66 9.09 7.00
C GLN A 78 -3.35 9.83 7.30
N GLN A 79 -2.27 9.07 7.42
CA GLN A 79 -0.95 9.64 7.69
C GLN A 79 0.06 8.53 7.96
N THR A 80 0.44 7.81 6.92
CA THR A 80 1.40 6.73 7.05
C THR A 80 2.26 6.58 5.79
N GLY A 81 3.14 5.58 5.82
CA GLY A 81 4.02 5.35 4.68
C GLY A 81 5.01 4.23 4.97
N GLY A 82 4.61 3.00 4.68
CA GLY A 82 5.49 1.86 4.91
C GLY A 82 4.97 0.61 4.24
N GLY B 1 3.21 11.57 7.54
CA GLY B 1 2.16 12.44 6.94
C GLY B 1 1.70 11.94 5.58
N SER B 2 1.74 12.81 4.59
CA SER B 2 1.33 12.45 3.24
C SER B 2 -0.12 11.95 3.22
N GLU B 3 -0.60 11.59 2.04
CA GLU B 3 -1.96 11.10 1.89
C GLU B 3 -2.01 9.81 1.09
N GLU B 4 -1.25 9.77 0.00
CA GLU B 4 -1.21 8.60 -0.87
C GLU B 4 0.04 7.75 -0.62
N LYS B 5 0.41 6.96 -1.63
CA LYS B 5 1.58 6.06 -1.58
C LYS B 5 2.63 6.47 -0.55
N PRO B 6 3.12 5.50 0.26
CA PRO B 6 4.14 5.75 1.28
C PRO B 6 5.26 6.67 0.82
N LYS B 7 5.28 7.91 1.32
CA LYS B 7 6.34 8.84 0.96
C LYS B 7 7.67 8.16 1.19
N GLU B 8 8.21 7.56 0.14
CA GLU B 8 9.46 6.82 0.24
C GLU B 8 9.23 5.63 1.16
N GLY B 9 8.41 4.68 0.71
CA GLY B 9 8.09 3.51 1.51
C GLY B 9 7.87 2.27 0.67
N VAL B 10 8.95 1.64 0.22
CA VAL B 10 8.86 0.44 -0.60
C VAL B 10 9.67 -0.69 -0.01
N LYS B 11 9.42 -0.96 1.25
CA LYS B 11 10.10 -2.02 1.97
C LYS B 11 10.10 -3.33 1.18
N THR B 12 8.98 -4.03 1.25
CA THR B 12 8.84 -5.32 0.59
C THR B 12 7.88 -5.25 -0.60
N GLU B 13 8.30 -4.56 -1.65
CA GLU B 13 7.47 -4.41 -2.85
C GLU B 13 6.07 -3.93 -2.48
N ASN B 14 5.14 -4.87 -2.26
CA ASN B 14 3.77 -4.53 -1.92
C ASN B 14 3.69 -3.48 -0.82
N ASP B 15 3.61 -2.22 -1.24
CA ASP B 15 3.52 -1.08 -0.32
C ASP B 15 3.45 0.22 -1.12
N HIS B 16 2.75 0.15 -2.25
CA HIS B 16 2.55 1.24 -3.19
C HIS B 16 3.60 2.35 -3.14
N ILE B 17 3.95 2.82 -4.33
CA ILE B 17 4.91 3.91 -4.48
C ILE B 17 4.44 4.84 -5.58
N ASN B 18 4.87 6.07 -5.53
CA ASN B 18 4.47 7.02 -6.54
C ASN B 18 5.39 6.90 -7.74
N LEU B 19 4.82 6.57 -8.87
CA LEU B 19 5.60 6.45 -10.08
C LEU B 19 5.41 7.69 -10.91
N LYS B 20 6.30 7.88 -11.86
CA LYS B 20 6.26 9.05 -12.70
C LYS B 20 6.50 8.65 -14.14
N VAL B 21 5.73 9.17 -15.06
CA VAL B 21 5.92 8.83 -16.47
C VAL B 21 6.27 10.10 -17.23
N ALA B 22 7.36 10.07 -17.99
CA ALA B 22 7.81 11.24 -18.75
C ALA B 22 7.44 11.13 -20.21
N GLY B 23 6.34 11.78 -20.59
CA GLY B 23 5.88 11.72 -21.97
C GLY B 23 6.40 12.83 -22.85
N GLN B 24 6.89 12.44 -24.04
CA GLN B 24 7.39 13.38 -25.02
C GLN B 24 8.58 14.19 -24.50
N ASP B 25 9.20 13.68 -23.44
CA ASP B 25 10.36 14.33 -22.84
C ASP B 25 10.15 15.83 -22.66
N GLY B 26 8.89 16.23 -22.49
CA GLY B 26 8.58 17.63 -22.31
C GLY B 26 8.13 17.93 -20.89
N SER B 27 7.78 16.89 -20.15
CA SER B 27 7.32 17.03 -18.78
C SER B 27 7.25 15.66 -18.11
N VAL B 28 6.47 15.57 -17.06
CA VAL B 28 6.33 14.33 -16.34
C VAL B 28 4.97 14.20 -15.68
N VAL B 29 4.59 12.97 -15.40
CA VAL B 29 3.36 12.67 -14.71
C VAL B 29 3.71 11.78 -13.55
N GLN B 30 2.92 11.85 -12.51
CA GLN B 30 3.20 11.04 -11.34
C GLN B 30 2.10 10.03 -11.07
N PHE B 31 2.44 8.79 -11.35
CA PHE B 31 1.56 7.66 -11.16
C PHE B 31 1.83 7.04 -9.81
N LYS B 32 0.85 6.38 -9.25
CA LYS B 32 1.05 5.69 -7.99
C LYS B 32 0.89 4.22 -8.30
N ILE B 33 1.88 3.45 -7.90
CA ILE B 33 1.87 2.04 -8.18
C ILE B 33 2.68 1.26 -7.17
N LYS B 34 2.09 0.18 -6.71
CA LYS B 34 2.72 -0.70 -5.75
C LYS B 34 4.05 -1.21 -6.28
N ARG B 35 4.07 -2.42 -6.81
CA ARG B 35 5.30 -3.00 -7.33
C ARG B 35 5.01 -4.22 -8.20
N HIS B 36 4.82 -5.37 -7.55
CA HIS B 36 4.56 -6.65 -8.24
C HIS B 36 3.54 -6.51 -9.37
N THR B 37 2.78 -5.43 -9.35
CA THR B 37 1.80 -5.19 -10.39
C THR B 37 2.45 -4.76 -11.69
N PRO B 38 2.13 -5.50 -12.74
CA PRO B 38 2.62 -5.23 -14.08
C PRO B 38 2.53 -3.76 -14.42
N LEU B 39 3.46 -3.26 -15.21
CA LEU B 39 3.45 -1.85 -15.56
C LEU B 39 2.32 -1.51 -16.53
N SER B 40 1.75 -2.51 -17.23
CA SER B 40 0.64 -2.24 -18.13
C SER B 40 -0.54 -1.66 -17.38
N LYS B 41 -0.47 -1.69 -16.05
CA LYS B 41 -1.48 -1.13 -15.20
C LYS B 41 -1.19 0.37 -15.07
N LEU B 42 0.10 0.67 -15.21
CA LEU B 42 0.64 2.00 -15.13
C LEU B 42 0.64 2.69 -16.49
N MET B 43 0.98 1.91 -17.53
CA MET B 43 1.08 2.42 -18.90
C MET B 43 -0.23 3.04 -19.41
N LYS B 44 -1.38 2.54 -18.96
CA LYS B 44 -2.67 3.09 -19.40
C LYS B 44 -2.90 4.46 -18.77
N ALA B 45 -2.64 4.55 -17.47
CA ALA B 45 -2.86 5.80 -16.75
C ALA B 45 -2.49 6.99 -17.61
N TYR B 46 -1.27 6.97 -18.15
CA TYR B 46 -0.82 8.05 -18.99
C TYR B 46 -1.82 8.33 -20.10
N CYS B 47 -2.19 7.31 -20.87
CA CYS B 47 -3.16 7.48 -21.93
C CYS B 47 -4.36 8.27 -21.42
N GLU B 48 -5.00 7.72 -20.39
CA GLU B 48 -6.15 8.34 -19.76
C GLU B 48 -5.78 9.73 -19.25
N ARG B 49 -4.48 9.97 -19.08
CA ARG B 49 -3.94 11.22 -18.58
C ARG B 49 -3.73 12.24 -19.68
N GLN B 50 -2.93 11.85 -20.67
CA GLN B 50 -2.58 12.72 -21.79
C GLN B 50 -3.55 12.59 -22.94
N GLY B 51 -4.20 11.43 -23.02
CA GLY B 51 -5.11 11.17 -24.11
C GLY B 51 -4.39 10.45 -25.23
N LEU B 52 -3.83 9.29 -24.90
CA LEU B 52 -3.08 8.48 -25.84
C LEU B 52 -3.89 7.21 -26.11
N SER B 53 -3.23 6.06 -26.28
CA SER B 53 -3.92 4.81 -26.50
C SER B 53 -3.41 3.74 -25.54
N MET B 54 -2.44 4.12 -24.69
CA MET B 54 -1.83 3.20 -23.72
C MET B 54 -0.89 2.25 -24.44
N ARG B 55 -1.49 1.28 -25.10
CA ARG B 55 -0.74 0.30 -25.86
C ARG B 55 0.13 1.00 -26.90
N GLN B 56 -0.42 2.06 -27.49
CA GLN B 56 0.24 2.81 -28.55
C GLN B 56 1.52 3.52 -28.13
N ILE B 57 1.61 3.99 -26.87
CA ILE B 57 2.79 4.73 -26.45
C ILE B 57 3.98 3.84 -26.23
N ARG B 58 5.10 4.48 -25.92
CA ARG B 58 6.36 3.80 -25.69
C ARG B 58 6.86 4.18 -24.31
N PHE B 59 7.11 3.20 -23.46
CA PHE B 59 7.59 3.51 -22.11
C PHE B 59 9.01 3.05 -21.88
N ARG B 60 9.61 3.69 -20.90
CA ARG B 60 10.96 3.39 -20.46
C ARG B 60 11.09 3.82 -19.03
N PHE B 61 11.62 2.96 -18.19
CA PHE B 61 11.84 3.31 -16.82
C PHE B 61 13.27 3.81 -16.71
N ASP B 62 13.55 4.66 -15.74
CA ASP B 62 14.90 5.24 -15.61
C ASP B 62 16.00 4.21 -15.86
N GLY B 63 16.26 3.93 -17.14
CA GLY B 63 17.30 2.99 -17.52
C GLY B 63 16.78 1.69 -18.11
N GLN B 64 15.48 1.43 -18.00
CA GLN B 64 14.90 0.19 -18.53
C GLN B 64 13.74 0.48 -19.49
N PRO B 65 13.68 -0.25 -20.63
CA PRO B 65 12.63 -0.08 -21.65
C PRO B 65 11.28 -0.64 -21.21
N ILE B 66 11.37 -1.56 -20.26
CA ILE B 66 10.22 -2.24 -19.68
C ILE B 66 9.24 -2.72 -20.75
N ASN B 67 8.26 -3.52 -20.33
CA ASN B 67 7.27 -4.07 -21.26
C ASN B 67 5.95 -4.32 -20.57
N GLU B 68 5.46 -3.29 -19.92
CA GLU B 68 4.18 -3.31 -19.22
C GLU B 68 3.93 -4.60 -18.42
N THR B 69 4.94 -5.46 -18.28
CA THR B 69 4.78 -6.72 -17.56
C THR B 69 5.90 -6.91 -16.53
N ASP B 70 6.91 -6.06 -16.60
CA ASP B 70 8.03 -6.09 -15.66
C ASP B 70 7.49 -5.94 -14.26
N THR B 71 6.99 -4.73 -14.02
CA THR B 71 6.43 -4.30 -12.77
C THR B 71 7.49 -3.49 -12.06
N PRO B 72 7.11 -2.35 -11.50
CA PRO B 72 8.09 -1.52 -10.81
C PRO B 72 8.95 -2.41 -9.92
N ALA B 73 8.33 -3.46 -9.42
CA ALA B 73 9.01 -4.43 -8.59
C ALA B 73 10.12 -5.13 -9.35
N GLN B 74 9.78 -5.81 -10.46
CA GLN B 74 10.79 -6.54 -11.21
C GLN B 74 11.96 -5.66 -11.59
N LEU B 75 11.70 -4.38 -11.71
CA LEU B 75 12.70 -3.42 -12.09
C LEU B 75 13.27 -2.71 -10.87
N GLU B 76 12.60 -2.90 -9.74
CA GLU B 76 13.03 -2.34 -8.47
C GLU B 76 12.82 -0.83 -8.38
N MET B 77 11.82 -0.33 -9.10
CA MET B 77 11.49 1.09 -9.09
C MET B 77 11.35 1.60 -7.66
N GLU B 78 10.84 2.81 -7.46
CA GLU B 78 10.69 3.34 -6.13
C GLU B 78 9.74 4.54 -6.13
N ASP B 79 9.63 5.18 -4.97
CA ASP B 79 8.76 6.33 -4.82
C ASP B 79 9.27 7.56 -5.56
N GLU B 80 8.53 7.93 -6.62
CA GLU B 80 8.84 9.10 -7.46
C GLU B 80 9.67 8.76 -8.69
N ASP B 81 9.97 7.49 -8.92
CA ASP B 81 10.73 7.11 -10.10
C ASP B 81 9.92 7.49 -11.32
N THR B 82 10.61 7.73 -12.42
CA THR B 82 9.95 8.12 -13.65
C THR B 82 10.06 7.03 -14.72
N ILE B 83 9.12 7.03 -15.66
CA ILE B 83 9.10 6.09 -16.77
C ILE B 83 8.78 6.86 -18.06
N ASP B 84 9.79 7.17 -18.85
CA ASP B 84 9.57 8.00 -20.04
C ASP B 84 8.73 7.34 -21.15
N VAL B 85 7.82 8.18 -21.69
CA VAL B 85 6.91 7.82 -22.77
C VAL B 85 7.26 8.61 -24.02
N PHE B 86 7.32 7.94 -25.17
CA PHE B 86 7.62 8.62 -26.42
C PHE B 86 6.81 7.97 -27.53
N GLN B 87 5.79 8.65 -27.97
CA GLN B 87 4.94 8.12 -29.03
C GLN B 87 4.38 9.21 -29.94
N GLN B 88 4.82 9.23 -31.19
CA GLN B 88 4.33 10.20 -32.15
C GLN B 88 3.02 9.72 -32.76
N GLN B 89 2.37 10.57 -33.54
CA GLN B 89 1.10 10.19 -34.17
C GLN B 89 1.33 9.69 -35.59
N THR B 90 2.50 9.14 -35.81
CA THR B 90 2.88 8.61 -37.12
C THR B 90 3.74 7.36 -36.96
N THR C 1 -12.42 3.31 26.26
CA THR C 1 -12.07 2.55 25.03
C THR C 1 -11.78 1.09 25.36
N VAL C 2 -12.81 0.37 25.81
CA VAL C 2 -12.66 -1.04 26.16
C VAL C 2 -14.00 -1.76 26.09
N GLY C 3 -13.97 -3.03 25.71
CA GLY C 3 -15.19 -3.82 25.62
C GLY C 3 -15.15 -4.81 24.47
N ASP C 4 -15.00 -6.09 24.81
CA ASP C 4 -14.94 -7.14 23.80
C ASP C 4 -13.73 -6.96 22.89
N GLU C 5 -13.10 -8.08 22.52
CA GLU C 5 -11.92 -8.04 21.66
C GLU C 5 -12.34 -8.05 20.19
N ILE C 6 -13.36 -8.85 19.88
CA ILE C 6 -13.87 -8.97 18.51
C ILE C 6 -12.73 -9.11 17.49
N VAL C 7 -12.13 -10.31 17.44
CA VAL C 7 -11.04 -10.58 16.51
C VAL C 7 -10.79 -12.08 16.37
N ASP C 8 -10.20 -12.47 15.25
CA ASP C 8 -9.90 -13.87 14.97
C ASP C 8 -9.24 -14.01 13.59
N LEU C 9 -9.50 -15.13 12.90
CA LEU C 9 -8.94 -15.37 11.57
C LEU C 9 -7.47 -15.81 11.67
N THR C 10 -7.04 -16.67 10.71
CA THR C 10 -5.66 -17.16 10.68
C THR C 10 -4.88 -16.60 9.50
N CYS C 11 -5.58 -16.36 8.39
CA CYS C 11 -4.94 -15.82 7.20
C CYS C 11 -6.00 -15.43 6.15
N GLU C 12 -6.01 -16.10 4.99
CA GLU C 12 -6.97 -15.80 3.94
C GLU C 12 -6.79 -14.36 3.43
N SER C 13 -6.78 -14.21 2.12
CA SER C 13 -6.63 -12.90 1.50
C SER C 13 -7.96 -12.39 0.95
N LEU C 14 -8.46 -13.05 -0.08
CA LEU C 14 -9.72 -12.66 -0.70
C LEU C 14 -9.70 -11.20 -1.13
N GLU C 15 -8.52 -10.70 -1.44
CA GLU C 15 -8.36 -9.31 -1.87
C GLU C 15 -7.55 -9.23 -3.16
N PRO C 16 -8.13 -9.65 -4.30
CA PRO C 16 -7.45 -9.62 -5.59
C PRO C 16 -7.23 -8.19 -6.09
N VAL C 17 -6.54 -8.07 -7.22
CA VAL C 17 -6.27 -6.76 -7.81
C VAL C 17 -5.43 -5.91 -6.88
N VAL C 18 -4.30 -5.43 -7.39
CA VAL C 18 -3.39 -4.60 -6.60
C VAL C 18 -3.07 -3.30 -7.34
N VAL C 19 -2.41 -2.38 -6.64
CA VAL C 19 -2.00 -1.10 -7.22
C VAL C 19 -3.21 -0.18 -7.47
N ASP C 20 -2.93 1.12 -7.47
CA ASP C 20 -3.96 2.13 -7.70
C ASP C 20 -3.41 3.18 -8.67
N LEU C 21 -4.14 4.29 -8.83
CA LEU C 21 -3.72 5.35 -9.72
C LEU C 21 -3.95 6.73 -9.11
N THR C 22 -3.05 7.66 -9.40
CA THR C 22 -3.17 9.01 -8.87
C THR C 22 -3.59 10.00 -9.95
N HIS C 23 -3.83 11.24 -9.54
CA HIS C 23 -4.25 12.28 -10.48
C HIS C 23 -3.28 13.46 -10.45
N ASN C 24 -2.95 13.98 -11.64
CA ASN C 24 -2.03 15.10 -11.75
C ASN C 24 -2.06 15.69 -13.16
N ASP C 25 -1.44 16.83 -13.33
CA ASP C 25 -1.39 17.50 -14.63
C ASP C 25 -0.41 16.80 -15.56
N GLY A 1 1.28 -18.91 25.63
CA GLY A 1 0.53 -18.81 24.34
C GLY A 1 1.36 -19.27 23.15
N THR A 2 1.97 -18.31 22.45
CA THR A 2 2.79 -18.61 21.29
C THR A 2 2.01 -19.42 20.26
N GLU A 3 2.68 -19.81 19.18
CA GLU A 3 2.06 -20.59 18.13
C GLU A 3 0.94 -19.81 17.45
N ASN A 4 -0.01 -20.52 16.85
CA ASN A 4 -1.13 -19.86 16.18
C ASN A 4 -2.30 -19.65 17.13
N ASP A 5 -1.99 -19.41 18.40
CA ASP A 5 -3.03 -19.16 19.40
C ASP A 5 -3.25 -17.67 19.54
N HIS A 6 -3.98 -17.25 20.57
CA HIS A 6 -4.23 -15.83 20.75
C HIS A 6 -3.17 -15.14 21.57
N ILE A 7 -3.13 -13.83 21.38
CA ILE A 7 -2.25 -12.94 22.11
C ILE A 7 -2.88 -11.57 22.06
N ASN A 8 -2.80 -10.85 23.16
CA ASN A 8 -3.44 -9.55 23.23
C ASN A 8 -2.52 -8.45 22.64
N LEU A 9 -3.09 -7.51 21.88
CA LEU A 9 -2.32 -6.42 21.29
C LEU A 9 -2.84 -5.09 21.77
N LYS A 10 -1.92 -4.21 22.08
CA LYS A 10 -2.29 -2.88 22.52
C LYS A 10 -2.15 -1.92 21.38
N VAL A 11 -3.25 -1.43 20.85
CA VAL A 11 -3.16 -0.49 19.75
C VAL A 11 -3.22 0.92 20.31
N ALA A 12 -2.18 1.70 20.05
CA ALA A 12 -2.09 3.09 20.54
C ALA A 12 -2.42 4.08 19.43
N GLY A 13 -3.25 5.07 19.76
CA GLY A 13 -3.66 6.07 18.78
C GLY A 13 -2.84 7.33 18.78
N GLN A 14 -1.55 7.22 19.02
CA GLN A 14 -0.65 8.36 19.01
C GLN A 14 -1.00 9.41 20.07
N ASP A 15 -2.28 9.60 20.34
CA ASP A 15 -2.72 10.58 21.33
C ASP A 15 -2.62 10.03 22.75
N GLY A 16 -2.15 8.79 22.87
CA GLY A 16 -2.04 8.17 24.17
C GLY A 16 -3.15 7.19 24.44
N SER A 17 -4.09 7.09 23.49
CA SER A 17 -5.21 6.18 23.62
C SER A 17 -4.93 4.88 22.88
N VAL A 18 -4.67 3.83 23.62
CA VAL A 18 -4.39 2.51 23.07
C VAL A 18 -5.55 1.57 23.40
N VAL A 19 -5.61 0.41 22.75
CA VAL A 19 -6.68 -0.55 22.99
C VAL A 19 -6.14 -1.96 22.97
N GLN A 20 -6.71 -2.83 23.77
CA GLN A 20 -6.25 -4.20 23.83
C GLN A 20 -7.04 -5.10 22.90
N PHE A 21 -6.35 -6.00 22.23
CA PHE A 21 -6.98 -6.92 21.33
C PHE A 21 -6.17 -8.17 21.17
N LYS A 22 -6.72 -9.27 21.64
CA LYS A 22 -6.04 -10.52 21.48
C LYS A 22 -6.71 -11.29 20.39
N ILE A 23 -5.91 -11.66 19.40
CA ILE A 23 -6.39 -12.34 18.25
C ILE A 23 -5.33 -13.32 17.74
N LYS A 24 -5.77 -14.55 17.52
CA LYS A 24 -4.89 -15.64 17.06
C LYS A 24 -3.74 -15.10 16.23
N ARG A 25 -2.54 -15.60 16.49
CA ARG A 25 -1.35 -15.13 15.80
C ARG A 25 -1.48 -15.22 14.29
N HIS A 26 -1.98 -16.33 13.79
CA HIS A 26 -2.13 -16.50 12.35
C HIS A 26 -3.37 -15.80 11.84
N THR A 27 -3.84 -14.78 12.56
CA THR A 27 -5.00 -14.03 12.12
C THR A 27 -4.56 -12.68 11.60
N PRO A 28 -5.22 -12.18 10.56
CA PRO A 28 -4.90 -10.88 10.01
C PRO A 28 -5.32 -9.79 10.96
N LEU A 29 -4.34 -9.01 11.40
CA LEU A 29 -4.59 -7.91 12.33
C LEU A 29 -5.73 -7.03 11.85
N SER A 30 -6.07 -7.13 10.56
CA SER A 30 -7.18 -6.35 9.99
C SER A 30 -8.40 -6.37 10.90
N LYS A 31 -8.47 -7.38 11.78
CA LYS A 31 -9.57 -7.48 12.71
C LYS A 31 -9.31 -6.57 13.90
N LEU A 32 -8.18 -6.78 14.57
CA LEU A 32 -7.79 -5.96 15.71
C LEU A 32 -8.04 -4.48 15.41
N MET A 33 -7.58 -4.03 14.24
CA MET A 33 -7.78 -2.64 13.82
C MET A 33 -9.25 -2.32 13.62
N LYS A 34 -10.01 -3.30 13.14
CA LYS A 34 -11.44 -3.12 12.91
C LYS A 34 -12.15 -2.86 14.23
N ALA A 35 -11.57 -3.36 15.32
CA ALA A 35 -12.13 -3.16 16.65
C ALA A 35 -11.74 -1.78 17.16
N TYR A 36 -10.46 -1.43 16.99
CA TYR A 36 -9.96 -0.10 17.36
C TYR A 36 -10.77 0.94 16.62
N CYS A 37 -11.10 0.63 15.37
CA CYS A 37 -11.92 1.52 14.56
C CYS A 37 -13.28 1.67 15.22
N GLU A 38 -13.70 0.59 15.87
CA GLU A 38 -14.95 0.57 16.59
C GLU A 38 -14.85 1.53 17.77
N ARG A 39 -13.99 1.20 18.72
CA ARG A 39 -13.73 2.02 19.90
C ARG A 39 -13.51 3.47 19.58
N GLN A 40 -12.52 3.65 18.74
CA GLN A 40 -12.08 4.96 18.31
C GLN A 40 -13.06 5.65 17.36
N GLY A 41 -13.48 4.96 16.32
CA GLY A 41 -14.38 5.55 15.35
C GLY A 41 -13.66 5.83 14.04
N LEU A 42 -12.42 5.32 13.94
CA LEU A 42 -11.58 5.51 12.77
C LEU A 42 -12.21 4.92 11.52
N SER A 43 -11.63 5.27 10.39
CA SER A 43 -12.09 4.81 9.09
C SER A 43 -11.49 3.44 8.75
N MET A 44 -10.26 3.24 9.22
CA MET A 44 -9.51 2.01 8.96
C MET A 44 -8.77 2.09 7.63
N ARG A 45 -9.23 2.96 6.74
CA ARG A 45 -8.58 3.19 5.46
C ARG A 45 -7.71 4.43 5.57
N GLN A 46 -8.16 5.33 6.44
CA GLN A 46 -7.47 6.58 6.75
C GLN A 46 -6.53 6.36 7.93
N ILE A 47 -6.46 5.11 8.34
CA ILE A 47 -5.67 4.67 9.47
C ILE A 47 -4.65 3.65 9.04
N ARG A 48 -3.50 3.72 9.63
CA ARG A 48 -2.46 2.77 9.39
C ARG A 48 -1.95 2.35 10.73
N PHE A 49 -2.10 1.08 11.03
CA PHE A 49 -1.64 0.60 12.31
C PHE A 49 -0.19 0.24 12.20
N ARG A 50 0.58 0.58 13.19
CA ARG A 50 1.96 0.20 13.20
C ARG A 50 2.18 -0.61 14.43
N PHE A 51 2.98 -1.62 14.31
CA PHE A 51 3.26 -2.49 15.42
C PHE A 51 4.46 -1.94 16.14
N ASP A 52 4.61 -2.30 17.40
CA ASP A 52 5.70 -1.77 18.19
C ASP A 52 6.91 -1.67 17.25
N GLY A 53 7.01 -0.46 16.68
CA GLY A 53 8.04 -0.16 15.71
C GLY A 53 8.03 -1.09 14.50
N GLN A 54 6.92 -1.13 13.75
CA GLN A 54 6.86 -1.99 12.58
C GLN A 54 5.55 -1.77 11.83
N PRO A 55 5.59 -1.04 10.70
CA PRO A 55 4.40 -0.75 9.90
C PRO A 55 3.45 -1.94 9.82
N ILE A 56 2.16 -1.69 9.84
CA ILE A 56 1.18 -2.77 9.79
C ILE A 56 0.32 -2.78 8.53
N ASN A 57 -0.13 -3.98 8.23
CA ASN A 57 -1.00 -4.24 7.10
C ASN A 57 -2.26 -4.93 7.58
N GLU A 58 -3.34 -4.82 6.80
CA GLU A 58 -4.60 -5.44 7.17
C GLU A 58 -4.43 -6.96 7.26
N THR A 59 -3.50 -7.49 6.47
CA THR A 59 -3.27 -8.93 6.46
C THR A 59 -2.16 -9.35 7.42
N ASP A 60 -1.37 -8.39 7.90
CA ASP A 60 -0.28 -8.69 8.83
C ASP A 60 -0.82 -9.35 10.09
N THR A 61 -0.13 -10.37 10.58
CA THR A 61 -0.54 -11.06 11.79
C THR A 61 0.55 -11.07 12.84
N PRO A 62 0.16 -11.14 14.12
CA PRO A 62 1.09 -11.16 15.24
C PRO A 62 2.28 -12.08 14.97
N ALA A 63 2.02 -13.27 14.40
CA ALA A 63 3.09 -14.21 14.06
C ALA A 63 3.96 -13.62 13.00
N GLN A 64 3.26 -13.05 12.04
CA GLN A 64 3.84 -12.39 10.91
C GLN A 64 4.59 -11.15 11.38
N LEU A 65 4.25 -10.73 12.58
CA LEU A 65 4.79 -9.56 13.20
C LEU A 65 5.57 -9.91 14.48
N GLU A 66 5.69 -11.21 14.73
CA GLU A 66 6.39 -11.70 15.91
C GLU A 66 5.94 -10.93 17.14
N MET A 67 4.62 -10.87 17.31
CA MET A 67 4.02 -10.15 18.42
C MET A 67 3.80 -11.07 19.63
N GLU A 68 3.55 -10.46 20.79
CA GLU A 68 3.34 -11.22 22.01
C GLU A 68 1.95 -11.01 22.58
N ASP A 69 1.74 -11.63 23.73
CA ASP A 69 0.48 -11.51 24.42
C ASP A 69 0.51 -10.30 25.35
N GLU A 70 -0.24 -9.31 24.93
CA GLU A 70 -0.36 -8.01 25.60
C GLU A 70 0.51 -6.99 24.90
N ASP A 71 1.14 -7.43 23.80
CA ASP A 71 2.01 -6.56 23.02
C ASP A 71 1.32 -5.24 22.72
N THR A 72 1.90 -4.46 21.85
CA THR A 72 1.31 -3.19 21.50
C THR A 72 1.33 -2.93 20.00
N ILE A 73 0.16 -2.57 19.51
CA ILE A 73 -0.03 -2.20 18.16
C ILE A 73 -0.03 -0.68 18.17
N ASP A 74 0.80 -0.11 17.36
CA ASP A 74 0.88 1.33 17.30
C ASP A 74 -0.05 1.80 16.22
N VAL A 75 -0.81 2.84 16.47
CA VAL A 75 -1.73 3.32 15.46
C VAL A 75 -1.27 4.62 14.88
N PHE A 76 -1.37 4.69 13.59
CA PHE A 76 -1.03 5.87 12.84
C PHE A 76 -2.08 6.04 11.76
N GLN A 77 -2.52 7.25 11.58
CA GLN A 77 -3.55 7.54 10.60
C GLN A 77 -2.92 7.99 9.29
N GLN A 78 -3.11 7.22 8.23
CA GLN A 78 -2.56 7.54 6.91
C GLN A 78 -1.11 8.02 6.98
N GLN A 79 -0.18 7.09 6.75
CA GLN A 79 1.24 7.39 6.75
C GLN A 79 2.08 6.11 6.71
N THR A 80 1.65 5.14 5.91
CA THR A 80 2.37 3.88 5.78
C THR A 80 2.17 3.29 4.37
N GLY A 81 1.08 2.56 4.18
CA GLY A 81 0.78 1.96 2.88
C GLY A 81 1.86 1.00 2.41
N GLY A 82 1.43 -0.11 1.82
CA GLY A 82 2.35 -1.10 1.31
C GLY A 82 3.38 -1.55 2.34
N GLY B 1 -6.91 19.12 -3.36
CA GLY B 1 -7.25 17.88 -4.10
C GLY B 1 -6.86 16.62 -3.34
N SER B 2 -7.53 15.51 -3.63
CA SER B 2 -7.24 14.25 -2.98
C SER B 2 -6.06 13.55 -3.64
N GLU B 3 -5.30 12.80 -2.85
CA GLU B 3 -4.13 12.10 -3.36
C GLU B 3 -3.90 10.79 -2.60
N GLU B 4 -4.25 9.68 -3.23
CA GLU B 4 -4.07 8.36 -2.62
C GLU B 4 -2.65 7.87 -2.85
N LYS B 5 -2.47 6.55 -2.76
CA LYS B 5 -1.18 5.90 -2.97
C LYS B 5 -0.44 5.72 -1.65
N PRO B 6 0.26 4.59 -1.48
CA PRO B 6 1.03 4.30 -0.27
C PRO B 6 2.12 5.33 -0.03
N LYS B 7 1.99 6.10 1.05
CA LYS B 7 2.99 7.12 1.38
C LYS B 7 4.31 6.48 1.78
N GLU B 8 5.05 6.00 0.77
CA GLU B 8 6.35 5.34 0.93
C GLU B 8 6.23 3.88 0.55
N GLY B 9 5.08 3.33 0.85
CA GLY B 9 4.80 1.93 0.55
C GLY B 9 5.61 1.40 -0.62
N VAL B 10 6.78 0.87 -0.31
CA VAL B 10 7.68 0.32 -1.30
C VAL B 10 8.58 -0.75 -0.69
N LYS B 11 7.98 -1.87 -0.37
CA LYS B 11 8.72 -2.98 0.21
C LYS B 11 9.68 -3.56 -0.81
N THR B 12 9.13 -4.31 -1.76
CA THR B 12 9.94 -4.96 -2.79
C THR B 12 9.14 -5.23 -4.07
N GLU B 13 7.85 -5.55 -3.91
CA GLU B 13 6.95 -5.81 -5.03
C GLU B 13 5.51 -5.82 -4.54
N ASN B 14 4.57 -5.87 -5.49
CA ASN B 14 3.15 -5.89 -5.16
C ASN B 14 2.75 -4.70 -4.28
N ASP B 15 1.46 -4.49 -4.14
CA ASP B 15 0.93 -3.38 -3.33
C ASP B 15 1.13 -2.04 -4.03
N HIS B 16 0.23 -1.74 -4.96
CA HIS B 16 0.26 -0.53 -5.78
C HIS B 16 1.14 0.60 -5.24
N ILE B 17 1.61 1.40 -6.18
CA ILE B 17 2.42 2.58 -5.90
C ILE B 17 2.06 3.64 -6.90
N ASN B 18 2.39 4.88 -6.61
CA ASN B 18 2.10 5.95 -7.52
C ASN B 18 3.25 6.04 -8.51
N LEU B 19 2.92 6.15 -9.78
CA LEU B 19 3.93 6.28 -10.80
C LEU B 19 3.76 7.61 -11.49
N LYS B 20 4.76 8.02 -12.22
CA LYS B 20 4.72 9.29 -12.90
C LYS B 20 5.27 9.13 -14.30
N VAL B 21 4.60 9.69 -15.28
CA VAL B 21 5.08 9.62 -16.65
C VAL B 21 5.34 11.03 -17.15
N ALA B 22 6.52 11.24 -17.69
CA ALA B 22 6.89 12.54 -18.20
C ALA B 22 6.81 12.52 -19.72
N GLY B 23 6.09 13.45 -20.32
CA GLY B 23 5.95 13.43 -21.76
C GLY B 23 6.57 14.61 -22.47
N GLN B 24 7.46 14.28 -23.39
CA GLN B 24 8.17 15.27 -24.21
C GLN B 24 9.16 16.09 -23.38
N ASP B 25 8.79 16.46 -22.15
CA ASP B 25 9.65 17.24 -21.25
C ASP B 25 8.81 18.19 -20.40
N GLY B 26 7.95 18.97 -21.06
CA GLY B 26 7.11 19.93 -20.38
C GLY B 26 6.79 19.60 -18.94
N SER B 27 5.74 18.82 -18.73
CA SER B 27 5.32 18.44 -17.38
C SER B 27 5.41 16.94 -17.14
N VAL B 28 4.55 16.44 -16.27
CA VAL B 28 4.54 15.04 -15.93
C VAL B 28 3.14 14.58 -15.52
N VAL B 29 2.94 13.28 -15.56
CA VAL B 29 1.67 12.68 -15.14
C VAL B 29 1.95 11.73 -14.02
N GLN B 30 0.98 11.53 -13.18
CA GLN B 30 1.15 10.64 -12.04
C GLN B 30 0.18 9.47 -12.05
N PHE B 31 0.74 8.30 -12.29
CA PHE B 31 0.01 7.06 -12.36
C PHE B 31 0.02 6.35 -11.02
N LYS B 32 -0.79 5.33 -10.90
CA LYS B 32 -0.79 4.49 -9.71
C LYS B 32 -0.86 3.09 -10.23
N ILE B 33 0.26 2.41 -10.09
CA ILE B 33 0.39 1.06 -10.58
C ILE B 33 1.06 0.20 -9.54
N LYS B 34 0.69 -1.07 -9.48
CA LYS B 34 1.29 -1.95 -8.51
C LYS B 34 2.77 -2.13 -8.83
N ARG B 35 3.22 -3.37 -8.93
CA ARG B 35 4.63 -3.61 -9.18
C ARG B 35 4.85 -4.73 -10.19
N HIS B 36 4.54 -5.96 -9.80
CA HIS B 36 4.72 -7.11 -10.68
C HIS B 36 3.74 -7.06 -11.87
N THR B 37 3.12 -5.89 -12.07
CA THR B 37 2.18 -5.69 -13.16
C THR B 37 2.84 -4.99 -14.33
N PRO B 38 2.90 -5.68 -15.48
CA PRO B 38 3.45 -5.13 -16.71
C PRO B 38 3.15 -3.64 -16.83
N LEU B 39 4.05 -2.91 -17.47
CA LEU B 39 3.88 -1.48 -17.61
C LEU B 39 2.92 -1.12 -18.74
N SER B 40 2.65 -2.03 -19.67
CA SER B 40 1.74 -1.75 -20.77
C SER B 40 0.39 -1.20 -20.28
N LYS B 41 0.10 -1.38 -18.99
CA LYS B 41 -1.11 -0.88 -18.40
C LYS B 41 -0.94 0.60 -18.04
N LEU B 42 0.32 0.97 -17.87
CA LEU B 42 0.75 2.31 -17.54
C LEU B 42 1.02 3.11 -18.82
N MET B 43 1.53 2.42 -19.84
CA MET B 43 1.90 3.04 -21.11
C MET B 43 0.71 3.60 -21.92
N LYS B 44 -0.45 2.96 -21.83
CA LYS B 44 -1.63 3.42 -22.58
C LYS B 44 -2.43 4.47 -21.83
N ALA B 45 -2.24 4.59 -20.53
CA ALA B 45 -2.95 5.63 -19.79
C ALA B 45 -2.50 6.97 -20.29
N TYR B 46 -1.17 7.15 -20.32
CA TYR B 46 -0.59 8.38 -20.77
C TYR B 46 -1.05 8.74 -22.15
N CYS B 47 -1.47 7.74 -22.90
CA CYS B 47 -1.96 7.94 -24.24
C CYS B 47 -3.37 8.45 -24.15
N GLU B 48 -4.24 7.63 -23.59
CA GLU B 48 -5.61 8.01 -23.40
C GLU B 48 -5.65 9.37 -22.67
N ARG B 49 -4.50 9.72 -22.06
CA ARG B 49 -4.31 10.97 -21.33
C ARG B 49 -3.94 12.10 -22.27
N GLN B 50 -2.96 11.84 -23.14
CA GLN B 50 -2.45 12.84 -24.10
C GLN B 50 -2.94 12.60 -25.52
N GLY B 51 -3.19 11.34 -25.83
CA GLY B 51 -3.59 10.95 -27.16
C GLY B 51 -2.40 10.37 -27.90
N LEU B 52 -1.81 9.35 -27.29
CA LEU B 52 -0.62 8.71 -27.83
C LEU B 52 -0.87 7.25 -28.21
N SER B 53 -0.46 6.88 -29.40
CA SER B 53 -0.67 5.51 -29.88
C SER B 53 -0.33 4.45 -28.81
N MET B 54 0.50 4.84 -27.83
CA MET B 54 0.92 3.93 -26.74
C MET B 54 2.11 3.11 -27.18
N ARG B 55 2.06 2.66 -28.41
CA ARG B 55 3.13 1.89 -28.98
C ARG B 55 4.13 2.82 -29.65
N GLN B 56 3.64 4.00 -30.04
CA GLN B 56 4.45 5.00 -30.72
C GLN B 56 5.32 5.81 -29.76
N ILE B 57 4.87 6.02 -28.51
CA ILE B 57 5.67 6.79 -27.58
C ILE B 57 6.83 5.96 -27.10
N ARG B 58 7.72 6.60 -26.41
CA ARG B 58 8.90 5.94 -25.88
C ARG B 58 9.01 6.29 -24.41
N PHE B 59 8.95 5.28 -23.56
CA PHE B 59 9.03 5.52 -22.13
C PHE B 59 10.40 5.13 -21.61
N ARG B 60 10.78 5.72 -20.49
CA ARG B 60 12.05 5.40 -19.88
C ARG B 60 11.97 5.62 -18.39
N PHE B 61 12.57 4.70 -17.66
CA PHE B 61 12.64 4.77 -16.22
C PHE B 61 14.08 5.11 -15.86
N ASP B 62 14.31 5.65 -14.68
CA ASP B 62 15.66 6.08 -14.31
C ASP B 62 16.73 5.13 -14.83
N GLY B 63 17.44 5.61 -15.85
CA GLY B 63 18.53 4.90 -16.49
C GLY B 63 18.13 3.63 -17.21
N GLN B 64 16.86 3.27 -17.18
CA GLN B 64 16.42 2.04 -17.85
C GLN B 64 15.14 2.24 -18.67
N PRO B 65 15.00 1.45 -19.75
CA PRO B 65 13.85 1.47 -20.64
C PRO B 65 12.81 0.45 -20.19
N ILE B 66 11.55 0.85 -20.14
CA ILE B 66 10.52 -0.07 -19.69
C ILE B 66 9.63 -0.58 -20.80
N ASN B 67 10.31 -1.23 -21.71
CA ASN B 67 9.72 -1.81 -22.92
C ASN B 67 8.36 -2.46 -22.69
N GLU B 68 7.37 -1.62 -22.47
CA GLU B 68 5.95 -2.00 -22.26
C GLU B 68 5.69 -3.25 -21.39
N THR B 69 6.59 -4.23 -21.40
CA THR B 69 6.38 -5.44 -20.62
C THR B 69 7.10 -5.38 -19.28
N ASP B 70 7.99 -4.40 -19.12
CA ASP B 70 8.71 -4.23 -17.89
C ASP B 70 7.76 -3.79 -16.79
N THR B 71 7.65 -4.58 -15.74
CA THR B 71 6.79 -4.18 -14.63
C THR B 71 7.63 -3.39 -13.64
N PRO B 72 7.08 -2.34 -13.04
CA PRO B 72 7.85 -1.51 -12.13
C PRO B 72 8.71 -2.35 -11.18
N ALA B 73 8.10 -3.27 -10.43
CA ALA B 73 8.86 -4.14 -9.53
C ALA B 73 10.10 -4.67 -10.23
N GLN B 74 9.87 -5.28 -11.39
CA GLN B 74 10.93 -5.84 -12.18
C GLN B 74 12.05 -4.82 -12.34
N LEU B 75 11.67 -3.54 -12.37
CA LEU B 75 12.61 -2.45 -12.53
C LEU B 75 12.62 -1.60 -11.27
N GLU B 76 12.45 -2.26 -10.13
CA GLU B 76 12.44 -1.64 -8.81
C GLU B 76 11.97 -0.17 -8.78
N MET B 77 10.81 0.09 -9.37
CA MET B 77 10.25 1.45 -9.34
C MET B 77 9.84 1.78 -7.91
N GLU B 78 9.28 2.96 -7.70
CA GLU B 78 8.88 3.36 -6.35
C GLU B 78 7.71 4.32 -6.40
N ASP B 79 7.20 4.68 -5.24
CA ASP B 79 6.08 5.61 -5.15
C ASP B 79 6.47 6.97 -5.73
N GLU B 80 5.60 7.52 -6.56
CA GLU B 80 5.83 8.82 -7.19
C GLU B 80 6.94 8.76 -8.22
N ASP B 81 7.54 7.58 -8.44
CA ASP B 81 8.60 7.47 -9.44
C ASP B 81 8.10 8.04 -10.75
N THR B 82 9.01 8.28 -11.64
CA THR B 82 8.66 8.85 -12.94
C THR B 82 9.09 7.94 -14.08
N ILE B 83 8.44 8.14 -15.22
CA ILE B 83 8.74 7.38 -16.42
C ILE B 83 8.70 8.32 -17.62
N ASP B 84 9.87 8.72 -18.10
CA ASP B 84 9.93 9.68 -19.18
C ASP B 84 9.42 9.14 -20.53
N VAL B 85 8.60 9.97 -21.17
CA VAL B 85 8.02 9.72 -22.49
C VAL B 85 8.63 10.69 -23.47
N PHE B 86 9.22 10.19 -24.55
CA PHE B 86 9.80 11.05 -25.56
C PHE B 86 9.39 10.54 -26.92
N GLN B 87 8.48 11.24 -27.53
CA GLN B 87 7.99 10.86 -28.84
C GLN B 87 7.64 12.07 -29.70
N GLN B 88 8.33 12.20 -30.82
CA GLN B 88 8.11 13.32 -31.73
C GLN B 88 6.89 13.08 -32.60
N GLN B 89 5.77 13.70 -32.23
CA GLN B 89 4.54 13.55 -32.99
C GLN B 89 4.70 14.10 -34.41
N THR B 90 3.80 13.69 -35.30
CA THR B 90 3.85 14.15 -36.68
C THR B 90 2.58 13.76 -37.43
N THR C 1 -9.23 3.28 25.71
CA THR C 1 -10.48 4.05 25.50
C THR C 1 -11.68 3.32 26.12
N VAL C 2 -11.89 2.08 25.72
CA VAL C 2 -12.99 1.28 26.24
C VAL C 2 -12.53 -0.14 26.56
N GLY C 3 -13.11 -0.71 27.62
CA GLY C 3 -12.76 -2.06 28.02
C GLY C 3 -13.34 -3.10 27.09
N ASP C 4 -14.57 -3.53 27.37
CA ASP C 4 -15.25 -4.54 26.56
C ASP C 4 -14.32 -5.69 26.22
N GLU C 5 -14.75 -6.54 25.28
CA GLU C 5 -13.95 -7.69 24.87
C GLU C 5 -13.23 -7.43 23.56
N ILE C 6 -12.69 -8.49 22.97
CA ILE C 6 -11.96 -8.36 21.70
C ILE C 6 -12.47 -9.38 20.69
N VAL C 7 -11.75 -9.51 19.57
CA VAL C 7 -12.13 -10.45 18.52
C VAL C 7 -11.38 -11.78 18.69
N ASP C 8 -12.00 -12.87 18.26
CA ASP C 8 -11.39 -14.20 18.38
C ASP C 8 -11.62 -15.05 17.14
N LEU C 9 -10.53 -15.36 16.44
CA LEU C 9 -10.59 -16.18 15.21
C LEU C 9 -9.22 -16.23 14.54
N THR C 10 -9.14 -16.91 13.39
CA THR C 10 -7.88 -17.01 12.63
C THR C 10 -8.15 -17.43 11.19
N CYS C 11 -8.26 -16.43 10.32
CA CYS C 11 -8.51 -16.68 8.90
C CYS C 11 -7.45 -16.00 8.04
N GLU C 12 -7.75 -15.78 6.77
CA GLU C 12 -6.82 -15.13 5.86
C GLU C 12 -7.53 -14.58 4.63
N SER C 13 -6.96 -13.52 4.05
CA SER C 13 -7.54 -12.90 2.87
C SER C 13 -6.56 -11.92 2.23
N LEU C 14 -6.01 -12.29 1.09
CA LEU C 14 -5.05 -11.45 0.38
C LEU C 14 -5.42 -11.33 -1.10
N GLU C 15 -4.71 -10.44 -1.80
CA GLU C 15 -4.96 -10.24 -3.22
C GLU C 15 -3.64 -10.19 -4.00
N PRO C 16 -3.28 -11.30 -4.66
CA PRO C 16 -2.03 -11.37 -5.43
C PRO C 16 -2.07 -10.55 -6.71
N VAL C 17 -1.22 -9.53 -6.79
CA VAL C 17 -1.13 -8.67 -7.96
C VAL C 17 -2.43 -7.88 -8.16
N VAL C 18 -2.28 -6.67 -8.70
CA VAL C 18 -3.41 -5.79 -8.97
C VAL C 18 -2.98 -4.67 -9.93
N VAL C 19 -3.95 -4.02 -10.56
CA VAL C 19 -3.64 -2.95 -11.49
C VAL C 19 -4.68 -1.84 -11.47
N ASP C 20 -4.28 -0.67 -11.98
CA ASP C 20 -5.14 0.51 -12.04
C ASP C 20 -4.33 1.72 -12.48
N LEU C 21 -5.00 2.85 -12.67
CA LEU C 21 -4.33 4.07 -13.09
C LEU C 21 -5.06 5.31 -12.58
N THR C 22 -4.31 6.26 -12.04
CA THR C 22 -4.88 7.49 -11.51
C THR C 22 -5.64 8.25 -12.61
N HIS C 23 -6.62 9.04 -12.17
CA HIS C 23 -7.43 9.82 -13.11
C HIS C 23 -7.74 11.20 -12.54
N ASN C 24 -6.73 12.05 -12.47
CA ASN C 24 -6.91 13.40 -11.93
C ASN C 24 -5.77 14.31 -12.38
N ASP C 25 -4.54 13.82 -12.24
CA ASP C 25 -3.36 14.60 -12.62
C ASP C 25 -3.28 15.89 -11.83
N GLY A 1 8.49 -18.91 19.79
CA GLY A 1 7.29 -19.70 19.40
C GLY A 1 6.18 -18.82 18.87
N THR A 2 5.01 -19.42 18.66
CA THR A 2 3.85 -18.69 18.15
C THR A 2 4.10 -18.18 16.74
N GLU A 3 3.12 -18.35 15.87
CA GLU A 3 3.22 -17.90 14.48
C GLU A 3 1.83 -17.62 13.89
N ASN A 4 1.36 -18.49 13.01
CA ASN A 4 0.04 -18.29 12.39
C ASN A 4 -1.09 -18.48 13.40
N ASP A 5 -0.76 -18.65 14.67
CA ASP A 5 -1.78 -18.78 15.69
C ASP A 5 -2.21 -17.36 16.06
N HIS A 6 -2.85 -17.16 17.20
CA HIS A 6 -3.22 -15.81 17.55
C HIS A 6 -2.13 -15.11 18.30
N ILE A 7 -2.29 -13.81 18.34
CA ILE A 7 -1.41 -12.93 19.07
C ILE A 7 -2.21 -11.69 19.37
N ASN A 8 -2.11 -11.21 20.58
CA ASN A 8 -2.89 -10.04 20.96
C ASN A 8 -2.17 -8.78 20.54
N LEU A 9 -2.91 -7.81 20.04
CA LEU A 9 -2.33 -6.57 19.62
C LEU A 9 -2.94 -5.42 20.36
N LYS A 10 -2.10 -4.54 20.83
CA LYS A 10 -2.57 -3.37 21.53
C LYS A 10 -2.66 -2.23 20.56
N VAL A 11 -3.86 -1.81 20.21
CA VAL A 11 -3.99 -0.70 19.30
C VAL A 11 -4.11 0.58 20.11
N ALA A 12 -3.14 1.46 19.95
CA ALA A 12 -3.09 2.73 20.66
C ALA A 12 -3.68 3.83 19.78
N GLY A 13 -4.50 4.71 20.35
CA GLY A 13 -5.13 5.75 19.55
C GLY A 13 -4.59 7.14 19.73
N GLN A 14 -3.30 7.32 19.53
CA GLN A 14 -2.68 8.63 19.60
C GLN A 14 -2.87 9.33 20.96
N ASP A 15 -4.08 9.28 21.49
CA ASP A 15 -4.39 9.92 22.76
C ASP A 15 -3.91 9.07 23.94
N GLY A 16 -3.40 7.89 23.64
CA GLY A 16 -2.93 7.01 24.69
C GLY A 16 -3.93 5.90 24.98
N SER A 17 -5.01 5.87 24.21
CA SER A 17 -6.04 4.86 24.38
C SER A 17 -5.79 3.70 23.42
N VAL A 18 -5.27 2.61 23.97
CA VAL A 18 -4.98 1.42 23.18
C VAL A 18 -6.03 0.34 23.46
N VAL A 19 -6.08 -0.68 22.61
CA VAL A 19 -7.04 -1.78 22.77
C VAL A 19 -6.38 -3.10 22.44
N GLN A 20 -6.74 -4.14 23.15
CA GLN A 20 -6.17 -5.44 22.89
C GLN A 20 -6.99 -6.21 21.87
N PHE A 21 -6.30 -6.93 21.01
CA PHE A 21 -6.96 -7.70 19.97
C PHE A 21 -6.12 -8.89 19.55
N LYS A 22 -6.65 -10.09 19.71
CA LYS A 22 -5.90 -11.23 19.23
C LYS A 22 -6.24 -11.45 17.80
N ILE A 23 -5.21 -11.64 17.02
CA ILE A 23 -5.36 -11.85 15.61
C ILE A 23 -4.30 -12.80 15.11
N LYS A 24 -4.72 -13.76 14.32
CA LYS A 24 -3.80 -14.73 13.77
C LYS A 24 -2.74 -13.97 12.97
N ARG A 25 -1.48 -14.35 13.12
CA ARG A 25 -0.41 -13.64 12.44
C ARG A 25 -0.64 -13.48 10.96
N HIS A 26 -1.13 -14.52 10.30
CA HIS A 26 -1.36 -14.44 8.86
C HIS A 26 -2.74 -13.89 8.55
N THR A 27 -3.24 -13.03 9.44
CA THR A 27 -4.54 -12.41 9.23
C THR A 27 -4.35 -10.93 8.95
N PRO A 28 -5.16 -10.36 8.06
CA PRO A 28 -5.07 -8.96 7.75
C PRO A 28 -5.53 -8.10 8.90
N LEU A 29 -4.64 -7.24 9.37
CA LEU A 29 -4.94 -6.34 10.47
C LEU A 29 -6.21 -5.55 10.21
N SER A 30 -6.67 -5.51 8.96
CA SER A 30 -7.90 -4.81 8.63
C SER A 30 -9.03 -5.21 9.57
N LYS A 31 -8.91 -6.39 10.18
CA LYS A 31 -9.92 -6.86 11.11
C LYS A 31 -9.70 -6.27 12.50
N LEU A 32 -8.49 -6.43 13.02
CA LEU A 32 -8.12 -5.90 14.32
C LEU A 32 -8.53 -4.44 14.44
N MET A 33 -8.28 -3.67 13.39
CA MET A 33 -8.62 -2.28 13.36
C MET A 33 -10.13 -2.09 13.24
N LYS A 34 -10.78 -3.00 12.50
CA LYS A 34 -12.22 -2.93 12.35
C LYS A 34 -12.88 -3.04 13.72
N ALA A 35 -12.21 -3.77 14.60
CA ALA A 35 -12.68 -3.93 15.97
C ALA A 35 -12.39 -2.65 16.74
N TYR A 36 -11.23 -2.07 16.47
CA TYR A 36 -10.85 -0.81 17.10
C TYR A 36 -11.85 0.25 16.70
N CYS A 37 -12.24 0.23 15.43
CA CYS A 37 -13.23 1.18 14.94
C CYS A 37 -14.49 1.01 15.77
N GLU A 38 -14.71 -0.22 16.21
CA GLU A 38 -15.82 -0.54 17.06
C GLU A 38 -15.64 0.16 18.39
N ARG A 39 -14.48 -0.08 18.99
CA ARG A 39 -14.07 0.49 20.24
C ARG A 39 -14.31 1.98 20.37
N GLN A 40 -13.74 2.74 19.44
CA GLN A 40 -13.80 4.19 19.49
C GLN A 40 -14.81 4.83 18.55
N GLY A 41 -15.30 4.14 17.53
CA GLY A 41 -16.26 4.77 16.64
C GLY A 41 -15.63 5.33 15.38
N LEU A 42 -14.34 5.02 15.17
CA LEU A 42 -13.63 5.51 13.99
C LEU A 42 -14.27 5.00 12.71
N SER A 43 -13.71 5.43 11.58
CA SER A 43 -14.20 5.05 10.27
C SER A 43 -13.31 3.98 9.65
N MET A 44 -12.07 3.91 10.14
CA MET A 44 -11.07 2.96 9.64
C MET A 44 -10.43 3.48 8.34
N ARG A 45 -11.02 4.55 7.79
CA ARG A 45 -10.50 5.17 6.57
C ARG A 45 -9.86 6.49 6.94
N GLN A 46 -10.53 7.21 7.84
CA GLN A 46 -10.04 8.48 8.37
C GLN A 46 -9.00 8.20 9.45
N ILE A 47 -8.84 6.92 9.73
CA ILE A 47 -7.93 6.41 10.73
C ILE A 47 -6.93 5.45 10.08
N ARG A 48 -5.68 5.63 10.41
CA ARG A 48 -4.62 4.78 9.90
C ARG A 48 -3.89 4.20 11.10
N PHE A 49 -3.85 2.89 11.18
CA PHE A 49 -3.21 2.25 12.30
C PHE A 49 -1.74 2.06 12.06
N ARG A 50 -0.95 2.33 13.07
CA ARG A 50 0.47 2.13 12.99
C ARG A 50 0.73 0.85 13.77
N PHE A 51 1.96 0.49 13.88
CA PHE A 51 2.37 -0.68 14.63
C PHE A 51 3.54 -0.21 15.45
N ASP A 52 3.86 -0.86 16.55
CA ASP A 52 4.97 -0.39 17.36
C ASP A 52 6.04 0.06 16.37
N GLY A 53 6.00 1.36 16.07
CA GLY A 53 6.89 1.97 15.12
C GLY A 53 6.81 1.37 13.73
N GLN A 54 5.62 1.35 13.10
CA GLN A 54 5.50 0.81 11.75
C GLN A 54 4.09 1.05 11.22
N PRO A 55 3.92 2.01 10.31
CA PRO A 55 2.62 2.33 9.72
C PRO A 55 1.88 1.06 9.30
N ILE A 56 0.56 1.10 9.34
CA ILE A 56 -0.24 -0.09 9.03
C ILE A 56 -1.11 0.00 7.79
N ASN A 57 -1.33 -1.19 7.25
CA ASN A 57 -2.15 -1.41 6.09
C ASN A 57 -3.26 -2.38 6.43
N GLU A 58 -4.42 -2.22 5.80
CA GLU A 58 -5.55 -3.09 6.05
C GLU A 58 -5.16 -4.56 5.88
N THR A 59 -4.31 -4.82 4.89
CA THR A 59 -3.88 -6.17 4.60
C THR A 59 -2.67 -6.60 5.44
N ASP A 60 -1.90 -5.63 5.94
CA ASP A 60 -0.73 -5.94 6.74
C ASP A 60 -1.11 -6.84 7.92
N THR A 61 -0.33 -7.89 8.13
CA THR A 61 -0.59 -8.82 9.24
C THR A 61 0.58 -8.87 10.20
N PRO A 62 0.30 -9.23 11.46
CA PRO A 62 1.32 -9.35 12.50
C PRO A 62 2.58 -10.05 11.98
N ALA A 63 2.38 -11.16 11.27
CA ALA A 63 3.49 -11.90 10.69
C ALA A 63 4.21 -11.05 9.68
N GLN A 64 3.38 -10.34 8.95
CA GLN A 64 3.80 -9.43 7.91
C GLN A 64 4.41 -8.18 8.54
N LEU A 65 4.18 -8.07 9.84
CA LEU A 65 4.64 -6.94 10.63
C LEU A 65 5.52 -7.41 11.77
N GLU A 66 5.83 -8.71 11.76
CA GLU A 66 6.65 -9.34 12.78
C GLU A 66 6.17 -8.89 14.16
N MET A 67 4.86 -9.03 14.38
CA MET A 67 4.25 -8.64 15.64
C MET A 67 4.24 -9.80 16.62
N GLU A 68 3.89 -9.53 17.86
CA GLU A 68 3.85 -10.56 18.89
C GLU A 68 2.50 -10.66 19.56
N ASP A 69 2.47 -11.50 20.56
CA ASP A 69 1.30 -11.69 21.36
C ASP A 69 1.30 -10.67 22.49
N GLU A 70 0.27 -9.85 22.45
CA GLU A 70 0.07 -8.74 23.39
C GLU A 70 0.79 -7.50 22.89
N ASP A 71 1.44 -7.64 21.73
CA ASP A 71 2.17 -6.55 21.11
C ASP A 71 1.31 -5.30 21.08
N THR A 72 1.71 -4.33 20.28
CA THR A 72 0.94 -3.11 20.20
C THR A 72 0.78 -2.64 18.78
N ILE A 73 -0.45 -2.36 18.46
CA ILE A 73 -0.80 -1.76 17.21
C ILE A 73 -0.95 -0.30 17.52
N ASP A 74 -0.35 0.51 16.75
CA ASP A 74 -0.41 1.93 17.00
C ASP A 74 -1.49 2.51 16.12
N VAL A 75 -2.09 3.58 16.55
CA VAL A 75 -3.13 4.19 15.76
C VAL A 75 -2.93 5.67 15.57
N PHE A 76 -3.21 6.06 14.35
CA PHE A 76 -3.15 7.43 13.92
C PHE A 76 -4.32 7.65 13.00
N GLN A 77 -4.83 8.85 12.95
CA GLN A 77 -5.96 9.12 12.09
C GLN A 77 -5.52 9.86 10.84
N GLN A 78 -5.57 9.16 9.70
CA GLN A 78 -5.17 9.74 8.42
C GLN A 78 -3.75 10.30 8.47
N GLN A 79 -2.77 9.41 8.50
CA GLN A 79 -1.37 9.79 8.54
C GLN A 79 -0.48 8.59 8.84
N THR A 80 0.02 7.94 7.79
CA THR A 80 0.89 6.78 7.95
C THR A 80 1.79 6.58 6.72
N GLY A 81 1.55 5.51 5.96
CA GLY A 81 2.35 5.24 4.78
C GLY A 81 3.35 4.11 5.01
N GLY A 82 2.87 2.88 4.91
CA GLY A 82 3.75 1.73 5.11
C GLY A 82 3.38 0.56 4.22
N GLY B 1 -3.38 20.11 -5.61
CA GLY B 1 -3.04 20.39 -4.19
C GLY B 1 -3.34 19.21 -3.27
N SER B 2 -2.91 18.02 -3.68
CA SER B 2 -3.13 16.82 -2.89
C SER B 2 -1.81 16.18 -2.48
N GLU B 3 -1.89 15.04 -1.80
CA GLU B 3 -0.69 14.34 -1.35
C GLU B 3 -1.05 13.00 -0.70
N GLU B 4 -1.10 11.96 -1.52
CA GLU B 4 -1.42 10.61 -1.04
C GLU B 4 -0.19 9.72 -1.12
N LYS B 5 -0.43 8.41 -1.21
CA LYS B 5 0.63 7.42 -1.33
C LYS B 5 1.39 7.19 -0.04
N PRO B 6 2.05 6.02 0.03
CA PRO B 6 2.86 5.62 1.19
C PRO B 6 3.95 6.62 1.55
N LYS B 7 4.14 7.66 0.73
CA LYS B 7 5.19 8.62 0.99
C LYS B 7 6.50 7.86 1.09
N GLU B 8 6.89 7.24 -0.01
CA GLU B 8 8.09 6.43 -0.05
C GLU B 8 7.92 5.25 0.91
N GLY B 9 6.98 4.37 0.59
CA GLY B 9 6.73 3.22 1.46
C GLY B 9 7.23 1.91 0.92
N VAL B 10 8.27 2.00 0.14
CA VAL B 10 8.88 0.81 -0.46
C VAL B 10 9.45 -0.09 0.63
N LYS B 11 8.62 -1.00 1.15
CA LYS B 11 9.07 -1.91 2.19
C LYS B 11 9.22 -3.32 1.67
N THR B 12 10.25 -3.56 0.85
CA THR B 12 10.51 -4.88 0.29
C THR B 12 9.74 -5.10 -1.01
N GLU B 13 8.45 -5.39 -0.89
CA GLU B 13 7.58 -5.62 -2.05
C GLU B 13 6.11 -5.63 -1.64
N ASN B 14 5.24 -5.63 -2.63
CA ASN B 14 3.79 -5.68 -2.38
C ASN B 14 3.36 -4.65 -1.36
N ASP B 15 3.57 -3.38 -1.68
CA ASP B 15 3.21 -2.28 -0.80
C ASP B 15 3.16 -0.97 -1.59
N HIS B 16 2.29 -0.95 -2.59
CA HIS B 16 2.10 0.18 -3.49
C HIS B 16 3.18 1.26 -3.42
N ILE B 17 3.64 1.65 -4.59
CA ILE B 17 4.60 2.73 -4.73
C ILE B 17 4.12 3.64 -5.82
N ASN B 18 4.55 4.87 -5.79
CA ASN B 18 4.15 5.80 -6.82
C ASN B 18 5.15 5.70 -7.95
N LEU B 19 4.66 5.56 -9.18
CA LEU B 19 5.55 5.44 -10.32
C LEU B 19 5.41 6.63 -11.26
N LYS B 20 6.52 7.29 -11.48
CA LYS B 20 6.54 8.44 -12.36
C LYS B 20 6.76 8.04 -13.81
N VAL B 21 6.04 8.68 -14.73
CA VAL B 21 6.18 8.39 -16.15
C VAL B 21 6.41 9.70 -16.91
N ALA B 22 7.36 9.73 -17.82
CA ALA B 22 7.64 10.96 -18.57
C ALA B 22 7.20 10.76 -20.03
N GLY B 23 6.37 11.66 -20.56
CA GLY B 23 5.89 11.46 -21.93
C GLY B 23 5.96 12.66 -22.85
N GLN B 24 7.17 12.96 -23.32
CA GLN B 24 7.38 14.08 -24.27
C GLN B 24 6.92 15.43 -23.71
N ASP B 25 6.09 15.42 -22.69
CA ASP B 25 5.59 16.66 -22.10
C ASP B 25 6.74 17.54 -21.59
N GLY B 26 7.93 16.95 -21.49
CA GLY B 26 9.06 17.70 -20.99
C GLY B 26 9.15 17.64 -19.47
N SER B 27 8.14 17.01 -18.87
CA SER B 27 8.07 16.87 -17.44
C SER B 27 7.84 15.41 -17.06
N VAL B 28 6.98 15.17 -16.08
CA VAL B 28 6.73 13.82 -15.66
C VAL B 28 5.34 13.66 -15.06
N VAL B 29 4.88 12.42 -14.98
CA VAL B 29 3.61 12.10 -14.36
C VAL B 29 3.90 11.16 -13.23
N GLN B 30 3.06 11.19 -12.22
CA GLN B 30 3.27 10.35 -11.07
C GLN B 30 2.14 9.34 -10.89
N PHE B 31 2.51 8.08 -10.91
CA PHE B 31 1.58 6.98 -10.78
C PHE B 31 1.68 6.35 -9.41
N LYS B 32 0.74 5.47 -9.12
CA LYS B 32 0.75 4.74 -7.88
C LYS B 32 0.50 3.30 -8.26
N ILE B 33 1.55 2.52 -8.11
CA ILE B 33 1.53 1.14 -8.49
C ILE B 33 2.34 0.30 -7.54
N LYS B 34 1.78 -0.83 -7.13
CA LYS B 34 2.46 -1.72 -6.22
C LYS B 34 3.65 -2.34 -6.93
N ARG B 35 4.53 -2.92 -6.15
CA ARG B 35 5.74 -3.52 -6.68
C ARG B 35 5.42 -4.63 -7.68
N HIS B 36 4.98 -5.77 -7.18
CA HIS B 36 4.68 -6.92 -8.02
C HIS B 36 3.52 -6.67 -8.99
N THR B 37 2.96 -5.46 -8.99
CA THR B 37 1.85 -5.15 -9.90
C THR B 37 2.32 -4.82 -11.29
N PRO B 38 1.96 -5.68 -12.25
CA PRO B 38 2.28 -5.48 -13.66
C PRO B 38 2.25 -4.01 -14.03
N LEU B 39 3.13 -3.61 -14.94
CA LEU B 39 3.19 -2.22 -15.35
C LEU B 39 2.07 -1.85 -16.31
N SER B 40 1.43 -2.83 -16.95
CA SER B 40 0.34 -2.53 -17.89
C SER B 40 -0.73 -1.67 -17.25
N LYS B 41 -0.80 -1.64 -15.92
CA LYS B 41 -1.74 -0.83 -15.22
C LYS B 41 -1.23 0.61 -15.18
N LEU B 42 0.09 0.71 -15.37
CA LEU B 42 0.81 1.97 -15.39
C LEU B 42 0.89 2.56 -16.80
N MET B 43 1.09 1.69 -17.79
CA MET B 43 1.24 2.13 -19.17
C MET B 43 0.00 2.81 -19.74
N LYS B 44 -1.19 2.30 -19.44
CA LYS B 44 -2.43 2.91 -19.95
C LYS B 44 -2.73 4.22 -19.25
N ALA B 45 -2.70 4.24 -17.92
CA ALA B 45 -3.01 5.46 -17.18
C ALA B 45 -2.42 6.68 -17.86
N TYR B 46 -1.13 6.62 -18.19
CA TYR B 46 -0.48 7.74 -18.84
C TYR B 46 -1.16 8.09 -20.15
N CYS B 47 -1.84 7.11 -20.71
CA CYS B 47 -2.54 7.26 -21.96
C CYS B 47 -3.91 7.86 -21.70
N GLU B 48 -4.43 7.58 -20.50
CA GLU B 48 -5.69 8.11 -20.08
C GLU B 48 -5.43 9.50 -19.48
N ARG B 49 -4.15 9.74 -19.16
CA ARG B 49 -3.67 10.97 -18.59
C ARG B 49 -3.43 12.01 -19.68
N GLN B 50 -2.70 11.57 -20.71
CA GLN B 50 -2.36 12.43 -21.84
C GLN B 50 -3.28 12.19 -23.02
N GLY B 51 -3.79 10.97 -23.12
CA GLY B 51 -4.62 10.61 -24.25
C GLY B 51 -3.77 9.92 -25.27
N LEU B 52 -3.27 8.73 -24.91
CA LEU B 52 -2.39 7.97 -25.78
C LEU B 52 -2.95 6.56 -26.01
N SER B 53 -2.75 6.03 -27.20
CA SER B 53 -3.26 4.71 -27.52
C SER B 53 -2.72 3.63 -26.57
N MET B 54 -1.80 4.02 -25.67
CA MET B 54 -1.21 3.08 -24.71
C MET B 54 -0.29 2.11 -25.42
N ARG B 55 -0.87 1.27 -26.22
CA ARG B 55 -0.12 0.30 -26.99
C ARG B 55 0.85 1.03 -27.89
N GLN B 56 0.47 2.23 -28.30
CA GLN B 56 1.25 3.05 -29.22
C GLN B 56 2.47 3.73 -28.59
N ILE B 57 2.43 4.08 -27.30
CA ILE B 57 3.60 4.72 -26.70
C ILE B 57 4.71 3.74 -26.46
N ARG B 58 5.84 4.27 -26.07
CA ARG B 58 7.01 3.48 -25.79
C ARG B 58 7.52 3.86 -24.43
N PHE B 59 7.52 2.93 -23.50
CA PHE B 59 7.99 3.22 -22.16
C PHE B 59 9.39 2.68 -21.92
N ARG B 60 10.06 3.29 -20.97
CA ARG B 60 11.37 2.88 -20.55
C ARG B 60 11.57 3.31 -19.12
N PHE B 61 12.03 2.39 -18.29
CA PHE B 61 12.30 2.72 -16.92
C PHE B 61 13.78 3.06 -16.86
N ASP B 62 14.19 3.86 -15.89
CA ASP B 62 15.58 4.28 -15.80
C ASP B 62 16.55 3.14 -16.06
N GLY B 63 16.75 2.84 -17.36
CA GLY B 63 17.67 1.78 -17.75
C GLY B 63 16.98 0.54 -18.31
N GLN B 64 15.67 0.42 -18.10
CA GLN B 64 14.93 -0.74 -18.60
C GLN B 64 13.83 -0.32 -19.58
N PRO B 65 13.64 -1.08 -20.67
CA PRO B 65 12.63 -0.80 -21.70
C PRO B 65 11.24 -1.27 -21.29
N ILE B 66 11.23 -2.21 -20.37
CA ILE B 66 10.02 -2.80 -19.83
C ILE B 66 9.07 -3.21 -20.95
N ASN B 67 8.00 -3.93 -20.61
CA ASN B 67 7.05 -4.38 -21.63
C ASN B 67 5.66 -4.50 -21.06
N GLU B 68 5.16 -3.37 -20.62
CA GLU B 68 3.81 -3.24 -20.05
C GLU B 68 3.36 -4.43 -19.20
N THR B 69 4.20 -5.44 -19.00
CA THR B 69 3.84 -6.59 -18.20
C THR B 69 4.89 -6.82 -17.11
N ASP B 70 5.92 -5.99 -17.13
CA ASP B 70 6.95 -6.04 -16.12
C ASP B 70 6.45 -5.26 -14.94
N THR B 71 6.50 -5.85 -13.78
CA THR B 71 6.04 -5.16 -12.60
C THR B 71 7.18 -4.40 -11.98
N PRO B 72 6.91 -3.26 -11.36
CA PRO B 72 7.95 -2.45 -10.77
C PRO B 72 8.90 -3.29 -9.91
N ALA B 73 8.35 -4.21 -9.13
CA ALA B 73 9.18 -5.08 -8.28
C ALA B 73 10.20 -5.82 -9.12
N GLN B 74 9.72 -6.63 -10.06
CA GLN B 74 10.58 -7.41 -10.93
C GLN B 74 11.69 -6.56 -11.53
N LEU B 75 11.37 -5.30 -11.80
CA LEU B 75 12.33 -4.37 -12.39
C LEU B 75 13.09 -3.64 -11.29
N GLU B 76 12.55 -3.73 -10.08
CA GLU B 76 13.15 -3.15 -8.88
C GLU B 76 12.94 -1.65 -8.78
N MET B 77 11.85 -1.15 -9.37
CA MET B 77 11.53 0.28 -9.30
C MET B 77 11.56 0.75 -7.85
N GLU B 78 11.12 1.97 -7.61
CA GLU B 78 11.06 2.51 -6.27
C GLU B 78 10.07 3.64 -6.24
N ASP B 79 9.74 4.10 -5.06
CA ASP B 79 8.77 5.17 -4.90
C ASP B 79 9.26 6.45 -5.60
N GLU B 80 8.44 6.96 -6.53
CA GLU B 80 8.75 8.17 -7.29
C GLU B 80 9.62 7.90 -8.52
N ASP B 81 10.07 6.66 -8.72
CA ASP B 81 10.86 6.36 -9.89
C ASP B 81 10.11 6.80 -11.13
N THR B 82 10.83 7.06 -12.19
CA THR B 82 10.20 7.51 -13.44
C THR B 82 10.33 6.47 -14.55
N ILE B 83 9.37 6.48 -15.45
CA ILE B 83 9.37 5.59 -16.60
C ILE B 83 9.11 6.41 -17.86
N ASP B 84 10.16 6.70 -18.60
CA ASP B 84 10.06 7.56 -19.76
C ASP B 84 9.23 6.99 -20.91
N VAL B 85 8.39 7.87 -21.44
CA VAL B 85 7.50 7.60 -22.57
C VAL B 85 7.95 8.46 -23.75
N PHE B 86 8.17 7.83 -24.89
CA PHE B 86 8.56 8.57 -26.09
C PHE B 86 7.82 8.00 -27.27
N GLN B 87 6.84 8.73 -27.75
CA GLN B 87 6.04 8.27 -28.87
C GLN B 87 5.60 9.41 -29.78
N GLN B 88 5.87 9.24 -31.08
CA GLN B 88 5.53 10.23 -32.08
C GLN B 88 4.06 10.66 -31.97
N GLN B 89 3.84 11.94 -31.67
CA GLN B 89 2.50 12.47 -31.53
C GLN B 89 1.75 12.41 -32.86
N THR B 90 0.44 12.28 -32.79
CA THR B 90 -0.39 12.21 -33.99
C THR B 90 -1.79 12.74 -33.72
N THR C 1 -13.55 1.05 23.79
CA THR C 1 -12.41 1.22 24.74
C THR C 1 -12.81 0.91 26.17
N VAL C 2 -13.52 -0.22 26.34
CA VAL C 2 -13.96 -0.63 27.67
C VAL C 2 -13.75 -2.12 27.88
N GLY C 3 -14.13 -2.92 26.90
CA GLY C 3 -13.98 -4.36 27.01
C GLY C 3 -14.60 -5.10 25.84
N ASP C 4 -13.76 -5.74 25.03
CA ASP C 4 -14.23 -6.49 23.87
C ASP C 4 -13.05 -6.96 23.01
N GLU C 5 -13.36 -7.46 21.82
CA GLU C 5 -12.33 -7.94 20.91
C GLU C 5 -12.95 -8.51 19.63
N ILE C 6 -13.54 -9.71 19.73
CA ILE C 6 -14.17 -10.35 18.60
C ILE C 6 -13.16 -10.66 17.47
N VAL C 7 -13.21 -9.91 16.37
CA VAL C 7 -12.30 -10.09 15.24
C VAL C 7 -12.23 -11.55 14.76
N ASP C 8 -11.67 -11.75 13.57
CA ASP C 8 -11.52 -13.07 12.98
C ASP C 8 -10.06 -13.30 12.58
N LEU C 9 -9.80 -14.34 11.79
CA LEU C 9 -8.44 -14.64 11.38
C LEU C 9 -8.36 -15.71 10.30
N THR C 10 -7.12 -16.00 9.88
CA THR C 10 -6.86 -17.01 8.85
C THR C 10 -5.41 -16.91 8.36
N CYS C 11 -5.12 -17.52 7.21
CA CYS C 11 -3.79 -17.50 6.63
C CYS C 11 -3.73 -16.50 5.48
N GLU C 12 -4.72 -16.56 4.60
CA GLU C 12 -4.80 -15.66 3.45
C GLU C 12 -3.49 -15.66 2.66
N SER C 13 -3.31 -14.63 1.82
CA SER C 13 -2.11 -14.50 1.00
C SER C 13 -2.15 -15.46 -0.19
N LEU C 14 -2.37 -14.91 -1.38
CA LEU C 14 -2.43 -15.71 -2.59
C LEU C 14 -1.65 -15.05 -3.72
N GLU C 15 -2.22 -14.01 -4.31
CA GLU C 15 -1.58 -13.29 -5.40
C GLU C 15 -2.37 -12.04 -5.79
N PRO C 16 -2.43 -11.05 -4.89
CA PRO C 16 -3.17 -9.82 -5.14
C PRO C 16 -2.34 -8.77 -5.88
N VAL C 17 -1.61 -7.93 -5.13
CA VAL C 17 -0.80 -6.86 -5.71
C VAL C 17 -1.44 -6.24 -6.95
N VAL C 18 -2.20 -5.15 -6.75
CA VAL C 18 -2.87 -4.47 -7.86
C VAL C 18 -3.34 -3.07 -7.44
N VAL C 19 -3.13 -2.09 -8.33
CA VAL C 19 -3.56 -0.71 -8.06
C VAL C 19 -3.18 0.22 -9.21
N ASP C 20 -3.53 1.50 -9.06
CA ASP C 20 -3.23 2.52 -10.06
C ASP C 20 -3.58 3.92 -9.54
N LEU C 21 -2.67 4.87 -9.76
CA LEU C 21 -2.87 6.25 -9.32
C LEU C 21 -4.28 6.72 -9.62
N THR C 22 -4.94 7.32 -8.63
CA THR C 22 -6.31 7.80 -8.80
C THR C 22 -6.46 8.67 -10.05
N HIS C 23 -5.67 9.74 -10.13
CA HIS C 23 -5.74 10.64 -11.28
C HIS C 23 -4.35 11.19 -11.62
N ASN C 24 -3.94 12.24 -10.91
CA ASN C 24 -2.65 12.87 -11.15
C ASN C 24 -2.58 13.46 -12.55
N ASP C 25 -2.66 14.79 -12.62
CA ASP C 25 -2.61 15.49 -13.91
C ASP C 25 -2.10 16.92 -13.73
N GLY A 1 -0.59 -26.65 13.72
CA GLY A 1 0.42 -27.03 14.74
C GLY A 1 0.77 -25.89 15.67
N THR A 2 -0.26 -25.25 16.23
CA THR A 2 -0.06 -24.13 17.14
C THR A 2 0.65 -22.98 16.45
N GLU A 3 0.64 -21.81 17.09
CA GLU A 3 1.28 -20.60 16.56
C GLU A 3 0.37 -19.86 15.58
N ASN A 4 -0.38 -20.62 14.77
CA ASN A 4 -1.29 -20.02 13.80
C ASN A 4 -2.65 -19.74 14.42
N ASP A 5 -2.68 -19.52 15.73
CA ASP A 5 -3.92 -19.18 16.41
C ASP A 5 -4.02 -17.67 16.45
N HIS A 6 -4.72 -17.09 17.43
CA HIS A 6 -4.77 -15.64 17.51
C HIS A 6 -4.22 -15.12 18.81
N ILE A 7 -3.47 -14.04 18.68
CA ILE A 7 -2.87 -13.36 19.80
C ILE A 7 -3.59 -12.03 19.93
N ASN A 8 -3.59 -11.44 21.10
CA ASN A 8 -4.28 -10.17 21.27
C ASN A 8 -3.36 -9.02 20.88
N LEU A 9 -3.86 -8.05 20.12
CA LEU A 9 -3.04 -6.93 19.73
C LEU A 9 -3.61 -5.63 20.26
N LYS A 10 -2.72 -4.77 20.68
CA LYS A 10 -3.12 -3.48 21.19
C LYS A 10 -2.84 -2.43 20.16
N VAL A 11 -3.87 -1.88 19.56
CA VAL A 11 -3.65 -0.86 18.57
C VAL A 11 -3.71 0.50 19.25
N ALA A 12 -2.56 1.18 19.28
CA ALA A 12 -2.42 2.49 19.90
C ALA A 12 -2.66 3.60 18.91
N GLY A 13 -3.18 4.73 19.38
CA GLY A 13 -3.46 5.84 18.51
C GLY A 13 -2.44 6.94 18.61
N GLN A 14 -2.42 7.81 17.62
CA GLN A 14 -1.50 8.93 17.58
C GLN A 14 -1.74 9.88 18.76
N ASP A 15 -2.91 9.78 19.38
CA ASP A 15 -3.25 10.61 20.52
C ASP A 15 -3.03 9.87 21.84
N GLY A 16 -2.69 8.59 21.75
CA GLY A 16 -2.46 7.80 22.95
C GLY A 16 -3.60 6.85 23.27
N SER A 17 -4.47 6.63 22.30
CA SER A 17 -5.61 5.74 22.49
C SER A 17 -5.38 4.40 21.79
N VAL A 18 -5.15 3.36 22.59
CA VAL A 18 -4.91 2.02 22.07
C VAL A 18 -6.17 1.16 22.23
N VAL A 19 -6.24 0.05 21.50
CA VAL A 19 -7.39 -0.85 21.56
C VAL A 19 -6.93 -2.29 21.44
N GLN A 20 -7.66 -3.21 22.07
CA GLN A 20 -7.31 -4.61 22.00
C GLN A 20 -8.01 -5.31 20.85
N PHE A 21 -7.25 -6.13 20.14
CA PHE A 21 -7.76 -6.89 19.02
C PHE A 21 -7.00 -8.18 18.85
N LYS A 22 -7.67 -9.28 19.05
CA LYS A 22 -7.01 -10.56 18.88
C LYS A 22 -7.23 -11.06 17.48
N ILE A 23 -6.16 -11.52 16.88
CA ILE A 23 -6.23 -12.01 15.54
C ILE A 23 -5.23 -13.14 15.35
N LYS A 24 -5.56 -14.04 14.46
CA LYS A 24 -4.71 -15.18 14.18
C LYS A 24 -3.41 -14.71 13.54
N ARG A 25 -2.29 -15.18 14.09
CA ARG A 25 -0.97 -14.78 13.62
C ARG A 25 -0.87 -14.69 12.11
N HIS A 26 -1.12 -15.78 11.43
CA HIS A 26 -1.04 -15.80 9.98
C HIS A 26 -2.25 -15.13 9.36
N THR A 27 -2.76 -14.10 10.02
CA THR A 27 -3.90 -13.37 9.50
C THR A 27 -3.49 -11.95 9.17
N PRO A 28 -3.99 -11.39 8.07
CA PRO A 28 -3.68 -10.03 7.70
C PRO A 28 -4.25 -9.06 8.71
N LEU A 29 -3.36 -8.30 9.35
CA LEU A 29 -3.76 -7.32 10.34
C LEU A 29 -4.87 -6.42 9.85
N SER A 30 -5.10 -6.39 8.53
CA SER A 30 -6.16 -5.57 7.96
C SER A 30 -7.51 -5.88 8.61
N LYS A 31 -7.60 -7.03 9.31
CA LYS A 31 -8.82 -7.40 9.99
C LYS A 31 -8.85 -6.75 11.37
N LEU A 32 -7.68 -6.73 12.00
CA LEU A 32 -7.50 -6.12 13.31
C LEU A 32 -7.84 -4.64 13.22
N MET A 33 -7.44 -4.02 12.11
CA MET A 33 -7.72 -2.62 11.89
C MET A 33 -9.18 -2.41 11.49
N LYS A 34 -9.72 -3.37 10.76
CA LYS A 34 -11.11 -3.29 10.32
C LYS A 34 -12.03 -3.25 11.52
N ALA A 35 -11.59 -3.88 12.61
CA ALA A 35 -12.34 -3.88 13.86
C ALA A 35 -12.14 -2.52 14.53
N TYR A 36 -10.94 -1.99 14.35
CA TYR A 36 -10.56 -0.67 14.86
C TYR A 36 -11.37 0.39 14.14
N CYS A 37 -11.59 0.16 12.85
CA CYS A 37 -12.40 1.06 12.03
C CYS A 37 -13.85 0.90 12.45
N GLU A 38 -14.19 -0.32 12.79
CA GLU A 38 -15.51 -0.68 13.25
C GLU A 38 -15.77 -0.01 14.59
N ARG A 39 -14.75 -0.04 15.42
CA ARG A 39 -14.76 0.51 16.74
C ARG A 39 -15.09 2.01 16.81
N GLN A 40 -14.55 2.78 15.87
CA GLN A 40 -14.73 4.22 15.91
C GLN A 40 -15.27 4.85 14.63
N GLY A 41 -15.51 4.07 13.59
CA GLY A 41 -16.05 4.66 12.37
C GLY A 41 -14.96 5.19 11.44
N LEU A 42 -13.69 4.92 11.76
CA LEU A 42 -12.58 5.39 10.93
C LEU A 42 -12.78 4.96 9.48
N SER A 43 -11.75 5.16 8.66
CA SER A 43 -11.81 4.77 7.26
C SER A 43 -10.80 3.65 6.96
N MET A 44 -9.87 3.42 7.89
CA MET A 44 -8.83 2.39 7.74
C MET A 44 -7.85 2.80 6.62
N ARG A 45 -8.38 3.37 5.54
CA ARG A 45 -7.55 3.82 4.43
C ARG A 45 -6.90 5.16 4.80
N GLN A 46 -7.66 5.99 5.51
CA GLN A 46 -7.19 7.29 5.98
C GLN A 46 -6.32 7.12 7.21
N ILE A 47 -6.30 5.90 7.72
CA ILE A 47 -5.56 5.52 8.89
C ILE A 47 -4.57 4.39 8.56
N ARG A 48 -3.39 4.45 9.18
CA ARG A 48 -2.33 3.47 8.96
C ARG A 48 -1.77 3.02 10.31
N PHE A 49 -1.82 1.71 10.58
CA PHE A 49 -1.32 1.18 11.84
C PHE A 49 0.13 0.84 11.80
N ARG A 50 0.79 1.06 12.90
CA ARG A 50 2.16 0.69 13.08
C ARG A 50 2.14 -0.54 13.98
N PHE A 51 3.28 -1.03 14.29
CA PHE A 51 3.45 -2.17 15.17
C PHE A 51 4.60 -1.79 16.07
N ASP A 52 4.72 -2.40 17.24
CA ASP A 52 5.80 -2.00 18.12
C ASP A 52 7.03 -1.76 17.24
N GLY A 53 7.07 -0.51 16.75
CA GLY A 53 8.12 -0.04 15.87
C GLY A 53 8.08 -0.64 14.46
N GLN A 54 6.94 -0.57 13.74
CA GLN A 54 6.89 -1.12 12.36
C GLN A 54 5.65 -0.59 11.63
N PRO A 55 5.83 0.41 10.73
CA PRO A 55 4.74 1.06 9.95
C PRO A 55 3.78 0.12 9.22
N ILE A 56 3.15 -0.75 9.96
CA ILE A 56 2.22 -1.75 9.46
C ILE A 56 1.57 -1.53 8.09
N ASN A 57 1.17 -2.69 7.59
CA ASN A 57 0.46 -2.84 6.32
C ASN A 57 -0.86 -3.54 6.57
N GLU A 58 -1.66 -3.69 5.53
CA GLU A 58 -2.95 -4.35 5.64
C GLU A 58 -2.77 -5.86 5.66
N THR A 59 -1.85 -6.35 4.85
CA THR A 59 -1.59 -7.78 4.76
C THR A 59 -0.69 -8.25 5.90
N ASP A 60 0.15 -7.35 6.39
CA ASP A 60 1.07 -7.69 7.48
C ASP A 60 0.33 -8.39 8.62
N THR A 61 0.90 -9.51 9.07
CA THR A 61 0.30 -10.27 10.16
C THR A 61 1.24 -10.36 11.36
N PRO A 62 0.68 -10.52 12.56
CA PRO A 62 1.47 -10.63 13.79
C PRO A 62 2.69 -11.54 13.59
N ALA A 63 2.47 -12.72 12.99
CA ALA A 63 3.55 -13.65 12.70
C ALA A 63 4.53 -13.02 11.76
N GLN A 64 3.95 -12.36 10.79
CA GLN A 64 4.66 -11.67 9.75
C GLN A 64 5.34 -10.43 10.32
N LEU A 65 4.96 -10.13 11.54
CA LEU A 65 5.46 -8.98 12.25
C LEU A 65 6.10 -9.40 13.57
N GLU A 66 6.20 -10.72 13.77
CA GLU A 66 6.77 -11.27 14.99
C GLU A 66 6.13 -10.60 16.19
N MET A 67 4.81 -10.63 16.21
CA MET A 67 4.03 -10.02 17.28
C MET A 67 3.71 -11.07 18.34
N GLU A 68 3.07 -10.64 19.43
CA GLU A 68 2.74 -11.56 20.51
C GLU A 68 1.32 -11.42 20.98
N ASP A 69 1.05 -12.15 22.05
CA ASP A 69 -0.21 -12.09 22.69
C ASP A 69 -0.17 -10.93 23.67
N GLU A 70 -1.16 -10.08 23.54
CA GLU A 70 -1.23 -8.86 24.32
C GLU A 70 -0.07 -8.00 23.88
N ASP A 71 0.03 -7.84 22.58
CA ASP A 71 1.04 -7.00 21.98
C ASP A 71 0.41 -5.68 21.68
N THR A 72 1.13 -4.81 21.00
CA THR A 72 0.54 -3.53 20.67
C THR A 72 0.76 -3.16 19.22
N ILE A 73 -0.34 -2.86 18.58
CA ILE A 73 -0.33 -2.40 17.23
C ILE A 73 -0.41 -0.90 17.36
N ASP A 74 0.31 -0.18 16.56
CA ASP A 74 0.31 1.26 16.67
C ASP A 74 -0.62 1.84 15.62
N VAL A 75 -1.10 3.04 15.86
CA VAL A 75 -1.98 3.68 14.89
C VAL A 75 -1.46 5.03 14.47
N PHE A 76 -1.53 5.21 13.18
CA PHE A 76 -1.16 6.42 12.52
C PHE A 76 -2.18 6.62 11.44
N GLN A 77 -2.47 7.83 11.11
CA GLN A 77 -3.49 8.06 10.12
C GLN A 77 -2.95 8.84 8.93
N GLN A 78 -2.81 8.13 7.82
CA GLN A 78 -2.28 8.70 6.58
C GLN A 78 -0.86 9.21 6.79
N GLN A 79 -0.30 9.85 5.75
CA GLN A 79 1.08 10.33 5.82
C GLN A 79 1.97 9.23 6.39
N THR A 80 1.58 7.99 6.08
CA THR A 80 2.25 6.80 6.57
C THR A 80 2.61 5.87 5.41
N GLY A 81 3.76 5.21 5.53
CA GLY A 81 4.20 4.29 4.51
C GLY A 81 5.50 3.59 4.89
N GLY A 82 5.38 2.44 5.53
CA GLY A 82 6.54 1.69 5.96
C GLY A 82 7.32 1.09 4.80
N GLY B 1 2.17 19.49 -6.04
CA GLY B 1 2.42 18.57 -4.89
C GLY B 1 2.02 17.15 -5.20
N SER B 2 1.91 16.33 -4.16
CA SER B 2 1.53 14.93 -4.32
C SER B 2 0.58 14.48 -3.22
N GLU B 3 -0.02 15.44 -2.51
CA GLU B 3 -0.96 15.16 -1.43
C GLU B 3 -0.56 13.91 -0.63
N GLU B 4 -1.05 12.75 -1.06
CA GLU B 4 -0.74 11.49 -0.40
C GLU B 4 0.61 10.96 -0.85
N LYS B 5 0.76 9.65 -0.86
CA LYS B 5 2.00 8.99 -1.27
C LYS B 5 3.09 9.19 -0.22
N PRO B 6 3.85 8.14 0.07
CA PRO B 6 4.94 8.19 1.06
C PRO B 6 6.06 9.10 0.62
N LYS B 7 6.40 10.08 1.46
CA LYS B 7 7.52 10.97 1.14
C LYS B 7 8.79 10.13 1.21
N GLU B 8 8.93 9.26 0.21
CA GLU B 8 10.05 8.33 0.17
C GLU B 8 9.87 7.33 1.31
N GLY B 9 8.89 6.43 1.15
CA GLY B 9 8.62 5.45 2.19
C GLY B 9 8.58 4.03 1.68
N VAL B 10 9.51 3.73 0.80
CA VAL B 10 9.62 2.41 0.19
C VAL B 10 10.68 1.56 0.86
N LYS B 11 10.25 0.48 1.50
CA LYS B 11 11.16 -0.44 2.16
C LYS B 11 11.14 -1.81 1.51
N THR B 12 10.02 -2.50 1.69
CA THR B 12 9.84 -3.86 1.15
C THR B 12 8.71 -3.92 0.13
N GLU B 13 8.97 -3.37 -1.05
CA GLU B 13 7.98 -3.35 -2.13
C GLU B 13 6.60 -2.92 -1.61
N ASN B 14 5.77 -3.89 -1.22
CA ASN B 14 4.44 -3.61 -0.71
C ASN B 14 4.43 -2.44 0.28
N ASP B 15 4.20 -1.24 -0.25
CA ASP B 15 4.16 -0.01 0.55
C ASP B 15 3.89 1.19 -0.34
N HIS B 16 3.09 0.96 -1.38
CA HIS B 16 2.71 1.95 -2.38
C HIS B 16 3.61 3.17 -2.47
N ILE B 17 3.91 3.53 -3.70
CA ILE B 17 4.70 4.70 -4.00
C ILE B 17 4.07 5.45 -5.14
N ASN B 18 4.41 6.71 -5.27
CA ASN B 18 3.89 7.52 -6.35
C ASN B 18 4.78 7.32 -7.57
N LEU B 19 4.18 7.08 -8.72
CA LEU B 19 4.95 6.89 -9.93
C LEU B 19 4.63 7.94 -10.96
N LYS B 20 5.67 8.58 -11.44
CA LYS B 20 5.52 9.61 -12.44
C LYS B 20 5.75 9.04 -13.83
N VAL B 21 4.93 9.39 -14.79
CA VAL B 21 5.11 8.92 -16.16
C VAL B 21 5.30 10.14 -17.06
N ALA B 22 6.35 10.14 -17.87
CA ALA B 22 6.62 11.29 -18.73
C ALA B 22 6.15 11.05 -20.17
N GLY B 23 4.98 11.60 -20.50
CA GLY B 23 4.44 11.45 -21.84
C GLY B 23 4.88 12.55 -22.78
N GLN B 24 4.65 12.32 -24.08
CA GLN B 24 5.02 13.28 -25.12
C GLN B 24 4.46 14.67 -24.82
N ASP B 25 3.48 14.73 -23.92
CA ASP B 25 2.83 15.98 -23.57
C ASP B 25 3.83 17.07 -23.16
N GLY B 26 5.11 16.71 -23.08
CA GLY B 26 6.11 17.67 -22.68
C GLY B 26 5.93 18.05 -21.23
N SER B 27 5.71 17.03 -20.41
CA SER B 27 5.51 17.22 -18.98
C SER B 27 5.61 15.88 -18.27
N VAL B 28 4.86 15.72 -17.20
CA VAL B 28 4.89 14.49 -16.44
C VAL B 28 3.56 14.24 -15.76
N VAL B 29 3.33 12.99 -15.40
CA VAL B 29 2.13 12.60 -14.67
C VAL B 29 2.57 11.88 -13.44
N GLN B 30 1.74 11.94 -12.41
CA GLN B 30 2.10 11.31 -11.15
C GLN B 30 1.10 10.23 -10.75
N PHE B 31 1.58 9.00 -10.84
CA PHE B 31 0.82 7.81 -10.50
C PHE B 31 1.14 7.37 -9.09
N LYS B 32 0.37 6.43 -8.59
CA LYS B 32 0.62 5.87 -7.28
C LYS B 32 0.52 4.37 -7.43
N ILE B 33 1.67 3.74 -7.34
CA ILE B 33 1.79 2.32 -7.52
C ILE B 33 2.70 1.74 -6.48
N LYS B 34 2.34 0.57 -5.99
CA LYS B 34 3.14 -0.10 -5.00
C LYS B 34 4.50 -0.45 -5.62
N ARG B 35 4.74 -1.71 -5.89
CA ARG B 35 6.01 -2.10 -6.48
C ARG B 35 5.90 -3.47 -7.16
N HIS B 36 5.68 -4.50 -6.35
CA HIS B 36 5.57 -5.87 -6.85
C HIS B 36 4.46 -6.00 -7.91
N THR B 37 3.62 -4.98 -8.01
CA THR B 37 2.56 -4.97 -8.99
C THR B 37 3.07 -4.58 -10.36
N PRO B 38 2.96 -5.50 -11.31
CA PRO B 38 3.37 -5.28 -12.69
C PRO B 38 3.09 -3.85 -13.11
N LEU B 39 3.96 -3.28 -13.93
CA LEU B 39 3.76 -1.91 -14.35
C LEU B 39 2.53 -1.76 -15.23
N SER B 40 2.11 -2.82 -15.92
CA SER B 40 0.93 -2.76 -16.77
C SER B 40 -0.25 -2.14 -16.00
N LYS B 41 -0.18 -2.23 -14.67
CA LYS B 41 -1.19 -1.67 -13.81
C LYS B 41 -1.12 -0.15 -13.82
N LEU B 42 0.12 0.33 -13.99
CA LEU B 42 0.43 1.75 -14.04
C LEU B 42 0.34 2.28 -15.48
N MET B 43 0.44 1.38 -16.43
CA MET B 43 0.43 1.73 -17.85
C MET B 43 -0.91 2.27 -18.35
N LYS B 44 -2.01 1.64 -17.94
CA LYS B 44 -3.33 2.09 -18.42
C LYS B 44 -3.77 3.37 -17.76
N ALA B 45 -3.18 3.72 -16.62
CA ALA B 45 -3.56 4.97 -15.98
C ALA B 45 -3.28 6.11 -16.94
N TYR B 46 -2.05 6.14 -17.47
CA TYR B 46 -1.69 7.18 -18.41
C TYR B 46 -2.70 7.25 -19.53
N CYS B 47 -2.91 6.14 -20.24
CA CYS B 47 -3.90 6.10 -21.31
C CYS B 47 -5.15 6.84 -20.86
N GLU B 48 -5.85 6.22 -19.91
CA GLU B 48 -7.07 6.80 -19.36
C GLU B 48 -6.85 8.28 -18.99
N ARG B 49 -5.57 8.62 -18.76
CA ARG B 49 -5.18 9.97 -18.39
C ARG B 49 -5.10 10.89 -19.63
N GLN B 50 -4.36 10.44 -20.65
CA GLN B 50 -4.17 11.22 -21.88
C GLN B 50 -5.03 10.71 -23.04
N GLY B 51 -5.53 9.49 -22.91
CA GLY B 51 -6.30 8.89 -23.98
C GLY B 51 -5.35 8.20 -24.95
N LEU B 52 -4.61 7.23 -24.43
CA LEU B 52 -3.62 6.51 -25.21
C LEU B 52 -3.88 5.02 -25.22
N SER B 53 -3.63 4.38 -26.33
CA SER B 53 -3.78 2.94 -26.36
C SER B 53 -2.68 2.36 -25.46
N MET B 54 -3.01 2.15 -24.19
CA MET B 54 -2.09 1.65 -23.19
C MET B 54 -1.04 0.69 -23.75
N ARG B 55 -1.41 -0.02 -24.77
CA ARG B 55 -0.53 -0.98 -25.41
C ARG B 55 0.36 -0.28 -26.43
N GLN B 56 -0.20 0.76 -27.04
CA GLN B 56 0.47 1.53 -28.06
C GLN B 56 1.63 2.38 -27.54
N ILE B 57 1.53 2.91 -26.32
CA ILE B 57 2.60 3.76 -25.81
C ILE B 57 3.82 2.94 -25.46
N ARG B 58 4.88 3.62 -25.08
CA ARG B 58 6.12 2.97 -24.73
C ARG B 58 6.67 3.54 -23.43
N PHE B 59 6.79 2.70 -22.42
CA PHE B 59 7.29 3.17 -21.14
C PHE B 59 8.76 2.86 -20.94
N ARG B 60 9.40 3.72 -20.17
CA ARG B 60 10.80 3.58 -19.85
C ARG B 60 11.05 4.21 -18.49
N PHE B 61 11.74 3.48 -17.61
CA PHE B 61 12.04 4.01 -16.31
C PHE B 61 13.43 4.62 -16.35
N ASP B 62 13.69 5.55 -15.47
CA ASP B 62 14.95 6.27 -15.42
C ASP B 62 16.18 5.38 -15.66
N GLY B 63 16.45 5.09 -16.93
CA GLY B 63 17.61 4.29 -17.28
C GLY B 63 17.29 2.92 -17.87
N GLN B 64 16.07 2.43 -17.67
CA GLN B 64 15.70 1.11 -18.18
C GLN B 64 14.29 1.09 -18.76
N PRO B 65 14.04 0.18 -19.72
CA PRO B 65 12.75 0.00 -20.37
C PRO B 65 11.88 -0.94 -19.56
N ILE B 66 10.65 -0.52 -19.24
CA ILE B 66 9.79 -1.36 -18.43
C ILE B 66 8.65 -2.00 -19.22
N ASN B 67 9.05 -3.05 -19.89
CA ASN B 67 8.19 -3.83 -20.79
C ASN B 67 6.86 -4.27 -20.17
N GLU B 68 6.09 -3.29 -19.75
CA GLU B 68 4.75 -3.49 -19.17
C GLU B 68 4.61 -4.61 -18.13
N THR B 69 5.58 -5.49 -18.02
CA THR B 69 5.51 -6.55 -17.02
C THR B 69 6.48 -6.26 -15.89
N ASP B 70 7.38 -5.32 -16.13
CA ASP B 70 8.35 -4.92 -15.13
C ASP B 70 7.64 -4.17 -14.03
N THR B 71 7.64 -4.72 -12.83
CA THR B 71 7.01 -4.05 -11.71
C THR B 71 8.01 -3.08 -11.12
N PRO B 72 7.56 -1.93 -10.60
CA PRO B 72 8.48 -0.96 -10.04
C PRO B 72 9.49 -1.63 -9.11
N ALA B 73 9.00 -2.42 -8.17
CA ALA B 73 9.87 -3.15 -7.24
C ALA B 73 10.97 -3.87 -7.99
N GLN B 74 10.56 -4.74 -8.90
CA GLN B 74 11.47 -5.52 -9.70
C GLN B 74 12.62 -4.66 -10.24
N LEU B 75 12.30 -3.43 -10.61
CA LEU B 75 13.29 -2.51 -11.15
C LEU B 75 13.89 -1.67 -10.04
N GLU B 76 13.13 -1.51 -8.96
CA GLU B 76 13.55 -0.77 -7.77
C GLU B 76 13.16 0.71 -7.80
N MET B 77 12.01 1.00 -8.40
CA MET B 77 11.51 2.37 -8.48
C MET B 77 11.26 2.90 -7.07
N GLU B 78 10.82 4.15 -6.95
CA GLU B 78 10.57 4.73 -5.65
C GLU B 78 9.49 5.79 -5.76
N ASP B 79 9.13 6.37 -4.61
CA ASP B 79 8.10 7.39 -4.56
C ASP B 79 8.49 8.61 -5.39
N GLU B 80 7.61 9.00 -6.30
CA GLU B 80 7.82 10.14 -7.18
C GLU B 80 8.77 9.83 -8.33
N ASP B 81 9.11 8.55 -8.52
CA ASP B 81 9.97 8.20 -9.63
C ASP B 81 9.23 8.50 -10.90
N THR B 82 9.93 8.46 -12.01
CA THR B 82 9.31 8.77 -13.30
C THR B 82 9.43 7.60 -14.29
N ILE B 83 8.57 7.59 -15.30
CA ILE B 83 8.59 6.57 -16.33
C ILE B 83 8.24 7.23 -17.66
N ASP B 84 9.25 7.46 -18.49
CA ASP B 84 9.05 8.14 -19.75
C ASP B 84 8.24 7.37 -20.79
N VAL B 85 7.13 7.99 -21.21
CA VAL B 85 6.25 7.49 -22.25
C VAL B 85 6.61 8.21 -23.54
N PHE B 86 6.78 7.48 -24.63
CA PHE B 86 7.08 8.12 -25.90
C PHE B 86 6.42 7.32 -27.00
N GLN B 87 5.36 7.88 -27.52
CA GLN B 87 4.59 7.20 -28.55
C GLN B 87 3.99 8.19 -29.55
N GLN B 88 4.50 8.14 -30.78
CA GLN B 88 4.01 9.04 -31.84
C GLN B 88 2.71 8.53 -32.43
N GLN B 89 1.94 9.45 -33.02
CA GLN B 89 0.67 9.11 -33.63
C GLN B 89 0.62 9.62 -35.07
N THR B 90 0.03 8.83 -35.97
CA THR B 90 -0.08 9.22 -37.36
C THR B 90 -1.38 8.72 -37.98
N THR C 1 -14.71 5.13 21.89
CA THR C 1 -13.47 4.33 21.75
C THR C 1 -13.60 3.00 22.51
N VAL C 2 -14.57 2.18 22.11
CA VAL C 2 -14.79 0.89 22.76
C VAL C 2 -15.51 -0.07 21.81
N GLY C 3 -14.89 -1.23 21.58
CA GLY C 3 -15.49 -2.21 20.69
C GLY C 3 -14.86 -3.59 20.81
N ASP C 4 -14.30 -3.87 21.97
CA ASP C 4 -13.66 -5.17 22.23
C ASP C 4 -12.76 -5.60 21.05
N GLU C 5 -12.35 -6.86 21.05
CA GLU C 5 -11.49 -7.38 19.99
C GLU C 5 -12.27 -7.53 18.68
N ILE C 6 -13.10 -8.58 18.62
CA ILE C 6 -13.92 -8.85 17.42
C ILE C 6 -13.22 -9.80 16.44
N VAL C 7 -11.97 -9.50 16.12
CA VAL C 7 -11.20 -10.32 15.18
C VAL C 7 -10.81 -11.67 15.77
N ASP C 8 -10.63 -12.66 14.89
CA ASP C 8 -10.24 -14.02 15.29
C ASP C 8 -10.36 -14.99 14.11
N LEU C 9 -9.38 -14.95 13.21
CA LEU C 9 -9.39 -15.84 12.04
C LEU C 9 -8.15 -15.61 11.17
N THR C 10 -7.64 -16.66 10.53
CA THR C 10 -6.45 -16.56 9.67
C THR C 10 -6.71 -17.16 8.28
N CYS C 11 -5.68 -17.13 7.43
CA CYS C 11 -5.78 -17.68 6.08
C CYS C 11 -6.57 -16.73 5.17
N GLU C 12 -6.25 -16.77 3.88
CA GLU C 12 -6.92 -15.92 2.90
C GLU C 12 -6.46 -14.47 3.02
N SER C 13 -6.03 -13.90 1.91
CA SER C 13 -5.57 -12.50 1.89
C SER C 13 -6.73 -11.55 1.60
N LEU C 14 -7.57 -11.93 0.63
CA LEU C 14 -8.72 -11.12 0.26
C LEU C 14 -8.29 -9.84 -0.45
N GLU C 15 -8.83 -9.62 -1.64
CA GLU C 15 -8.51 -8.42 -2.42
C GLU C 15 -7.03 -8.38 -2.78
N PRO C 16 -6.71 -8.43 -4.09
CA PRO C 16 -5.32 -8.40 -4.57
C PRO C 16 -4.74 -6.99 -4.51
N VAL C 17 -3.61 -6.78 -5.19
CA VAL C 17 -2.95 -5.47 -5.19
C VAL C 17 -2.72 -4.98 -6.62
N VAL C 18 -3.67 -4.21 -7.13
CA VAL C 18 -3.55 -3.66 -8.49
C VAL C 18 -2.65 -2.43 -8.49
N VAL C 19 -2.87 -1.55 -7.53
CA VAL C 19 -2.09 -0.32 -7.39
C VAL C 19 -1.84 0.38 -8.74
N ASP C 20 -2.56 1.48 -8.97
CA ASP C 20 -2.42 2.25 -10.20
C ASP C 20 -2.10 3.71 -9.90
N LEU C 21 -3.01 4.37 -9.18
CA LEU C 21 -2.81 5.78 -8.82
C LEU C 21 -3.95 6.28 -7.93
N THR C 22 -5.17 6.22 -8.45
CA THR C 22 -6.34 6.67 -7.69
C THR C 22 -6.14 8.10 -7.17
N HIS C 23 -7.18 8.67 -6.56
CA HIS C 23 -7.12 10.01 -6.02
C HIS C 23 -6.66 11.01 -7.08
N ASN C 24 -6.41 12.25 -6.66
CA ASN C 24 -5.96 13.30 -7.57
C ASN C 24 -4.49 13.11 -7.94
N ASP C 25 -4.14 13.50 -9.16
CA ASP C 25 -2.77 13.38 -9.64
C ASP C 25 -1.97 14.64 -9.34
N GLY A 1 2.84 -22.94 11.37
CA GLY A 1 4.12 -23.23 12.07
C GLY A 1 3.91 -23.69 13.49
N THR A 2 3.77 -22.74 14.41
CA THR A 2 3.55 -23.07 15.82
C THR A 2 2.44 -22.21 16.41
N GLU A 3 2.72 -20.93 16.60
CA GLU A 3 1.74 -20.01 17.18
C GLU A 3 0.76 -19.51 16.13
N ASN A 4 -0.30 -20.27 15.92
CA ASN A 4 -1.33 -19.92 14.95
C ASN A 4 -2.64 -19.59 15.65
N ASP A 5 -2.58 -19.30 16.95
CA ASP A 5 -3.77 -18.94 17.72
C ASP A 5 -3.94 -17.43 17.65
N HIS A 6 -4.67 -16.83 18.58
CA HIS A 6 -4.78 -15.38 18.59
C HIS A 6 -4.13 -14.79 19.80
N ILE A 7 -3.71 -13.54 19.64
CA ILE A 7 -3.07 -12.80 20.69
C ILE A 7 -3.74 -11.44 20.75
N ASN A 8 -3.73 -10.80 21.91
CA ASN A 8 -4.40 -9.52 22.03
C ASN A 8 -3.49 -8.40 21.54
N LEU A 9 -4.02 -7.48 20.74
CA LEU A 9 -3.22 -6.36 20.24
C LEU A 9 -3.80 -5.05 20.71
N LYS A 10 -2.93 -4.14 21.07
CA LYS A 10 -3.38 -2.83 21.49
C LYS A 10 -3.15 -1.85 20.37
N VAL A 11 -4.20 -1.39 19.72
CA VAL A 11 -4.01 -0.43 18.66
C VAL A 11 -4.08 0.96 19.29
N ALA A 12 -3.05 1.76 19.04
CA ALA A 12 -2.98 3.12 19.62
C ALA A 12 -3.22 4.18 18.57
N GLY A 13 -4.12 5.11 18.87
CA GLY A 13 -4.42 6.18 17.96
C GLY A 13 -3.42 7.30 18.08
N GLN A 14 -2.25 7.10 17.49
CA GLN A 14 -1.21 8.09 17.53
C GLN A 14 -0.88 8.48 18.97
N ASP A 15 -1.20 7.58 19.89
CA ASP A 15 -0.96 7.76 21.32
C ASP A 15 -2.08 8.54 21.99
N GLY A 16 -3.10 8.90 21.22
CA GLY A 16 -4.22 9.63 21.77
C GLY A 16 -5.40 8.74 22.06
N SER A 17 -5.13 7.42 22.21
CA SER A 17 -6.16 6.43 22.49
C SER A 17 -5.79 5.09 21.84
N VAL A 18 -5.71 4.02 22.63
CA VAL A 18 -5.38 2.70 22.09
C VAL A 18 -6.56 1.74 22.32
N VAL A 19 -6.57 0.59 21.63
CA VAL A 19 -7.65 -0.36 21.76
C VAL A 19 -7.12 -1.79 21.76
N GLN A 20 -7.79 -2.66 22.50
CA GLN A 20 -7.39 -4.05 22.55
C GLN A 20 -8.15 -4.86 21.50
N PHE A 21 -7.41 -5.66 20.77
CA PHE A 21 -7.99 -6.50 19.71
C PHE A 21 -7.24 -7.81 19.60
N LYS A 22 -7.91 -8.91 19.84
CA LYS A 22 -7.27 -10.20 19.71
C LYS A 22 -7.58 -10.79 18.36
N ILE A 23 -6.55 -11.34 17.75
CA ILE A 23 -6.69 -11.92 16.45
C ILE A 23 -5.64 -13.01 16.21
N LYS A 24 -6.08 -14.09 15.57
CA LYS A 24 -5.19 -15.21 15.29
C LYS A 24 -3.93 -14.71 14.60
N ARG A 25 -2.80 -15.29 14.97
CA ARG A 25 -1.51 -14.86 14.43
C ARG A 25 -1.50 -14.82 12.91
N HIS A 26 -1.85 -15.93 12.27
CA HIS A 26 -1.84 -15.97 10.82
C HIS A 26 -3.07 -15.29 10.21
N THR A 27 -3.61 -14.31 10.92
CA THR A 27 -4.76 -13.57 10.41
C THR A 27 -4.33 -12.16 10.05
N PRO A 28 -4.69 -11.69 8.86
CA PRO A 28 -4.34 -10.34 8.45
C PRO A 28 -4.87 -9.33 9.44
N LEU A 29 -3.99 -8.51 9.96
CA LEU A 29 -4.36 -7.49 10.94
C LEU A 29 -5.50 -6.63 10.43
N SER A 30 -5.75 -6.66 9.12
CA SER A 30 -6.85 -5.89 8.54
C SER A 30 -8.14 -6.15 9.31
N LYS A 31 -8.23 -7.31 9.96
CA LYS A 31 -9.40 -7.66 10.75
C LYS A 31 -9.37 -6.89 12.06
N LEU A 32 -8.19 -6.87 12.67
CA LEU A 32 -7.96 -6.14 13.92
C LEU A 32 -8.33 -4.69 13.73
N MET A 33 -7.94 -4.13 12.57
CA MET A 33 -8.25 -2.75 12.26
C MET A 33 -9.72 -2.59 11.89
N LYS A 34 -10.24 -3.50 11.07
CA LYS A 34 -11.65 -3.43 10.68
C LYS A 34 -12.53 -3.29 11.90
N ALA A 35 -12.16 -4.00 12.97
CA ALA A 35 -12.89 -3.93 14.22
C ALA A 35 -12.66 -2.55 14.84
N TYR A 36 -11.45 -2.03 14.63
CA TYR A 36 -11.06 -0.71 15.10
C TYR A 36 -11.83 0.36 14.34
N CYS A 37 -12.06 0.10 13.06
CA CYS A 37 -12.83 1.01 12.23
C CYS A 37 -14.28 0.92 12.67
N GLU A 38 -14.67 -0.31 12.96
CA GLU A 38 -15.99 -0.63 13.44
C GLU A 38 -16.23 0.05 14.79
N ARG A 39 -15.20 -0.02 15.62
CA ARG A 39 -15.19 0.52 16.94
C ARG A 39 -15.57 1.99 17.04
N GLN A 40 -15.05 2.81 16.13
CA GLN A 40 -15.27 4.24 16.22
C GLN A 40 -15.84 4.91 14.97
N GLY A 41 -16.23 4.17 13.96
CA GLY A 41 -16.79 4.81 12.78
C GLY A 41 -15.72 5.42 11.88
N LEU A 42 -14.56 4.78 11.83
CA LEU A 42 -13.47 5.26 10.99
C LEU A 42 -13.64 4.76 9.57
N SER A 43 -12.60 4.89 8.77
CA SER A 43 -12.62 4.44 7.39
C SER A 43 -11.60 3.32 7.17
N MET A 44 -10.71 3.11 8.14
CA MET A 44 -9.66 2.09 8.04
C MET A 44 -8.78 2.32 6.80
N ARG A 45 -9.11 3.37 6.04
CA ARG A 45 -8.36 3.76 4.84
C ARG A 45 -7.73 5.11 5.12
N GLN A 46 -8.56 5.99 5.69
CA GLN A 46 -8.13 7.31 6.11
C GLN A 46 -7.26 7.15 7.36
N ILE A 47 -7.26 5.92 7.84
CA ILE A 47 -6.51 5.51 9.01
C ILE A 47 -5.58 4.36 8.64
N ARG A 48 -4.48 4.26 9.36
CA ARG A 48 -3.51 3.20 9.15
C ARG A 48 -2.87 2.82 10.46
N PHE A 49 -2.49 1.56 10.61
CA PHE A 49 -1.87 1.12 11.85
C PHE A 49 -0.41 0.82 11.67
N ARG A 50 0.35 1.02 12.72
CA ARG A 50 1.75 0.71 12.77
C ARG A 50 1.96 -0.13 13.99
N PHE A 51 2.78 -1.12 13.84
CA PHE A 51 3.04 -2.05 14.93
C PHE A 51 4.26 -1.57 15.67
N ASP A 52 4.40 -2.01 16.91
CA ASP A 52 5.52 -1.57 17.73
C ASP A 52 6.72 -1.51 16.80
N GLY A 53 6.91 -0.29 16.27
CA GLY A 53 7.95 0.00 15.32
C GLY A 53 7.85 -0.82 14.04
N GLN A 54 6.75 -0.70 13.28
CA GLN A 54 6.60 -1.44 12.03
C GLN A 54 5.35 -0.94 11.30
N PRO A 55 5.53 0.04 10.38
CA PRO A 55 4.46 0.71 9.60
C PRO A 55 3.30 -0.15 9.12
N ILE A 56 2.86 -1.09 9.94
CA ILE A 56 1.78 -2.02 9.63
C ILE A 56 1.02 -1.83 8.31
N ASN A 57 0.64 -3.00 7.81
CA ASN A 57 -0.13 -3.14 6.60
C ASN A 57 -1.47 -3.79 6.92
N GLU A 58 -2.29 -3.98 5.89
CA GLU A 58 -3.60 -4.58 6.07
C GLU A 58 -3.49 -6.09 6.20
N THR A 59 -2.57 -6.67 5.45
CA THR A 59 -2.39 -8.12 5.45
C THR A 59 -1.40 -8.57 6.52
N ASP A 60 -0.56 -7.67 6.99
CA ASP A 60 0.42 -8.01 8.02
C ASP A 60 -0.27 -8.67 9.20
N THR A 61 0.27 -9.79 9.67
CA THR A 61 -0.32 -10.51 10.79
C THR A 61 0.64 -10.56 11.98
N PRO A 62 0.10 -10.64 13.21
CA PRO A 62 0.91 -10.70 14.43
C PRO A 62 2.10 -11.65 14.30
N ALA A 63 1.87 -12.85 13.77
CA ALA A 63 2.96 -13.81 13.57
C ALA A 63 3.94 -13.25 12.60
N GLN A 64 3.36 -12.70 11.56
CA GLN A 64 4.06 -12.06 10.49
C GLN A 64 4.78 -10.83 11.01
N LEU A 65 4.36 -10.40 12.18
CA LEU A 65 4.88 -9.23 12.84
C LEU A 65 5.52 -9.59 14.17
N GLU A 66 5.60 -10.89 14.44
CA GLU A 66 6.18 -11.38 15.69
C GLU A 66 5.59 -10.62 16.87
N MET A 67 4.26 -10.53 16.87
CA MET A 67 3.55 -9.82 17.92
C MET A 67 3.22 -10.75 19.08
N GLU A 68 2.82 -10.19 20.21
CA GLU A 68 2.50 -10.98 21.38
C GLU A 68 1.06 -10.83 21.80
N ASP A 69 0.74 -11.48 22.89
CA ASP A 69 -0.58 -11.42 23.46
C ASP A 69 -0.67 -10.25 24.44
N GLU A 70 -1.41 -9.26 23.98
CA GLU A 70 -1.64 -8.00 24.68
C GLU A 70 -0.73 -6.94 24.10
N ASP A 71 0.02 -7.32 23.06
CA ASP A 71 0.96 -6.42 22.39
C ASP A 71 0.29 -5.09 22.09
N THR A 72 0.91 -4.31 21.22
CA THR A 72 0.34 -3.05 20.85
C THR A 72 0.50 -2.75 19.37
N ILE A 73 -0.62 -2.43 18.78
CA ILE A 73 -0.70 -2.02 17.42
C ILE A 73 -0.78 -0.51 17.49
N ASP A 74 -0.04 0.16 16.66
CA ASP A 74 -0.05 1.61 16.68
C ASP A 74 -0.91 2.11 15.57
N VAL A 75 -1.63 3.19 15.81
CA VAL A 75 -2.48 3.75 14.78
C VAL A 75 -1.92 5.04 14.25
N PHE A 76 -1.93 5.11 12.94
CA PHE A 76 -1.50 6.27 12.22
C PHE A 76 -2.50 6.43 11.12
N GLN A 77 -3.12 7.55 11.12
CA GLN A 77 -4.15 7.83 10.15
C GLN A 77 -3.59 8.60 8.94
N GLN A 78 -3.55 7.90 7.81
CA GLN A 78 -3.06 8.47 6.56
C GLN A 78 -1.60 8.93 6.66
N GLN A 79 -0.69 7.98 6.49
CA GLN A 79 0.75 8.26 6.54
C GLN A 79 1.55 6.98 6.29
N THR A 80 1.76 6.22 7.34
CA THR A 80 2.49 4.96 7.26
C THR A 80 3.81 5.11 6.51
N GLY A 81 4.52 3.99 6.33
CA GLY A 81 5.79 4.01 5.63
C GLY A 81 6.01 2.79 4.76
N GLY A 82 5.37 1.67 5.10
CA GLY A 82 5.54 0.45 4.32
C GLY A 82 6.63 -0.45 4.88
N GLY B 1 -2.65 19.59 3.18
CA GLY B 1 -2.11 18.99 1.93
C GLY B 1 -1.29 17.75 2.18
N SER B 2 -1.97 16.61 2.33
CA SER B 2 -1.30 15.34 2.58
C SER B 2 -1.92 14.23 1.75
N GLU B 3 -1.08 13.61 0.91
CA GLU B 3 -1.53 12.53 0.05
C GLU B 3 -1.23 11.17 0.69
N GLU B 4 -1.33 10.11 -0.09
CA GLU B 4 -1.08 8.75 0.39
C GLU B 4 0.20 8.21 -0.23
N LYS B 5 0.21 6.93 -0.56
CA LYS B 5 1.38 6.27 -1.14
C LYS B 5 2.52 6.27 -0.12
N PRO B 6 3.19 5.14 0.10
CA PRO B 6 4.30 5.05 1.06
C PRO B 6 5.37 6.08 0.77
N LYS B 7 5.40 7.16 1.54
CA LYS B 7 6.44 8.18 1.34
C LYS B 7 7.81 7.51 1.34
N GLU B 8 8.13 6.88 0.21
CA GLU B 8 9.37 6.14 0.09
C GLU B 8 9.28 4.90 0.97
N GLY B 9 8.47 3.92 0.55
CA GLY B 9 8.32 2.71 1.32
C GLY B 9 8.66 1.46 0.55
N VAL B 10 9.50 1.65 -0.44
CA VAL B 10 9.95 0.58 -1.30
C VAL B 10 11.02 -0.25 -0.62
N LYS B 11 10.58 -1.36 -0.04
CA LYS B 11 11.48 -2.26 0.65
C LYS B 11 12.06 -3.23 -0.38
N THR B 12 11.24 -4.19 -0.80
CA THR B 12 11.66 -5.19 -1.77
C THR B 12 10.63 -5.33 -2.89
N GLU B 13 9.39 -5.54 -2.50
CA GLU B 13 8.28 -5.70 -3.44
C GLU B 13 6.98 -5.98 -2.68
N ASN B 14 5.89 -6.10 -3.42
CA ASN B 14 4.59 -6.40 -2.81
C ASN B 14 4.27 -5.44 -1.66
N ASP B 15 4.21 -4.15 -1.98
CA ASP B 15 3.89 -3.12 -0.99
C ASP B 15 3.71 -1.76 -1.65
N HIS B 16 2.73 -1.70 -2.57
CA HIS B 16 2.41 -0.50 -3.35
C HIS B 16 3.34 0.68 -3.12
N ILE B 17 3.70 1.31 -4.22
CA ILE B 17 4.52 2.51 -4.20
C ILE B 17 3.98 3.47 -5.22
N ASN B 18 4.28 4.75 -5.07
CA ASN B 18 3.80 5.71 -6.01
C ASN B 18 4.76 5.77 -7.19
N LEU B 19 4.23 5.69 -8.39
CA LEU B 19 5.05 5.74 -9.58
C LEU B 19 4.75 6.97 -10.40
N LYS B 20 5.78 7.77 -10.61
CA LYS B 20 5.65 8.99 -11.36
C LYS B 20 5.92 8.77 -12.84
N VAL B 21 5.06 9.28 -13.72
CA VAL B 21 5.26 9.13 -15.16
C VAL B 21 5.42 10.51 -15.78
N ALA B 22 6.50 10.74 -16.52
CA ALA B 22 6.73 12.05 -17.13
C ALA B 22 6.34 12.05 -18.60
N GLY B 23 5.23 12.71 -18.91
CA GLY B 23 4.75 12.77 -20.28
C GLY B 23 5.13 14.06 -20.98
N GLN B 24 4.89 14.10 -22.29
CA GLN B 24 5.20 15.28 -23.11
C GLN B 24 4.50 16.53 -22.58
N ASP B 25 3.56 16.34 -21.66
CA ASP B 25 2.81 17.45 -21.10
C ASP B 25 3.72 18.51 -20.46
N GLY B 26 5.02 18.23 -20.40
CA GLY B 26 5.92 19.18 -19.78
C GLY B 26 5.65 19.28 -18.30
N SER B 27 5.52 18.10 -17.67
CA SER B 27 5.25 18.00 -16.25
C SER B 27 5.45 16.58 -15.79
N VAL B 28 4.74 16.19 -14.75
CA VAL B 28 4.86 14.85 -14.22
C VAL B 28 3.56 14.41 -13.57
N VAL B 29 3.42 13.11 -13.41
CA VAL B 29 2.26 12.54 -12.76
C VAL B 29 2.73 11.49 -11.80
N GLN B 30 1.97 11.28 -10.76
CA GLN B 30 2.36 10.31 -9.76
C GLN B 30 1.32 9.20 -9.58
N PHE B 31 1.72 8.02 -10.01
CA PHE B 31 0.92 6.80 -9.95
C PHE B 31 1.24 6.04 -8.67
N LYS B 32 0.42 5.06 -8.33
CA LYS B 32 0.74 4.20 -7.20
C LYS B 32 0.60 2.77 -7.67
N ILE B 33 1.74 2.14 -7.74
CA ILE B 33 1.84 0.78 -8.21
C ILE B 33 2.77 -0.02 -7.33
N LYS B 34 2.39 -1.26 -7.02
CA LYS B 34 3.23 -2.10 -6.19
C LYS B 34 4.59 -2.28 -6.87
N ARG B 35 4.90 -3.49 -7.30
CA ARG B 35 6.17 -3.73 -7.95
C ARG B 35 6.05 -4.90 -8.92
N HIS B 36 5.79 -6.06 -8.36
CA HIS B 36 5.66 -7.28 -9.14
C HIS B 36 4.54 -7.18 -10.19
N THR B 37 3.74 -6.12 -10.11
CA THR B 37 2.66 -5.92 -11.07
C THR B 37 3.18 -5.26 -12.33
N PRO B 38 3.02 -5.95 -13.46
CA PRO B 38 3.41 -5.47 -14.77
C PRO B 38 3.19 -3.97 -14.92
N LEU B 39 4.11 -3.30 -15.61
CA LEU B 39 3.99 -1.87 -15.78
C LEU B 39 2.82 -1.50 -16.70
N SER B 40 2.36 -2.46 -17.53
CA SER B 40 1.23 -2.20 -18.41
C SER B 40 0.00 -1.77 -17.60
N LYS B 41 0.07 -1.97 -16.30
CA LYS B 41 -0.99 -1.59 -15.39
C LYS B 41 -0.88 -0.10 -15.10
N LEU B 42 0.36 0.39 -15.17
CA LEU B 42 0.68 1.77 -14.92
C LEU B 42 0.60 2.61 -16.19
N MET B 43 1.03 2.03 -17.31
CA MET B 43 1.06 2.72 -18.60
C MET B 43 -0.32 3.19 -19.10
N LYS B 44 -1.38 2.45 -18.80
CA LYS B 44 -2.72 2.86 -19.26
C LYS B 44 -3.33 3.94 -18.38
N ALA B 45 -2.82 4.08 -17.15
CA ALA B 45 -3.33 5.13 -16.28
C ALA B 45 -3.06 6.45 -16.94
N TYR B 46 -1.80 6.67 -17.27
CA TYR B 46 -1.38 7.88 -17.93
C TYR B 46 -2.28 8.17 -19.11
N CYS B 47 -2.62 7.13 -19.86
CA CYS B 47 -3.49 7.26 -21.01
C CYS B 47 -4.86 7.72 -20.58
N GLU B 48 -5.57 6.86 -19.83
CA GLU B 48 -6.89 7.23 -19.34
C GLU B 48 -6.82 8.62 -18.70
N ARG B 49 -5.59 8.99 -18.31
CA ARG B 49 -5.27 10.27 -17.72
C ARG B 49 -5.21 11.40 -18.77
N GLN B 50 -4.40 11.18 -19.80
CA GLN B 50 -4.19 12.16 -20.87
C GLN B 50 -4.97 11.81 -22.14
N GLY B 51 -5.34 10.56 -22.27
CA GLY B 51 -6.02 10.10 -23.47
C GLY B 51 -4.99 9.62 -24.46
N LEU B 52 -4.20 8.63 -24.04
CA LEU B 52 -3.12 8.10 -24.86
C LEU B 52 -3.28 6.63 -25.16
N SER B 53 -3.00 6.25 -26.39
CA SER B 53 -3.07 4.85 -26.73
C SER B 53 -1.92 4.16 -26.00
N MET B 54 -2.20 3.64 -24.80
CA MET B 54 -1.21 2.99 -23.96
C MET B 54 -0.12 2.27 -24.74
N ARG B 55 -0.50 1.76 -25.89
CA ARG B 55 0.43 1.04 -26.75
C ARG B 55 1.27 2.04 -27.55
N GLN B 56 0.65 3.14 -27.89
CA GLN B 56 1.26 4.20 -28.69
C GLN B 56 2.35 4.99 -27.95
N ILE B 57 2.18 5.24 -26.65
CA ILE B 57 3.19 6.00 -25.92
C ILE B 57 4.42 5.17 -25.70
N ARG B 58 5.49 5.83 -25.30
CA ARG B 58 6.74 5.17 -25.04
C ARG B 58 7.20 5.52 -23.64
N PHE B 59 7.33 4.52 -22.80
CA PHE B 59 7.74 4.76 -21.42
C PHE B 59 9.21 4.45 -21.19
N ARG B 60 9.74 5.07 -20.16
CA ARG B 60 11.11 4.86 -19.74
C ARG B 60 11.17 5.06 -18.25
N PHE B 61 11.83 4.15 -17.56
CA PHE B 61 11.99 4.29 -16.13
C PHE B 61 13.35 4.91 -15.88
N ASP B 62 13.56 5.54 -14.74
CA ASP B 62 14.83 6.23 -14.49
C ASP B 62 16.01 5.47 -15.05
N GLY B 63 16.64 6.11 -16.04
CA GLY B 63 17.81 5.58 -16.71
C GLY B 63 17.60 4.27 -17.47
N GLN B 64 16.48 3.59 -17.25
CA GLN B 64 16.25 2.32 -17.95
C GLN B 64 14.92 2.33 -18.71
N PRO B 65 14.83 1.47 -19.73
CA PRO B 65 13.66 1.31 -20.57
C PRO B 65 12.72 0.31 -19.93
N ILE B 66 11.56 0.08 -20.54
CA ILE B 66 10.61 -0.88 -20.01
C ILE B 66 9.74 -1.47 -21.11
N ASN B 67 8.80 -2.34 -20.74
CA ASN B 67 7.92 -2.98 -21.73
C ASN B 67 6.66 -3.51 -21.08
N GLU B 68 5.96 -2.61 -20.42
CA GLU B 68 4.68 -2.90 -19.75
C GLU B 68 4.61 -4.25 -19.03
N THR B 69 5.64 -5.08 -19.14
CA THR B 69 5.64 -6.39 -18.51
C THR B 69 6.72 -6.49 -17.44
N ASP B 70 7.72 -5.62 -17.53
CA ASP B 70 8.80 -5.58 -16.55
C ASP B 70 8.21 -5.66 -15.16
N THR B 71 7.72 -4.52 -14.70
CA THR B 71 7.12 -4.32 -13.40
C THR B 71 8.11 -3.52 -12.61
N PRO B 72 7.65 -2.52 -11.86
CA PRO B 72 8.56 -1.71 -11.07
C PRO B 72 9.51 -2.64 -10.33
N ALA B 73 8.96 -3.75 -9.88
CA ALA B 73 9.72 -4.77 -9.18
C ALA B 73 10.84 -5.31 -10.06
N GLN B 74 10.49 -5.83 -11.23
CA GLN B 74 11.49 -6.42 -12.10
C GLN B 74 12.65 -5.48 -12.35
N LEU B 75 12.34 -4.20 -12.42
CA LEU B 75 13.33 -3.18 -12.68
C LEU B 75 13.90 -2.66 -11.38
N GLU B 76 13.12 -2.79 -10.31
CA GLU B 76 13.51 -2.39 -8.96
C GLU B 76 13.22 -0.91 -8.68
N MET B 77 12.13 -0.43 -9.24
CA MET B 77 11.69 0.96 -9.05
C MET B 77 11.58 1.27 -7.56
N GLU B 78 11.08 2.46 -7.25
CA GLU B 78 10.93 2.88 -5.88
C GLU B 78 9.77 3.87 -5.76
N ASP B 79 9.44 4.26 -4.54
CA ASP B 79 8.34 5.19 -4.34
C ASP B 79 8.68 6.57 -4.91
N GLU B 80 7.75 7.10 -5.71
CA GLU B 80 7.91 8.41 -6.34
C GLU B 80 8.83 8.35 -7.55
N ASP B 81 9.35 7.17 -7.90
CA ASP B 81 10.20 7.06 -9.05
C ASP B 81 9.43 7.57 -10.25
N THR B 82 10.13 7.87 -11.31
CA THR B 82 9.46 8.38 -12.50
C THR B 82 9.68 7.46 -13.69
N ILE B 83 8.74 7.50 -14.62
CA ILE B 83 8.83 6.72 -15.84
C ILE B 83 8.47 7.65 -16.99
N ASP B 84 9.46 8.11 -17.72
CA ASP B 84 9.21 9.09 -18.78
C ASP B 84 8.43 8.54 -19.98
N VAL B 85 7.42 9.32 -20.38
CA VAL B 85 6.57 9.04 -21.53
C VAL B 85 6.90 10.03 -22.62
N PHE B 86 7.24 9.55 -23.80
CA PHE B 86 7.53 10.44 -24.92
C PHE B 86 6.92 9.85 -26.17
N GLN B 87 5.85 10.46 -26.60
CA GLN B 87 5.14 9.99 -27.78
C GLN B 87 4.54 11.15 -28.58
N GLN B 88 5.05 11.34 -29.80
CA GLN B 88 4.55 12.41 -30.66
C GLN B 88 3.27 11.97 -31.38
N GLN B 89 2.26 12.84 -31.37
CA GLN B 89 0.99 12.54 -32.01
C GLN B 89 0.90 13.22 -33.38
N THR B 90 0.09 12.66 -34.26
CA THR B 90 -0.10 13.20 -35.60
C THR B 90 -1.43 12.77 -36.19
N THR C 1 -2.64 14.17 -7.00
CA THR C 1 -2.73 14.56 -8.43
C THR C 1 -4.16 14.45 -8.93
N VAL C 2 -4.47 15.19 -10.00
CA VAL C 2 -5.80 15.18 -10.58
C VAL C 2 -5.96 14.02 -11.55
N GLY C 3 -7.18 13.51 -11.67
CA GLY C 3 -7.45 12.41 -12.57
C GLY C 3 -7.43 11.07 -11.87
N ASP C 4 -7.37 9.99 -12.65
CA ASP C 4 -7.34 8.65 -12.10
C ASP C 4 -6.19 7.83 -12.68
N GLU C 5 -5.00 8.00 -12.10
CA GLU C 5 -3.82 7.29 -12.57
C GLU C 5 -3.38 6.24 -11.55
N ILE C 6 -3.67 6.51 -10.29
CA ILE C 6 -3.30 5.60 -9.21
C ILE C 6 -4.02 4.26 -9.36
N VAL C 7 -3.26 3.17 -9.28
CA VAL C 7 -3.81 1.83 -9.41
C VAL C 7 -3.04 0.84 -8.54
N ASP C 8 -3.67 0.40 -7.46
CA ASP C 8 -3.05 -0.55 -6.54
C ASP C 8 -3.09 -1.97 -7.11
N LEU C 9 -1.93 -2.60 -7.22
CA LEU C 9 -1.83 -3.95 -7.74
C LEU C 9 -0.75 -4.74 -7.02
N THR C 10 -1.14 -5.45 -5.96
CA THR C 10 -0.18 -6.24 -5.19
C THR C 10 -0.55 -7.71 -5.20
N CYS C 11 -1.69 -8.04 -4.59
CA CYS C 11 -2.16 -9.42 -4.52
C CYS C 11 -3.54 -9.53 -3.88
N GLU C 12 -3.89 -8.54 -3.06
CA GLU C 12 -5.19 -8.52 -2.38
C GLU C 12 -5.20 -9.52 -1.23
N SER C 13 -5.77 -9.11 -0.10
CA SER C 13 -5.85 -9.96 1.08
C SER C 13 -7.03 -10.93 0.98
N LEU C 14 -6.78 -12.17 1.39
CA LEU C 14 -7.83 -13.20 1.35
C LEU C 14 -7.30 -14.52 1.90
N GLU C 15 -6.82 -14.50 3.13
CA GLU C 15 -6.28 -15.70 3.78
C GLU C 15 -6.28 -15.53 5.29
N PRO C 16 -7.46 -15.24 5.87
CA PRO C 16 -7.60 -15.03 7.32
C PRO C 16 -7.58 -16.34 8.11
N VAL C 17 -7.88 -16.23 9.40
CA VAL C 17 -7.91 -17.38 10.29
C VAL C 17 -8.42 -16.97 11.68
N VAL C 18 -9.40 -16.05 11.71
CA VAL C 18 -9.97 -15.57 12.97
C VAL C 18 -11.04 -14.50 12.74
N VAL C 19 -11.64 -14.05 13.83
CA VAL C 19 -12.66 -13.02 13.79
C VAL C 19 -12.85 -12.36 15.16
N ASP C 20 -13.71 -11.35 15.21
CA ASP C 20 -13.98 -10.66 16.47
C ASP C 20 -12.69 -10.10 17.08
N LEU C 21 -12.78 -9.65 18.32
CA LEU C 21 -11.64 -9.10 19.03
C LEU C 21 -11.74 -9.38 20.54
N THR C 22 -11.03 -8.59 21.34
CA THR C 22 -11.06 -8.77 22.79
C THR C 22 -12.36 -8.27 23.39
N HIS C 23 -12.45 -6.96 23.63
CA HIS C 23 -13.66 -6.38 24.22
C HIS C 23 -13.77 -4.88 23.88
N ASN C 24 -13.08 -4.05 24.65
CA ASN C 24 -13.11 -2.61 24.44
C ASN C 24 -11.71 -2.02 24.32
N ASP C 25 -11.62 -0.70 24.27
CA ASP C 25 -10.34 -0.02 24.16
C ASP C 25 -9.78 0.30 25.54
N GLY A 1 0.07 -23.24 10.86
CA GLY A 1 0.49 -24.25 11.87
C GLY A 1 1.90 -24.02 12.36
N THR A 2 2.08 -24.02 13.68
CA THR A 2 3.38 -23.81 14.28
C THR A 2 3.95 -22.44 13.91
N GLU A 3 4.02 -21.55 14.89
CA GLU A 3 4.54 -20.19 14.65
C GLU A 3 3.56 -19.36 13.85
N ASN A 4 2.30 -19.79 13.81
CA ASN A 4 1.28 -19.07 13.07
C ASN A 4 -0.09 -19.21 13.74
N ASP A 5 -0.10 -19.30 15.06
CA ASP A 5 -1.34 -19.40 15.81
C ASP A 5 -1.82 -17.99 16.09
N HIS A 6 -2.78 -17.81 17.00
CA HIS A 6 -3.23 -16.47 17.31
C HIS A 6 -2.45 -15.90 18.47
N ILE A 7 -2.26 -14.59 18.41
CA ILE A 7 -1.60 -13.86 19.46
C ILE A 7 -2.38 -12.59 19.67
N ASN A 8 -2.56 -12.18 20.90
CA ASN A 8 -3.32 -11.00 21.19
C ASN A 8 -2.44 -9.75 21.09
N LEU A 9 -2.95 -8.71 20.45
CA LEU A 9 -2.20 -7.48 20.32
C LEU A 9 -2.95 -6.37 21.00
N LYS A 10 -2.23 -5.58 21.76
CA LYS A 10 -2.84 -4.47 22.41
C LYS A 10 -2.69 -3.25 21.54
N VAL A 11 -3.75 -2.77 20.95
CA VAL A 11 -3.63 -1.60 20.12
C VAL A 11 -3.90 -0.38 20.98
N ALA A 12 -2.85 0.42 21.15
CA ALA A 12 -2.92 1.64 21.95
C ALA A 12 -3.19 2.83 21.05
N GLY A 13 -4.05 3.72 21.51
CA GLY A 13 -4.38 4.88 20.73
C GLY A 13 -3.57 6.09 21.12
N GLN A 14 -3.67 7.13 20.31
CA GLN A 14 -2.95 8.36 20.55
C GLN A 14 -3.51 9.10 21.76
N ASP A 15 -4.65 8.63 22.27
CA ASP A 15 -5.29 9.23 23.43
C ASP A 15 -5.06 8.39 24.69
N GLY A 16 -4.41 7.25 24.53
CA GLY A 16 -4.14 6.39 25.68
C GLY A 16 -5.08 5.20 25.78
N SER A 17 -5.86 4.98 24.73
CA SER A 17 -6.81 3.87 24.72
C SER A 17 -6.30 2.73 23.83
N VAL A 18 -5.97 1.61 24.46
CA VAL A 18 -5.48 0.44 23.75
C VAL A 18 -6.58 -0.64 23.68
N VAL A 19 -6.42 -1.63 22.81
CA VAL A 19 -7.41 -2.69 22.67
C VAL A 19 -6.75 -4.04 22.42
N GLN A 20 -7.36 -5.10 22.91
CA GLN A 20 -6.81 -6.43 22.73
C GLN A 20 -7.34 -7.07 21.47
N PHE A 21 -6.46 -7.78 20.77
CA PHE A 21 -6.84 -8.43 19.52
C PHE A 21 -5.99 -9.66 19.23
N LYS A 22 -6.61 -10.83 19.19
CA LYS A 22 -5.84 -12.01 18.83
C LYS A 22 -5.78 -12.10 17.32
N ILE A 23 -4.58 -12.16 16.82
CA ILE A 23 -4.38 -12.24 15.39
C ILE A 23 -3.31 -13.27 15.10
N LYS A 24 -3.62 -14.16 14.18
CA LYS A 24 -2.66 -15.18 13.81
C LYS A 24 -1.46 -14.46 13.20
N ARG A 25 -0.28 -14.90 13.59
CA ARG A 25 0.95 -14.25 13.15
C ARG A 25 1.05 -14.05 11.65
N HIS A 26 0.74 -15.06 10.86
CA HIS A 26 0.86 -14.92 9.42
C HIS A 26 -0.31 -14.17 8.81
N THR A 27 -0.90 -13.25 9.55
CA THR A 27 -1.99 -12.45 9.02
C THR A 27 -1.58 -11.00 8.96
N PRO A 28 -2.03 -10.28 7.93
CA PRO A 28 -1.72 -8.88 7.79
C PRO A 28 -2.42 -8.08 8.89
N LEU A 29 -1.64 -7.34 9.65
CA LEU A 29 -2.17 -6.52 10.74
C LEU A 29 -3.33 -5.67 10.27
N SER A 30 -3.47 -5.51 8.95
CA SER A 30 -4.56 -4.74 8.38
C SER A 30 -5.90 -5.22 8.93
N LYS A 31 -5.91 -6.45 9.45
CA LYS A 31 -7.12 -7.02 10.02
C LYS A 31 -7.26 -6.63 11.48
N LEU A 32 -6.15 -6.69 12.22
CA LEU A 32 -6.13 -6.32 13.63
C LEU A 32 -6.54 -4.85 13.78
N MET A 33 -5.97 -4.00 12.92
CA MET A 33 -6.27 -2.60 12.93
C MET A 33 -7.69 -2.38 12.43
N LYS A 34 -8.10 -3.23 11.49
CA LYS A 34 -9.45 -3.15 10.96
C LYS A 34 -10.44 -3.44 12.07
N ALA A 35 -10.00 -4.25 13.04
CA ALA A 35 -10.81 -4.59 14.19
C ALA A 35 -10.86 -3.41 15.15
N TYR A 36 -9.74 -2.71 15.27
CA TYR A 36 -9.66 -1.51 16.10
C TYR A 36 -10.49 -0.43 15.45
N CYS A 37 -10.57 -0.50 14.13
CA CYS A 37 -11.38 0.42 13.33
C CYS A 37 -12.82 0.03 13.55
N GLU A 38 -13.03 -1.26 13.55
CA GLU A 38 -14.33 -1.87 13.79
C GLU A 38 -14.71 -1.68 15.25
N ARG A 39 -13.71 -1.81 16.12
CA ARG A 39 -13.86 -1.67 17.55
C ARG A 39 -14.08 -0.22 17.95
N GLN A 40 -13.28 0.65 17.35
CA GLN A 40 -13.30 2.07 17.67
C GLN A 40 -14.33 2.83 16.84
N GLY A 41 -14.50 2.43 15.58
CA GLY A 41 -15.42 3.13 14.70
C GLY A 41 -14.65 4.06 13.79
N LEU A 42 -13.44 3.63 13.42
CA LEU A 42 -12.55 4.40 12.57
C LEU A 42 -12.64 3.97 11.10
N SER A 43 -11.61 4.31 10.33
CA SER A 43 -11.55 3.97 8.92
C SER A 43 -10.18 3.35 8.55
N MET A 44 -9.28 3.24 9.53
CA MET A 44 -7.91 2.71 9.31
C MET A 44 -7.18 3.50 8.21
N ARG A 45 -7.87 4.46 7.60
CA ARG A 45 -7.27 5.30 6.57
C ARG A 45 -6.91 6.63 7.21
N GLN A 46 -7.82 7.10 8.06
CA GLN A 46 -7.62 8.31 8.83
C GLN A 46 -6.85 7.95 10.09
N ILE A 47 -6.77 6.65 10.31
CA ILE A 47 -6.06 6.06 11.43
C ILE A 47 -5.02 5.08 10.95
N ARG A 48 -3.98 4.93 11.74
CA ARG A 48 -2.87 4.03 11.42
C ARG A 48 -2.27 3.45 12.68
N PHE A 49 -1.62 2.30 12.55
CA PHE A 49 -1.08 1.62 13.70
C PHE A 49 0.42 1.48 13.66
N ARG A 50 1.05 1.79 14.76
CA ARG A 50 2.47 1.61 14.89
C ARG A 50 2.67 0.57 15.96
N PHE A 51 3.54 -0.35 15.71
CA PHE A 51 3.77 -1.43 16.63
C PHE A 51 4.90 -1.03 17.54
N ASP A 52 4.99 -1.65 18.70
CA ASP A 52 6.01 -1.30 19.67
C ASP A 52 7.28 -1.03 18.88
N GLY A 53 7.41 0.25 18.51
CA GLY A 53 8.51 0.71 17.70
C GLY A 53 8.51 0.09 16.31
N GLN A 54 7.45 0.28 15.51
CA GLN A 54 7.41 -0.28 14.16
C GLN A 54 6.18 0.26 13.43
N PRO A 55 6.36 1.33 12.61
CA PRO A 55 5.28 2.03 11.86
C PRO A 55 4.30 1.15 11.08
N ILE A 56 3.84 0.09 11.69
CA ILE A 56 2.90 -0.87 11.09
C ILE A 56 2.42 -0.61 9.67
N ASN A 57 2.30 -1.73 8.99
CA ASN A 57 1.82 -1.80 7.63
C ASN A 57 0.56 -2.66 7.58
N GLU A 58 -0.33 -2.34 6.65
CA GLU A 58 -1.55 -3.10 6.51
C GLU A 58 -1.24 -4.57 6.32
N THR A 59 -0.18 -4.84 5.57
CA THR A 59 0.22 -6.21 5.28
C THR A 59 1.16 -6.78 6.34
N ASP A 60 1.84 -5.91 7.07
CA ASP A 60 2.77 -6.35 8.11
C ASP A 60 2.06 -7.27 9.11
N THR A 61 2.70 -8.39 9.44
CA THR A 61 2.12 -9.35 10.38
C THR A 61 3.00 -9.53 11.61
N PRO A 62 2.39 -9.92 12.74
CA PRO A 62 3.11 -10.16 13.98
C PRO A 62 4.43 -10.89 13.77
N ALA A 63 4.40 -11.96 12.95
CA ALA A 63 5.60 -12.73 12.64
C ALA A 63 6.57 -11.87 11.87
N GLN A 64 5.98 -11.15 10.95
CA GLN A 64 6.68 -10.24 10.09
C GLN A 64 7.18 -9.06 10.89
N LEU A 65 6.66 -8.96 12.10
CA LEU A 65 6.96 -7.89 13.01
C LEU A 65 7.52 -8.42 14.33
N GLU A 66 7.73 -9.74 14.38
CA GLU A 66 8.22 -10.39 15.58
C GLU A 66 7.44 -9.89 16.80
N MET A 67 6.12 -9.90 16.66
CA MET A 67 5.23 -9.48 17.73
C MET A 67 4.92 -10.66 18.64
N GLU A 68 4.24 -10.42 19.75
CA GLU A 68 3.94 -11.52 20.69
C GLU A 68 2.48 -11.64 21.02
N ASP A 69 2.25 -12.57 21.94
CA ASP A 69 0.94 -12.84 22.45
C ASP A 69 0.65 -11.88 23.60
N GLU A 70 -0.36 -11.06 23.35
CA GLU A 70 -0.81 -10.03 24.27
C GLU A 70 0.00 -8.76 24.05
N ASP A 71 0.94 -8.81 23.12
CA ASP A 71 1.80 -7.69 22.80
C ASP A 71 0.99 -6.41 22.70
N THR A 72 1.60 -5.37 22.18
CA THR A 72 0.89 -4.12 22.04
C THR A 72 1.12 -3.50 20.68
N ILE A 73 0.02 -3.17 20.06
CA ILE A 73 0.00 -2.49 18.82
C ILE A 73 -0.23 -1.04 19.16
N ASP A 74 0.53 -0.16 18.58
CA ASP A 74 0.36 1.24 18.88
C ASP A 74 -0.47 1.85 17.78
N VAL A 75 -1.23 2.85 18.11
CA VAL A 75 -2.06 3.50 17.12
C VAL A 75 -1.69 4.95 16.92
N PHE A 76 -1.65 5.29 15.66
CA PHE A 76 -1.36 6.62 15.20
C PHE A 76 -2.31 6.87 14.08
N GLN A 77 -3.07 7.88 14.23
CA GLN A 77 -4.09 8.20 13.27
C GLN A 77 -3.61 9.25 12.26
N GLN A 78 -3.41 8.76 11.04
CA GLN A 78 -2.96 9.58 9.92
C GLN A 78 -1.60 10.22 10.19
N GLN A 79 -0.55 9.43 10.00
CA GLN A 79 0.82 9.89 10.21
C GLN A 79 1.80 8.73 10.06
N THR A 80 1.56 7.85 9.10
CA THR A 80 2.42 6.70 8.86
C THR A 80 3.07 6.77 7.49
N GLY A 81 2.32 6.38 6.46
CA GLY A 81 2.83 6.40 5.10
C GLY A 81 4.04 5.50 4.94
N GLY A 82 3.79 4.21 4.71
CA GLY A 82 4.88 3.26 4.53
C GLY A 82 4.55 2.20 3.48
N GLY B 1 -3.30 17.90 -4.20
CA GLY B 1 -2.48 17.05 -5.11
C GLY B 1 -2.54 15.58 -4.75
N SER B 2 -3.44 14.84 -5.39
CA SER B 2 -3.60 13.41 -5.14
C SER B 2 -4.34 13.17 -3.82
N GLU B 3 -3.80 13.69 -2.73
CA GLU B 3 -4.40 13.54 -1.40
C GLU B 3 -4.11 12.16 -0.81
N GLU B 4 -4.36 11.11 -1.58
CA GLU B 4 -4.12 9.75 -1.13
C GLU B 4 -2.67 9.35 -1.38
N LYS B 5 -2.43 8.04 -1.53
CA LYS B 5 -1.10 7.51 -1.78
C LYS B 5 -0.23 7.60 -0.53
N PRO B 6 0.61 6.58 -0.30
CA PRO B 6 1.51 6.54 0.87
C PRO B 6 2.58 7.61 0.77
N LYS B 7 2.79 8.36 1.85
CA LYS B 7 3.82 9.39 1.88
C LYS B 7 5.18 8.71 1.81
N GLU B 8 5.47 8.09 0.67
CA GLU B 8 6.71 7.37 0.48
C GLU B 8 6.68 6.09 1.29
N GLY B 9 5.98 5.11 0.74
CA GLY B 9 5.90 3.82 1.35
C GLY B 9 7.09 3.00 1.00
N VAL B 10 6.80 2.08 0.14
CA VAL B 10 7.77 1.15 -0.42
C VAL B 10 8.69 0.47 0.59
N LYS B 11 8.15 -0.52 1.28
CA LYS B 11 8.93 -1.33 2.19
C LYS B 11 9.27 -2.62 1.46
N THR B 12 8.27 -3.49 1.39
CA THR B 12 8.39 -4.78 0.74
C THR B 12 7.80 -4.72 -0.67
N GLU B 13 6.47 -4.82 -0.77
CA GLU B 13 5.78 -4.77 -2.05
C GLU B 13 4.30 -4.40 -1.87
N ASN B 14 3.42 -5.40 -1.96
CA ASN B 14 1.98 -5.17 -1.83
C ASN B 14 1.63 -4.17 -0.75
N ASP B 15 1.33 -2.94 -1.18
CA ASP B 15 0.97 -1.85 -0.30
C ASP B 15 0.81 -0.56 -1.11
N HIS B 16 0.31 -0.71 -2.35
CA HIS B 16 0.09 0.39 -3.29
C HIS B 16 1.01 1.58 -3.09
N ILE B 17 1.55 2.03 -4.20
CA ILE B 17 2.40 3.20 -4.24
C ILE B 17 2.01 4.07 -5.40
N ASN B 18 2.41 5.31 -5.34
CA ASN B 18 2.11 6.22 -6.41
C ASN B 18 3.24 6.14 -7.45
N LEU B 19 2.90 5.94 -8.71
CA LEU B 19 3.89 5.85 -9.75
C LEU B 19 3.81 7.02 -10.71
N LYS B 20 4.91 7.72 -10.85
CA LYS B 20 4.97 8.86 -11.72
C LYS B 20 5.39 8.48 -13.14
N VAL B 21 4.75 9.04 -14.14
CA VAL B 21 5.11 8.76 -15.53
C VAL B 21 5.50 10.08 -16.19
N ALA B 22 6.67 10.12 -16.84
CA ALA B 22 7.13 11.34 -17.46
C ALA B 22 6.94 11.32 -18.98
N GLY B 23 5.87 11.97 -19.44
CA GLY B 23 5.59 12.03 -20.86
C GLY B 23 6.23 13.20 -21.56
N GLN B 24 6.21 13.17 -22.89
CA GLN B 24 6.80 14.24 -23.69
C GLN B 24 6.24 15.61 -23.32
N ASP B 25 5.15 15.61 -22.56
CA ASP B 25 4.50 16.87 -22.15
C ASP B 25 5.48 17.78 -21.41
N GLY B 26 6.69 17.32 -21.14
CA GLY B 26 7.65 18.12 -20.43
C GLY B 26 7.22 18.32 -19.00
N SER B 27 6.82 17.21 -18.37
CA SER B 27 6.38 17.24 -16.99
C SER B 27 6.30 15.82 -16.46
N VAL B 28 5.40 15.59 -15.52
CA VAL B 28 5.27 14.27 -14.93
C VAL B 28 3.83 14.03 -14.46
N VAL B 29 3.49 12.77 -14.31
CA VAL B 29 2.20 12.39 -13.81
C VAL B 29 2.38 11.41 -12.70
N GLN B 30 1.44 11.38 -11.80
CA GLN B 30 1.55 10.51 -10.64
C GLN B 30 0.44 9.46 -10.59
N PHE B 31 0.84 8.23 -10.85
CA PHE B 31 -0.05 7.07 -10.86
C PHE B 31 -0.04 6.39 -9.51
N LYS B 32 -1.02 5.57 -9.26
CA LYS B 32 -1.05 4.80 -8.03
C LYS B 32 -1.08 3.33 -8.41
N ILE B 33 0.01 2.66 -8.11
CA ILE B 33 0.17 1.27 -8.44
C ILE B 33 1.03 0.57 -7.39
N LYS B 34 0.58 -0.59 -6.95
CA LYS B 34 1.29 -1.36 -5.95
C LYS B 34 2.71 -1.67 -6.38
N ARG B 35 2.98 -2.91 -6.77
CA ARG B 35 4.32 -3.31 -7.17
C ARG B 35 4.27 -4.55 -8.08
N HIS B 36 3.89 -5.68 -7.49
CA HIS B 36 3.80 -6.96 -8.21
C HIS B 36 2.92 -6.86 -9.45
N THR B 37 2.08 -5.83 -9.50
CA THR B 37 1.21 -5.63 -10.66
C THR B 37 2.02 -5.19 -11.85
N PRO B 38 1.64 -5.71 -13.00
CA PRO B 38 2.28 -5.39 -14.27
C PRO B 38 2.12 -3.92 -14.58
N LEU B 39 3.10 -3.34 -15.24
CA LEU B 39 3.03 -1.93 -15.52
C LEU B 39 2.03 -1.58 -16.61
N SER B 40 1.64 -2.55 -17.46
CA SER B 40 0.65 -2.27 -18.50
C SER B 40 -0.63 -1.67 -17.90
N LYS B 41 -0.78 -1.81 -16.59
CA LYS B 41 -1.91 -1.26 -15.87
C LYS B 41 -1.67 0.24 -15.67
N LEU B 42 -0.39 0.57 -15.62
CA LEU B 42 0.11 1.93 -15.47
C LEU B 42 0.30 2.59 -16.84
N MET B 43 0.48 1.75 -17.86
CA MET B 43 0.73 2.21 -19.22
C MET B 43 -0.51 2.82 -19.90
N LYS B 44 -1.67 2.17 -19.74
CA LYS B 44 -2.90 2.66 -20.38
C LYS B 44 -3.49 3.86 -19.64
N ALA B 45 -3.15 4.03 -18.37
CA ALA B 45 -3.65 5.19 -17.65
C ALA B 45 -3.13 6.44 -18.32
N TYR B 46 -1.82 6.47 -18.54
CA TYR B 46 -1.19 7.61 -19.18
C TYR B 46 -1.87 7.93 -20.49
N CYS B 47 -2.20 6.91 -21.28
CA CYS B 47 -2.88 7.12 -22.55
C CYS B 47 -4.22 7.79 -22.30
N GLU B 48 -5.11 7.05 -21.65
CA GLU B 48 -6.42 7.59 -21.31
C GLU B 48 -6.26 8.94 -20.63
N ARG B 49 -5.06 9.15 -20.06
CA ARG B 49 -4.68 10.34 -19.35
C ARG B 49 -4.32 11.52 -20.28
N GLN B 50 -3.34 11.26 -21.15
CA GLN B 50 -2.81 12.27 -22.07
C GLN B 50 -3.48 12.22 -23.42
N GLY B 51 -4.02 11.07 -23.77
CA GLY B 51 -4.61 10.89 -25.08
C GLY B 51 -3.63 10.25 -26.01
N LEU B 52 -3.13 9.09 -25.61
CA LEU B 52 -2.16 8.32 -26.39
C LEU B 52 -2.86 7.04 -26.83
N SER B 53 -2.14 5.94 -26.98
CA SER B 53 -2.75 4.69 -27.36
C SER B 53 -2.46 3.61 -26.33
N MET B 54 -1.50 3.88 -25.43
CA MET B 54 -1.07 2.95 -24.37
C MET B 54 0.07 2.09 -24.86
N ARG B 55 -0.18 1.44 -25.98
CA ARG B 55 0.79 0.57 -26.61
C ARG B 55 1.76 1.38 -27.46
N GLN B 56 1.24 2.44 -28.06
CA GLN B 56 2.02 3.29 -28.93
C GLN B 56 3.14 4.03 -28.23
N ILE B 57 2.96 4.40 -26.96
CA ILE B 57 3.98 5.14 -26.24
C ILE B 57 5.14 4.24 -25.87
N ARG B 58 6.16 4.83 -25.27
CA ARG B 58 7.34 4.08 -24.87
C ARG B 58 7.70 4.47 -23.45
N PHE B 59 7.66 3.50 -22.54
CA PHE B 59 7.98 3.79 -21.15
C PHE B 59 9.38 3.37 -20.77
N ARG B 60 9.85 4.00 -19.72
CA ARG B 60 11.14 3.73 -19.14
C ARG B 60 11.10 4.11 -17.68
N PHE B 61 11.61 3.25 -16.82
CA PHE B 61 11.64 3.53 -15.42
C PHE B 61 12.99 4.13 -15.07
N ASP B 62 13.04 4.94 -14.01
CA ASP B 62 14.26 5.62 -13.61
C ASP B 62 15.51 4.74 -13.68
N GLY B 63 16.05 4.60 -14.88
CA GLY B 63 17.26 3.81 -15.08
C GLY B 63 17.10 2.61 -15.98
N GLN B 64 15.90 2.03 -16.00
CA GLN B 64 15.65 0.87 -16.85
C GLN B 64 14.31 0.96 -17.56
N PRO B 65 14.06 0.02 -18.48
CA PRO B 65 12.83 -0.07 -19.25
C PRO B 65 11.79 -0.87 -18.49
N ILE B 66 10.56 -0.89 -18.96
CA ILE B 66 9.53 -1.65 -18.28
C ILE B 66 8.55 -2.32 -19.24
N ASN B 67 9.18 -2.89 -20.22
CA ASN B 67 8.56 -3.61 -21.36
C ASN B 67 7.10 -4.01 -21.14
N GLU B 68 6.27 -3.02 -20.86
CA GLU B 68 4.83 -3.20 -20.66
C GLU B 68 4.45 -4.36 -19.72
N THR B 69 5.41 -5.17 -19.30
CA THR B 69 5.11 -6.29 -18.42
C THR B 69 5.99 -6.25 -17.18
N ASP B 70 6.88 -5.27 -17.12
CA ASP B 70 7.75 -5.10 -15.99
C ASP B 70 6.96 -4.47 -14.85
N THR B 71 6.91 -5.16 -13.72
CA THR B 71 6.18 -4.64 -12.58
C THR B 71 7.10 -3.78 -11.72
N PRO B 72 6.58 -2.71 -11.12
CA PRO B 72 7.40 -1.83 -10.30
C PRO B 72 8.25 -2.66 -9.33
N ALA B 73 7.62 -3.64 -8.68
CA ALA B 73 8.33 -4.52 -7.76
C ALA B 73 9.53 -5.16 -8.43
N GLN B 74 9.27 -5.89 -9.51
CA GLN B 74 10.31 -6.56 -10.26
C GLN B 74 11.51 -5.64 -10.50
N LEU B 75 11.23 -4.38 -10.76
CA LEU B 75 12.28 -3.39 -11.01
C LEU B 75 12.71 -2.75 -9.70
N GLU B 76 11.83 -2.83 -8.71
CA GLU B 76 12.06 -2.31 -7.36
C GLU B 76 11.71 -0.82 -7.24
N MET B 77 10.75 -0.37 -8.03
CA MET B 77 10.30 1.02 -7.98
C MET B 77 9.95 1.42 -6.55
N GLU B 78 9.56 2.66 -6.35
CA GLU B 78 9.20 3.13 -5.02
C GLU B 78 8.10 4.18 -5.12
N ASP B 79 7.52 4.54 -3.98
CA ASP B 79 6.45 5.53 -3.96
C ASP B 79 6.90 6.84 -4.58
N GLU B 80 6.17 7.28 -5.61
CA GLU B 80 6.46 8.52 -6.32
C GLU B 80 7.56 8.34 -7.37
N ASP B 81 8.00 7.12 -7.60
CA ASP B 81 9.01 6.89 -8.63
C ASP B 81 8.42 7.34 -9.95
N THR B 82 9.28 7.61 -10.91
CA THR B 82 8.82 8.05 -12.22
C THR B 82 9.09 7.03 -13.32
N ILE B 83 8.33 7.14 -14.40
CA ILE B 83 8.50 6.26 -15.56
C ILE B 83 8.38 7.10 -16.84
N ASP B 84 9.50 7.41 -17.45
CA ASP B 84 9.51 8.28 -18.62
C ASP B 84 8.89 7.67 -19.89
N VAL B 85 7.93 8.42 -20.41
CA VAL B 85 7.21 8.12 -21.65
C VAL B 85 7.77 9.00 -22.75
N PHE B 86 8.09 8.44 -23.89
CA PHE B 86 8.58 9.23 -25.01
C PHE B 86 8.08 8.64 -26.30
N GLN B 87 7.10 9.30 -26.88
CA GLN B 87 6.50 8.82 -28.10
C GLN B 87 6.06 9.97 -29.01
N GLN B 88 6.68 10.06 -30.18
CA GLN B 88 6.35 11.11 -31.14
C GLN B 88 4.88 11.02 -31.54
N GLN B 89 4.10 12.04 -31.18
CA GLN B 89 2.69 12.07 -31.50
C GLN B 89 2.41 13.06 -32.63
N THR B 90 1.46 12.71 -33.50
CA THR B 90 1.09 13.57 -34.62
C THR B 90 -0.05 12.96 -35.42
N THR C 1 -2.82 15.92 -14.26
CA THR C 1 -3.03 16.50 -12.91
C THR C 1 -4.28 17.36 -12.86
N VAL C 2 -5.35 16.88 -13.48
CA VAL C 2 -6.61 17.61 -13.51
C VAL C 2 -7.71 16.85 -12.78
N GLY C 3 -7.70 15.52 -12.93
CA GLY C 3 -8.71 14.70 -12.28
C GLY C 3 -8.10 13.58 -11.45
N ASP C 4 -8.89 12.55 -11.18
CA ASP C 4 -8.42 11.41 -10.39
C ASP C 4 -7.16 10.81 -11.01
N GLU C 5 -6.68 9.72 -10.43
CA GLU C 5 -5.48 9.05 -10.93
C GLU C 5 -5.84 7.88 -11.84
N ILE C 6 -7.07 7.38 -11.72
CA ILE C 6 -7.51 6.26 -12.53
C ILE C 6 -6.71 5.00 -12.23
N VAL C 7 -7.38 3.85 -12.23
CA VAL C 7 -6.75 2.56 -11.96
C VAL C 7 -5.94 2.59 -10.66
N ASP C 8 -5.64 1.41 -10.13
CA ASP C 8 -4.87 1.31 -8.89
C ASP C 8 -4.14 -0.02 -8.80
N LEU C 9 -4.90 -1.12 -8.80
CA LEU C 9 -4.31 -2.45 -8.70
C LEU C 9 -5.36 -3.54 -8.82
N THR C 10 -4.90 -4.78 -9.02
CA THR C 10 -5.79 -5.94 -9.14
C THR C 10 -6.87 -5.91 -8.07
N CYS C 11 -8.12 -6.02 -8.49
CA CYS C 11 -9.25 -6.02 -7.57
C CYS C 11 -9.84 -7.42 -7.41
N GLU C 12 -9.52 -8.06 -6.29
CA GLU C 12 -10.03 -9.41 -6.02
C GLU C 12 -9.88 -9.76 -4.54
N SER C 13 -8.65 -9.63 -4.03
CA SER C 13 -8.38 -9.93 -2.63
C SER C 13 -8.71 -11.39 -2.31
N LEU C 14 -8.38 -11.81 -1.10
CA LEU C 14 -8.64 -13.18 -0.67
C LEU C 14 -9.45 -13.19 0.63
N GLU C 15 -8.99 -12.43 1.62
CA GLU C 15 -9.67 -12.34 2.91
C GLU C 15 -9.69 -13.70 3.61
N PRO C 16 -8.50 -14.25 3.93
CA PRO C 16 -8.39 -15.55 4.60
C PRO C 16 -8.52 -15.43 6.12
N VAL C 17 -8.54 -16.58 6.80
CA VAL C 17 -8.66 -16.60 8.25
C VAL C 17 -7.37 -16.05 8.89
N VAL C 18 -6.79 -16.77 9.87
CA VAL C 18 -5.56 -16.31 10.50
C VAL C 18 -5.83 -15.01 11.28
N VAL C 19 -6.98 -14.94 11.96
CA VAL C 19 -7.36 -13.76 12.75
C VAL C 19 -8.53 -14.03 13.68
N ASP C 20 -8.86 -13.04 14.53
CA ASP C 20 -9.98 -13.16 15.48
C ASP C 20 -9.96 -12.01 16.51
N LEU C 21 -10.97 -11.14 16.45
CA LEU C 21 -11.07 -10.01 17.38
C LEU C 21 -11.62 -10.48 18.72
N THR C 22 -10.92 -10.14 19.80
CA THR C 22 -11.34 -10.53 21.15
C THR C 22 -12.50 -9.67 21.64
N HIS C 23 -12.21 -8.63 22.43
CA HIS C 23 -13.25 -7.75 22.95
C HIS C 23 -12.67 -6.72 23.92
N ASN C 24 -13.44 -5.67 24.19
CA ASN C 24 -13.02 -4.61 25.11
C ASN C 24 -11.73 -3.95 24.67
N ASP C 25 -11.52 -2.71 25.11
CA ASP C 25 -10.31 -1.96 24.78
C ASP C 25 -9.27 -2.10 25.88
N GLY A 1 1.89 -27.26 18.50
CA GLY A 1 1.58 -25.98 19.19
C GLY A 1 0.43 -25.24 18.53
N THR A 2 -0.48 -24.71 19.34
CA THR A 2 -1.63 -23.98 18.83
C THR A 2 -1.32 -22.48 18.74
N GLU A 3 -0.19 -22.15 18.13
CA GLU A 3 0.23 -20.75 17.98
C GLU A 3 -0.85 -19.92 17.30
N ASN A 4 -1.77 -20.57 16.59
CA ASN A 4 -2.84 -19.86 15.91
C ASN A 4 -4.01 -19.55 16.84
N ASP A 5 -3.71 -19.26 18.11
CA ASP A 5 -4.73 -18.92 19.09
C ASP A 5 -4.83 -17.41 19.19
N HIS A 6 -5.40 -16.89 20.26
CA HIS A 6 -5.51 -15.46 20.39
C HIS A 6 -4.41 -14.85 21.23
N ILE A 7 -4.40 -13.53 21.16
CA ILE A 7 -3.50 -12.69 21.90
C ILE A 7 -4.06 -11.29 21.87
N ASN A 8 -3.93 -10.57 22.96
CA ASN A 8 -4.49 -9.23 23.04
C ASN A 8 -3.49 -8.22 22.46
N LEU A 9 -3.99 -7.27 21.67
CA LEU A 9 -3.14 -6.26 21.10
C LEU A 9 -3.54 -4.90 21.59
N LYS A 10 -2.56 -4.11 21.92
CA LYS A 10 -2.83 -2.76 22.36
C LYS A 10 -2.67 -1.82 21.19
N VAL A 11 -3.75 -1.28 20.67
CA VAL A 11 -3.63 -0.38 19.55
C VAL A 11 -3.50 1.04 20.07
N ALA A 12 -2.30 1.58 19.90
CA ALA A 12 -1.97 2.94 20.33
C ALA A 12 -2.26 3.93 19.23
N GLY A 13 -2.90 5.05 19.58
CA GLY A 13 -3.23 6.04 18.59
C GLY A 13 -2.22 7.15 18.48
N GLN A 14 -2.37 7.96 17.46
CA GLN A 14 -1.49 9.09 17.21
C GLN A 14 -1.62 10.15 18.31
N ASP A 15 -2.70 10.05 19.09
CA ASP A 15 -2.94 11.00 20.18
C ASP A 15 -2.45 10.46 21.52
N GLY A 16 -1.89 9.25 21.50
CA GLY A 16 -1.39 8.64 22.72
C GLY A 16 -2.42 7.73 23.39
N SER A 17 -3.51 7.45 22.67
CA SER A 17 -4.56 6.59 23.20
C SER A 17 -4.51 5.22 22.54
N VAL A 18 -4.20 4.21 23.34
CA VAL A 18 -4.12 2.83 22.87
C VAL A 18 -5.40 2.08 23.27
N VAL A 19 -5.63 0.91 22.67
CA VAL A 19 -6.83 0.12 22.96
C VAL A 19 -6.51 -1.37 22.91
N GLN A 20 -7.24 -2.15 23.68
CA GLN A 20 -6.99 -3.60 23.73
C GLN A 20 -7.87 -4.37 22.76
N PHE A 21 -7.24 -5.27 22.03
CA PHE A 21 -7.92 -6.13 21.07
C PHE A 21 -7.17 -7.42 20.88
N LYS A 22 -7.77 -8.51 21.29
CA LYS A 22 -7.14 -9.80 21.09
C LYS A 22 -7.73 -10.47 19.89
N ILE A 23 -6.86 -10.99 19.07
CA ILE A 23 -7.25 -11.60 17.82
C ILE A 23 -6.35 -12.79 17.51
N LYS A 24 -6.97 -13.87 17.05
CA LYS A 24 -6.24 -15.09 16.69
C LYS A 24 -4.99 -14.71 15.89
N ARG A 25 -3.85 -15.22 16.30
CA ARG A 25 -2.58 -14.88 15.66
C ARG A 25 -2.65 -14.99 14.14
N HIS A 26 -3.14 -16.12 13.63
CA HIS A 26 -3.24 -16.28 12.20
C HIS A 26 -4.45 -15.57 11.64
N THR A 27 -4.79 -14.44 12.25
CA THR A 27 -5.92 -13.64 11.80
C THR A 27 -5.43 -12.31 11.30
N PRO A 28 -6.00 -11.82 10.20
CA PRO A 28 -5.61 -10.53 9.67
C PRO A 28 -5.97 -9.41 10.63
N LEU A 29 -4.96 -8.64 11.00
CA LEU A 29 -5.15 -7.53 11.92
C LEU A 29 -6.26 -6.60 11.42
N SER A 30 -6.61 -6.71 10.14
CA SER A 30 -7.67 -5.90 9.56
C SER A 30 -8.93 -5.95 10.43
N LYS A 31 -9.02 -6.94 11.31
CA LYS A 31 -10.16 -7.08 12.19
C LYS A 31 -9.93 -6.32 13.49
N LEU A 32 -8.71 -6.44 14.02
CA LEU A 32 -8.35 -5.75 15.26
C LEU A 32 -8.46 -4.25 15.06
N MET A 33 -7.94 -3.77 13.93
CA MET A 33 -7.99 -2.37 13.60
C MET A 33 -9.40 -1.96 13.26
N LYS A 34 -10.20 -2.91 12.77
CA LYS A 34 -11.59 -2.64 12.46
C LYS A 34 -12.33 -2.33 13.75
N ALA A 35 -11.81 -2.88 14.84
CA ALA A 35 -12.37 -2.67 16.16
C ALA A 35 -11.96 -1.29 16.67
N TYR A 36 -10.67 -0.96 16.47
CA TYR A 36 -10.12 0.35 16.85
C TYR A 36 -10.82 1.43 16.05
N CYS A 37 -11.09 1.11 14.79
CA CYS A 37 -11.79 2.04 13.91
C CYS A 37 -13.24 2.13 14.37
N GLU A 38 -13.73 1.00 14.85
CA GLU A 38 -15.07 0.88 15.40
C GLU A 38 -15.07 1.39 16.83
N ARG A 39 -13.88 1.38 17.44
CA ARG A 39 -13.68 1.82 18.80
C ARG A 39 -13.47 3.33 18.86
N GLN A 40 -12.53 3.79 18.04
CA GLN A 40 -12.16 5.18 18.00
C GLN A 40 -13.09 6.00 17.10
N GLY A 41 -13.34 5.47 15.92
CA GLY A 41 -14.18 6.16 14.95
C GLY A 41 -13.40 6.54 13.71
N LEU A 42 -12.42 5.69 13.36
CA LEU A 42 -11.59 5.94 12.18
C LEU A 42 -12.19 5.29 10.94
N SER A 43 -11.50 5.46 9.82
CA SER A 43 -11.95 4.90 8.56
C SER A 43 -11.23 3.60 8.25
N MET A 44 -10.08 3.41 8.90
CA MET A 44 -9.25 2.22 8.69
C MET A 44 -8.45 2.34 7.38
N ARG A 45 -8.85 3.30 6.54
CA ARG A 45 -8.18 3.56 5.28
C ARG A 45 -7.34 4.83 5.41
N GLN A 46 -7.90 5.78 6.16
CA GLN A 46 -7.24 7.05 6.45
C GLN A 46 -6.35 6.88 7.68
N ILE A 47 -6.36 5.66 8.19
CA ILE A 47 -5.62 5.26 9.38
C ILE A 47 -4.76 4.05 9.05
N ARG A 48 -3.52 4.10 9.50
CA ARG A 48 -2.59 3.02 9.30
C ARG A 48 -2.10 2.54 10.65
N PHE A 49 -2.34 1.28 10.95
CA PHE A 49 -1.91 0.75 12.22
C PHE A 49 -0.50 0.26 12.11
N ARG A 50 0.37 0.70 12.99
CA ARG A 50 1.72 0.19 12.96
C ARG A 50 1.90 -0.64 14.20
N PHE A 51 2.62 -1.70 14.07
CA PHE A 51 2.84 -2.59 15.19
C PHE A 51 4.09 -2.11 15.87
N ASP A 52 4.25 -2.46 17.15
CA ASP A 52 5.39 -1.95 17.90
C ASP A 52 6.59 -1.94 16.97
N GLY A 53 6.78 -0.74 16.39
CA GLY A 53 7.84 -0.51 15.45
C GLY A 53 7.79 -1.46 14.25
N GLN A 54 6.68 -1.50 13.51
CA GLN A 54 6.59 -2.37 12.35
C GLN A 54 5.32 -2.06 11.57
N PRO A 55 5.44 -1.36 10.43
CA PRO A 55 4.31 -1.01 9.59
C PRO A 55 3.29 -2.14 9.54
N ILE A 56 2.02 -1.79 9.44
CA ILE A 56 0.97 -2.80 9.42
C ILE A 56 0.13 -2.81 8.16
N ASN A 57 -0.43 -3.97 7.92
CA ASN A 57 -1.30 -4.22 6.78
C ASN A 57 -2.59 -4.87 7.25
N GLU A 58 -3.65 -4.69 6.48
CA GLU A 58 -4.94 -5.26 6.83
C GLU A 58 -4.83 -6.77 7.02
N THR A 59 -4.00 -7.42 6.21
CA THR A 59 -3.83 -8.86 6.28
C THR A 59 -2.76 -9.28 7.28
N ASP A 60 -1.88 -8.35 7.63
CA ASP A 60 -0.81 -8.66 8.58
C ASP A 60 -1.42 -9.19 9.88
N THR A 61 -0.87 -10.28 10.39
CA THR A 61 -1.37 -10.88 11.62
C THR A 61 -0.29 -10.90 12.69
N PRO A 62 -0.70 -10.87 13.97
CA PRO A 62 0.23 -10.89 15.11
C PRO A 62 1.36 -11.90 14.89
N ALA A 63 1.02 -13.10 14.42
CA ALA A 63 2.01 -14.13 14.13
C ALA A 63 2.91 -13.68 13.01
N GLN A 64 2.25 -13.13 12.03
CA GLN A 64 2.87 -12.59 10.85
C GLN A 64 3.69 -11.37 11.22
N LEU A 65 3.46 -10.91 12.43
CA LEU A 65 4.11 -9.75 12.96
C LEU A 65 4.89 -10.09 14.23
N GLU A 66 4.95 -11.38 14.54
CA GLU A 66 5.65 -11.86 15.73
C GLU A 66 5.21 -11.03 16.93
N MET A 67 3.90 -10.94 17.10
CA MET A 67 3.30 -10.18 18.18
C MET A 67 3.02 -11.09 19.37
N GLU A 68 2.56 -10.51 20.48
CA GLU A 68 2.27 -11.29 21.68
C GLU A 68 0.90 -11.03 22.24
N ASP A 69 0.68 -11.62 23.39
CA ASP A 69 -0.55 -11.46 24.11
C ASP A 69 -0.44 -10.23 25.01
N GLU A 70 -1.31 -9.30 24.71
CA GLU A 70 -1.39 -8.01 25.40
C GLU A 70 -0.47 -7.02 24.70
N ASP A 71 0.24 -7.51 23.67
CA ASP A 71 1.16 -6.69 22.91
C ASP A 71 0.58 -5.33 22.59
N THR A 72 1.19 -4.62 21.67
CA THR A 72 0.69 -3.32 21.29
C THR A 72 0.75 -3.10 19.80
N ILE A 73 -0.38 -2.66 19.29
CA ILE A 73 -0.52 -2.27 17.93
C ILE A 73 -0.41 -0.78 17.95
N ASP A 74 0.44 -0.25 17.13
CA ASP A 74 0.63 1.19 17.08
C ASP A 74 -0.26 1.73 16.02
N VAL A 75 -0.72 2.95 16.19
CA VAL A 75 -1.60 3.53 15.20
C VAL A 75 -1.07 4.84 14.69
N PHE A 76 -1.14 4.94 13.39
CA PHE A 76 -0.74 6.10 12.66
C PHE A 76 -1.76 6.31 11.60
N GLN A 77 -2.16 7.53 11.41
CA GLN A 77 -3.18 7.83 10.43
C GLN A 77 -2.54 8.22 9.11
N GLN A 78 -2.63 7.33 8.13
CA GLN A 78 -2.05 7.57 6.81
C GLN A 78 -0.56 7.91 6.91
N GLN A 79 0.26 6.87 7.12
CA GLN A 79 1.70 7.05 7.24
C GLN A 79 2.40 5.72 7.49
N THR A 80 2.41 4.86 6.48
CA THR A 80 3.05 3.55 6.59
C THR A 80 3.42 3.02 5.21
N GLY A 81 2.45 2.39 4.54
CA GLY A 81 2.70 1.84 3.22
C GLY A 81 3.82 0.84 3.19
N GLY A 82 4.10 0.21 4.33
CA GLY A 82 5.15 -0.78 4.39
C GLY A 82 6.54 -0.15 4.48
N GLY B 1 -4.55 9.74 1.06
CA GLY B 1 -5.48 10.33 0.07
C GLY B 1 -6.48 9.33 -0.46
N SER B 2 -7.16 8.65 0.46
CA SER B 2 -8.16 7.65 0.08
C SER B 2 -7.53 6.55 -0.77
N GLU B 3 -6.92 5.58 -0.12
CA GLU B 3 -6.29 4.47 -0.81
C GLU B 3 -5.17 4.95 -1.72
N GLU B 4 -4.12 5.51 -1.12
CA GLU B 4 -2.99 6.01 -1.90
C GLU B 4 -1.85 4.98 -1.93
N LYS B 5 -0.66 5.49 -2.16
CA LYS B 5 0.54 4.66 -2.21
C LYS B 5 1.49 5.00 -1.08
N PRO B 6 2.40 4.08 -0.78
CA PRO B 6 3.41 4.26 0.27
C PRO B 6 4.36 5.39 -0.04
N LYS B 7 4.38 6.44 0.78
CA LYS B 7 5.31 7.53 0.55
C LYS B 7 6.72 6.96 0.64
N GLU B 8 7.14 6.34 -0.46
CA GLU B 8 8.44 5.68 -0.49
C GLU B 8 8.42 4.50 0.48
N GLY B 9 7.60 3.48 0.18
CA GLY B 9 7.52 2.31 1.04
C GLY B 9 8.00 1.07 0.35
N VAL B 10 8.83 1.29 -0.65
CA VAL B 10 9.39 0.23 -1.45
C VAL B 10 10.34 -0.64 -0.63
N LYS B 11 9.78 -1.58 0.13
CA LYS B 11 10.61 -2.48 0.90
C LYS B 11 11.42 -3.33 -0.07
N THR B 12 10.74 -4.28 -0.71
CA THR B 12 11.37 -5.12 -1.70
C THR B 12 10.97 -4.58 -3.07
N GLU B 13 9.89 -5.10 -3.66
CA GLU B 13 9.41 -4.62 -4.95
C GLU B 13 7.90 -4.37 -4.81
N ASN B 14 7.11 -5.44 -4.93
CA ASN B 14 5.64 -5.41 -4.82
C ASN B 14 5.09 -4.25 -3.98
N ASP B 15 5.84 -3.77 -3.00
CA ASP B 15 5.38 -2.66 -2.17
C ASP B 15 5.15 -1.40 -3.01
N HIS B 16 4.09 -1.43 -3.82
CA HIS B 16 3.70 -0.35 -4.74
C HIS B 16 4.40 0.99 -4.44
N ILE B 17 4.73 1.70 -5.53
CA ILE B 17 5.34 3.02 -5.44
C ILE B 17 4.61 3.94 -6.39
N ASN B 18 4.80 5.24 -6.23
CA ASN B 18 4.18 6.17 -7.13
C ASN B 18 5.11 6.30 -8.34
N LEU B 19 4.55 6.41 -9.51
CA LEU B 19 5.35 6.57 -10.71
C LEU B 19 4.98 7.86 -11.39
N LYS B 20 5.86 8.36 -12.22
CA LYS B 20 5.63 9.60 -12.92
C LYS B 20 5.90 9.42 -14.39
N VAL B 21 5.01 9.88 -15.25
CA VAL B 21 5.24 9.76 -16.68
C VAL B 21 5.28 11.15 -17.29
N ALA B 22 6.37 11.46 -17.96
CA ALA B 22 6.52 12.77 -18.59
C ALA B 22 6.15 12.68 -20.06
N GLY B 23 5.19 13.49 -20.48
CA GLY B 23 4.76 13.48 -21.87
C GLY B 23 5.09 14.75 -22.61
N GLN B 24 4.86 14.74 -23.93
CA GLN B 24 5.14 15.89 -24.77
C GLN B 24 4.38 17.12 -24.31
N ASP B 25 3.45 16.93 -23.38
CA ASP B 25 2.64 18.04 -22.87
C ASP B 25 3.51 19.06 -22.12
N GLY B 26 4.78 18.75 -21.93
CA GLY B 26 5.67 19.65 -21.23
C GLY B 26 5.40 19.63 -19.73
N SER B 27 5.34 18.44 -19.18
CA SER B 27 5.08 18.26 -17.76
C SER B 27 5.25 16.80 -17.36
N VAL B 28 4.54 16.40 -16.33
CA VAL B 28 4.62 15.04 -15.83
C VAL B 28 3.32 14.61 -15.19
N VAL B 29 3.17 13.31 -15.06
CA VAL B 29 2.01 12.72 -14.42
C VAL B 29 2.50 11.76 -13.39
N GLN B 30 1.72 11.55 -12.37
CA GLN B 30 2.12 10.67 -11.29
C GLN B 30 1.23 9.44 -11.14
N PHE B 31 1.80 8.31 -11.50
CA PHE B 31 1.15 7.02 -11.42
C PHE B 31 1.51 6.34 -10.12
N LYS B 32 0.86 5.24 -9.82
CA LYS B 32 1.16 4.48 -8.63
C LYS B 32 1.17 3.03 -9.05
N ILE B 33 2.35 2.46 -9.08
CA ILE B 33 2.51 1.10 -9.54
C ILE B 33 3.31 0.24 -8.56
N LYS B 34 2.78 -0.94 -8.31
CA LYS B 34 3.35 -1.92 -7.39
C LYS B 34 4.86 -2.08 -7.46
N ARG B 35 5.37 -2.42 -8.65
CA ARG B 35 6.80 -2.65 -8.87
C ARG B 35 7.01 -3.77 -9.89
N HIS B 36 6.72 -4.99 -9.44
CA HIS B 36 6.87 -6.20 -10.25
C HIS B 36 5.76 -6.33 -11.30
N THR B 37 5.04 -5.25 -11.54
CA THR B 37 3.97 -5.29 -12.53
C THR B 37 4.33 -4.61 -13.86
N PRO B 38 4.10 -5.35 -14.95
CA PRO B 38 4.39 -4.94 -16.33
C PRO B 38 3.79 -3.61 -16.74
N LEU B 39 4.62 -2.59 -16.72
CA LEU B 39 4.26 -1.22 -17.07
C LEU B 39 3.11 -1.07 -18.10
N SER B 40 2.81 -2.09 -18.90
CA SER B 40 1.74 -1.98 -19.89
C SER B 40 0.46 -1.35 -19.31
N LYS B 41 0.28 -1.42 -17.99
CA LYS B 41 -0.87 -0.84 -17.35
C LYS B 41 -0.62 0.64 -17.11
N LEU B 42 0.65 0.94 -16.88
CA LEU B 42 1.14 2.29 -16.69
C LEU B 42 1.08 3.02 -18.03
N MET B 43 1.41 2.28 -19.08
CA MET B 43 1.43 2.79 -20.44
C MET B 43 0.05 3.23 -20.94
N LYS B 44 -1.00 2.53 -20.51
CA LYS B 44 -2.35 2.85 -20.96
C LYS B 44 -2.99 3.96 -20.13
N ALA B 45 -2.51 4.18 -18.92
CA ALA B 45 -3.07 5.26 -18.11
C ALA B 45 -2.80 6.57 -18.83
N TYR B 46 -1.53 6.83 -19.09
CA TYR B 46 -1.12 8.03 -19.78
C TYR B 46 -1.95 8.21 -21.04
N CYS B 47 -2.24 7.11 -21.75
CA CYS B 47 -3.06 7.17 -22.95
C CYS B 47 -4.44 7.65 -22.61
N GLU B 48 -5.16 6.81 -21.86
CA GLU B 48 -6.52 7.16 -21.45
C GLU B 48 -6.52 8.56 -20.84
N ARG B 49 -5.33 9.02 -20.48
CA ARG B 49 -5.11 10.33 -19.89
C ARG B 49 -5.06 11.44 -20.95
N GLN B 50 -4.20 11.23 -21.95
CA GLN B 50 -4.00 12.21 -23.02
C GLN B 50 -4.64 11.79 -24.33
N GLY B 51 -5.21 10.60 -24.36
CA GLY B 51 -5.80 10.10 -25.59
C GLY B 51 -4.72 9.58 -26.52
N LEU B 52 -3.79 8.82 -25.95
CA LEU B 52 -2.67 8.26 -26.70
C LEU B 52 -2.91 6.81 -26.99
N SER B 53 -2.62 6.36 -28.19
CA SER B 53 -2.84 4.95 -28.55
C SER B 53 -2.38 4.02 -27.41
N MET B 54 -1.43 4.49 -26.59
CA MET B 54 -0.87 3.74 -25.46
C MET B 54 0.30 2.90 -25.93
N ARG B 55 0.12 2.33 -27.10
CA ARG B 55 1.13 1.49 -27.72
C ARG B 55 2.01 2.32 -28.64
N GLN B 56 1.46 3.45 -29.11
CA GLN B 56 2.15 4.33 -30.02
C GLN B 56 3.11 5.26 -29.29
N ILE B 57 2.84 5.59 -28.02
CA ILE B 57 3.72 6.48 -27.29
C ILE B 57 4.99 5.75 -26.95
N ARG B 58 5.97 6.49 -26.50
CA ARG B 58 7.26 5.91 -26.16
C ARG B 58 7.59 6.23 -24.73
N PHE B 59 7.90 5.22 -23.94
CA PHE B 59 8.24 5.45 -22.54
C PHE B 59 9.71 5.18 -22.31
N ARG B 60 10.24 5.85 -21.31
CA ARG B 60 11.62 5.68 -20.92
C ARG B 60 11.76 6.02 -19.45
N PHE B 61 12.44 5.18 -18.71
CA PHE B 61 12.65 5.44 -17.31
C PHE B 61 14.00 6.14 -17.15
N ASP B 62 14.15 6.93 -16.09
CA ASP B 62 15.37 7.73 -15.88
C ASP B 62 16.67 7.00 -16.20
N GLY B 63 17.01 6.92 -17.48
CA GLY B 63 18.24 6.27 -17.89
C GLY B 63 18.01 5.02 -18.73
N GLN B 64 16.95 4.30 -18.42
CA GLN B 64 16.64 3.07 -19.14
C GLN B 64 15.28 3.13 -19.83
N PRO B 65 15.12 2.37 -20.92
CA PRO B 65 13.88 2.27 -21.68
C PRO B 65 13.01 1.19 -21.07
N ILE B 66 11.73 1.45 -20.86
CA ILE B 66 10.88 0.46 -20.23
C ILE B 66 9.88 -0.20 -21.17
N ASN B 67 10.42 -1.05 -21.98
CA ASN B 67 9.65 -1.80 -22.98
C ASN B 67 8.36 -2.36 -22.38
N GLU B 68 7.47 -1.45 -21.98
CA GLU B 68 6.16 -1.77 -21.39
C GLU B 68 6.18 -3.05 -20.56
N THR B 69 6.43 -4.16 -21.23
CA THR B 69 6.47 -5.45 -20.58
C THR B 69 7.38 -5.42 -19.35
N ASP B 70 8.33 -4.48 -19.33
CA ASP B 70 9.21 -4.31 -18.20
C ASP B 70 8.45 -3.70 -17.05
N THR B 71 8.56 -4.33 -15.89
CA THR B 71 7.91 -3.80 -14.70
C THR B 71 8.90 -2.91 -14.00
N PRO B 72 8.42 -1.85 -13.32
CA PRO B 72 9.32 -0.93 -12.65
C PRO B 72 10.39 -1.63 -11.82
N ALA B 73 9.96 -2.45 -10.86
CA ALA B 73 10.90 -3.18 -10.01
C ALA B 73 11.94 -3.91 -10.84
N GLN B 74 11.47 -4.69 -11.81
CA GLN B 74 12.35 -5.44 -12.68
C GLN B 74 13.46 -4.54 -13.20
N LEU B 75 13.10 -3.28 -13.43
CA LEU B 75 14.02 -2.29 -13.93
C LEU B 75 14.74 -1.62 -12.77
N GLU B 76 14.02 -1.51 -11.64
CA GLU B 76 14.53 -0.92 -10.39
C GLU B 76 14.06 0.50 -10.16
N MET B 77 12.76 0.74 -10.36
CA MET B 77 12.17 2.05 -10.16
C MET B 77 11.99 2.35 -8.68
N GLU B 78 11.75 3.62 -8.33
CA GLU B 78 11.53 4.00 -6.96
C GLU B 78 10.59 5.19 -6.86
N ASP B 79 9.66 5.04 -5.94
CA ASP B 79 8.61 6.03 -5.66
C ASP B 79 8.90 7.41 -6.25
N GLU B 80 7.87 8.03 -6.85
CA GLU B 80 8.00 9.35 -7.47
C GLU B 80 8.83 9.29 -8.74
N ASP B 81 9.28 8.10 -9.11
CA ASP B 81 10.06 7.92 -10.32
C ASP B 81 9.32 8.54 -11.49
N THR B 82 10.05 8.87 -12.53
CA THR B 82 9.44 9.43 -13.73
C THR B 82 9.71 8.54 -14.93
N ILE B 83 8.89 8.65 -15.95
CA ILE B 83 9.05 7.86 -17.16
C ILE B 83 8.67 8.71 -18.36
N ASP B 84 9.68 9.13 -19.11
CA ASP B 84 9.46 10.02 -20.23
C ASP B 84 8.69 9.37 -21.40
N VAL B 85 7.70 10.11 -21.87
CA VAL B 85 6.88 9.71 -23.01
C VAL B 85 7.25 10.60 -24.19
N PHE B 86 7.63 10.00 -25.30
CA PHE B 86 8.00 10.77 -26.48
C PHE B 86 7.38 10.14 -27.71
N GLN B 87 6.37 10.80 -28.23
CA GLN B 87 5.67 10.29 -29.40
C GLN B 87 5.17 11.41 -30.30
N GLN B 88 5.71 11.48 -31.51
CA GLN B 88 5.31 12.51 -32.47
C GLN B 88 3.87 12.30 -32.94
N GLN B 89 3.08 13.36 -32.91
CA GLN B 89 1.69 13.28 -33.34
C GLN B 89 1.52 13.80 -34.76
N THR B 90 0.55 13.25 -35.48
CA THR B 90 0.29 13.66 -36.85
C THR B 90 -1.15 13.34 -37.25
N THR C 1 -14.83 7.89 21.42
CA THR C 1 -14.47 6.46 21.57
C THR C 1 -15.33 5.78 22.63
N VAL C 2 -15.19 4.47 22.75
CA VAL C 2 -15.96 3.70 23.73
C VAL C 2 -15.04 2.92 24.67
N GLY C 3 -14.08 2.20 24.10
CA GLY C 3 -13.16 1.41 24.91
C GLY C 3 -12.78 0.10 24.24
N ASP C 4 -12.43 -0.88 25.07
CA ASP C 4 -12.03 -2.20 24.58
C ASP C 4 -13.13 -2.81 23.70
N GLU C 5 -12.72 -3.60 22.71
CA GLU C 5 -13.66 -4.24 21.81
C GLU C 5 -12.98 -5.35 21.01
N ILE C 6 -12.42 -6.31 21.73
CA ILE C 6 -11.73 -7.45 21.12
C ILE C 6 -12.66 -8.25 20.21
N VAL C 7 -12.10 -9.27 19.55
CA VAL C 7 -12.88 -10.12 18.66
C VAL C 7 -12.35 -11.56 18.67
N ASP C 8 -13.11 -12.48 18.06
CA ASP C 8 -12.70 -13.89 18.03
C ASP C 8 -12.86 -14.50 16.64
N LEU C 9 -11.73 -14.76 15.97
CA LEU C 9 -11.75 -15.35 14.63
C LEU C 9 -10.34 -15.39 14.00
N THR C 10 -10.11 -16.38 13.11
CA THR C 10 -8.82 -16.53 12.44
C THR C 10 -9.03 -16.77 10.94
N CYS C 11 -8.76 -15.74 10.14
CA CYS C 11 -8.93 -15.83 8.69
C CYS C 11 -7.73 -16.54 8.06
N GLU C 12 -7.80 -16.74 6.74
CA GLU C 12 -6.73 -17.41 6.01
C GLU C 12 -6.52 -16.77 4.64
N SER C 13 -5.63 -17.36 3.85
CA SER C 13 -5.35 -16.86 2.50
C SER C 13 -4.57 -15.55 2.56
N LEU C 14 -3.82 -15.27 1.50
CA LEU C 14 -3.02 -14.05 1.43
C LEU C 14 -3.77 -12.96 0.67
N GLU C 15 -3.11 -11.83 0.46
CA GLU C 15 -3.71 -10.70 -0.23
C GLU C 15 -3.13 -10.57 -1.65
N PRO C 16 -3.99 -10.39 -2.67
CA PRO C 16 -3.55 -10.26 -4.06
C PRO C 16 -2.74 -8.98 -4.28
N VAL C 17 -2.34 -8.75 -5.53
CA VAL C 17 -1.56 -7.57 -5.87
C VAL C 17 -1.97 -6.99 -7.22
N VAL C 18 -2.18 -5.68 -7.26
CA VAL C 18 -2.59 -5.02 -8.50
C VAL C 18 -2.18 -3.54 -8.48
N VAL C 19 -1.63 -3.09 -9.59
CA VAL C 19 -1.19 -1.70 -9.72
C VAL C 19 -2.26 -0.86 -10.42
N ASP C 20 -2.17 0.46 -10.27
CA ASP C 20 -3.15 1.35 -10.88
C ASP C 20 -2.55 2.72 -11.20
N LEU C 21 -3.42 3.73 -11.39
CA LEU C 21 -2.97 5.08 -11.70
C LEU C 21 -3.19 6.01 -10.51
N THR C 22 -2.77 5.56 -9.32
CA THR C 22 -2.91 6.35 -8.10
C THR C 22 -4.29 7.01 -8.02
N HIS C 23 -4.43 7.99 -7.13
CA HIS C 23 -5.70 8.69 -6.96
C HIS C 23 -5.49 10.20 -6.97
N ASN C 24 -4.49 10.66 -7.71
CA ASN C 24 -4.19 12.08 -7.81
C ASN C 24 -3.34 12.38 -9.04
N ASP C 25 -3.74 13.38 -9.81
CA ASP C 25 -3.02 13.76 -11.01
C ASP C 25 -3.14 15.26 -11.27
#